data_3K1A
#
_entry.id   3K1A
#
_cell.length_a   77.019
_cell.length_b   129.458
_cell.length_c   107.088
_cell.angle_alpha   90.00
_cell.angle_beta   109.01
_cell.angle_gamma   90.00
#
_symmetry.space_group_name_H-M   'P 1 21 1'
#
loop_
_entity.id
_entity.type
_entity.pdbx_description
1 polymer 'Nitrogenase molybdenum-iron protein alpha chain'
2 polymer 'Nitrogenase molybdenum-iron protein beta chain'
3 non-polymer '3-HYDROXY-3-CARBOXY-ADIPIC ACID'
4 non-polymer 'FE(7)-MO-S(9)-N CLUSTER'
5 non-polymer 'FE(8)-S(7) CLUSTER'
6 non-polymer 'CALCIUM ION'
7 water water
#
loop_
_entity_poly.entity_id
_entity_poly.type
_entity_poly.pdbx_seq_one_letter_code
_entity_poly.pdbx_strand_id
1 'polypeptide(L)'
;TGMSREEVESLIQEVLEVYPEKARKDRNKHLAVNDPAVTQSKKCIISNKKSQPGLMTIRGCAYAGSKGIVWGPIKDMIHI
SHGPVGCGQYSRAGRRNYYIGTTGVNAFVTMNFTSDFQEKDIVFGGDKKLAKLIDEVETLFPLNKGISVQSECPIGLIGD
DIESVSKVKGAELSKTIVPVRCEGFRGVSQSLGHHIANDAVRDWVLGKRDEDTTFASTPYDVAIIGDYNIGGDAWSSRIL
LEEMGLRCVAQWSGDGSISEIELTPKVKLNLVHCYRSMNYISRHMEEKYGIPWMEYNFFGPTKTIESLRAIAAKFDESIQ
KKCEEVIAKYKPEWEAVVAKYRPRLEGKRVMLYIGGLRPRHVIGAYEDLGMEVVGTGYEFAHNDDYDRTMKEMGDSTLLY
DDVTGYEFEEFVKRIKPDLIGSGIKEKFIFQKMGIPFREMHSWDYSGPYHGFDGFAIFARDMDMTLNNPCWKKLQAPWEA
SEGAEKVAASA
;
A,C
2 'polypeptide(L)'
;SQQVDKIKASYPLFLDQDYKDMLAKKRDGFEEKYPQDKIDEVFQWTTTKEYQELNFQREALTVNPAKACQPLGAVLCALG
FEKTMPYVHGSQGCVAYFRSYFNRHFREPVSCVSDSMTEDAAVFGGQQNMKDGLQNCKATYKPDMIAVSTTCMAEVIGDD
LNAFINNSKKEGFIPDEFPVPFAHTPSFVGSHVTGWDNMFEGIARYFTLKSMDDKVVGSNKKINIVPGFETYLGNFRVIK
RMLSEMGVGYSLLSDPEEVLDTPADGQFRMYAGGTTQEEMKDAPNALNTVLLQPWHLEKTKKFVEGTWKHEVPKLNIPMG
LDWTDEFLMKVSEISGQPIPASLTKERGRLVDMMTDSHTWLHGKRFALWGDPDFVMGLVKFLLELGCEPVHILCHNGNKR
WKKAVDAILAASPYGKNATVYIGKDLWHLRSLVFTDKPDFMIGNSYGKFIQRDTLHKGKEFEVPLIRIGFPIFDRHHLHR
STTLGYEGAMQILTTLVNSILERLDEETRGMQATDYNHDLVR
;
B,D
#
# COMPACT_ATOMS: atom_id res chain seq x y z
N SER A 4 1.62 39.82 -32.11
CA SER A 4 3.07 39.61 -31.83
C SER A 4 3.95 40.71 -32.45
N ARG A 5 5.26 40.47 -32.42
CA ARG A 5 6.22 41.41 -31.85
C ARG A 5 5.51 42.19 -30.74
N GLU A 6 5.86 43.47 -30.61
CA GLU A 6 4.87 44.55 -30.68
C GLU A 6 3.69 44.41 -29.72
N GLU A 7 2.95 43.31 -29.82
CA GLU A 7 2.13 42.83 -28.69
C GLU A 7 3.04 42.46 -27.50
N VAL A 8 4.18 41.84 -27.80
CA VAL A 8 5.15 41.36 -26.79
C VAL A 8 5.74 42.50 -25.97
N GLU A 9 6.11 43.58 -26.63
CA GLU A 9 6.64 44.76 -25.94
C GLU A 9 5.55 45.45 -25.13
N SER A 10 4.31 45.39 -25.61
CA SER A 10 3.14 45.86 -24.85
C SER A 10 2.90 44.98 -23.64
N LEU A 11 3.07 43.67 -23.82
CA LEU A 11 2.95 42.71 -22.72
C LEU A 11 3.99 42.99 -21.63
N ILE A 12 5.23 43.21 -22.06
CA ILE A 12 6.35 43.46 -21.16
C ILE A 12 6.11 44.69 -20.28
N GLN A 13 5.76 45.82 -20.89
CA GLN A 13 5.55 47.07 -20.16
C GLN A 13 4.35 46.99 -19.20
N GLU A 14 3.31 46.26 -19.60
CA GLU A 14 2.12 46.06 -18.76
C GLU A 14 2.47 45.29 -17.49
N VAL A 15 3.25 44.24 -17.66
CA VAL A 15 3.69 43.39 -16.55
C VAL A 15 4.63 44.16 -15.60
N LEU A 16 5.53 44.95 -16.15
CA LEU A 16 6.48 45.75 -15.35
C LEU A 16 5.81 46.83 -14.47
N GLU A 17 4.59 47.22 -14.80
CA GLU A 17 3.90 48.32 -14.12
C GLU A 17 3.50 48.04 -12.67
N VAL A 18 3.54 46.78 -12.26
CA VAL A 18 3.21 46.40 -10.89
C VAL A 18 4.37 46.73 -9.93
N TYR A 19 5.59 46.77 -10.46
CA TYR A 19 6.79 46.97 -9.63
C TYR A 19 6.97 48.41 -9.16
N PRO A 20 7.66 48.59 -8.02
CA PRO A 20 8.29 49.89 -7.76
C PRO A 20 9.35 50.19 -8.82
N GLU A 21 9.78 51.45 -8.88
CA GLU A 21 10.57 51.95 -9.99
C GLU A 21 11.99 51.37 -10.07
N LYS A 22 12.62 51.14 -8.92
CA LYS A 22 13.96 50.56 -8.89
C LYS A 22 13.98 49.19 -9.59
N ALA A 23 13.05 48.34 -9.17
CA ALA A 23 12.90 47.00 -9.75
C ALA A 23 12.38 47.06 -11.19
N ARG A 24 11.42 47.95 -11.43
CA ARG A 24 10.85 48.14 -12.77
C ARG A 24 11.92 48.51 -13.80
N LYS A 25 12.79 49.42 -13.40
CA LYS A 25 13.89 49.88 -14.26
C LYS A 25 14.92 48.76 -14.50
N ASP A 26 15.14 47.91 -13.51
CA ASP A 26 16.08 46.81 -13.60
C ASP A 26 15.52 45.66 -14.43
N ARG A 27 14.31 45.22 -14.06
CA ARG A 27 13.66 44.09 -14.74
C ARG A 27 13.43 44.36 -16.23
N ASN A 28 13.13 45.61 -16.56
CA ASN A 28 13.04 46.06 -17.96
C ASN A 28 14.27 45.67 -18.79
N LYS A 29 15.44 45.77 -18.18
CA LYS A 29 16.70 45.42 -18.84
C LYS A 29 16.88 43.91 -19.10
N HIS A 30 16.15 43.10 -18.33
CA HIS A 30 16.29 41.64 -18.39
C HIS A 30 15.20 40.94 -19.20
N LEU A 31 14.32 41.74 -19.81
CA LEU A 31 13.27 41.24 -20.69
C LEU A 31 13.50 41.80 -22.10
N ALA A 32 13.39 40.94 -23.10
CA ALA A 32 13.66 41.33 -24.49
C ALA A 32 12.89 40.53 -25.52
N VAL A 33 12.72 41.11 -26.70
CA VAL A 33 12.07 40.47 -27.83
C VAL A 33 13.13 40.20 -28.91
N ASN A 34 13.17 38.97 -29.39
CA ASN A 34 14.25 38.51 -30.26
C ASN A 34 14.15 39.12 -31.67
N CYS A 44 20.44 44.00 -26.60
CA CYS A 44 19.01 44.04 -26.30
C CYS A 44 18.62 43.50 -24.90
N ILE A 45 19.53 42.78 -24.25
CA ILE A 45 19.26 42.19 -22.94
C ILE A 45 20.55 42.06 -22.11
N ILE A 46 20.47 42.35 -20.82
CA ILE A 46 21.57 42.08 -19.89
C ILE A 46 21.25 40.88 -19.02
N SER A 47 22.30 40.34 -18.41
CA SER A 47 22.19 39.13 -17.60
C SER A 47 23.37 39.05 -16.63
N ASN A 48 23.34 38.02 -15.78
CA ASN A 48 24.39 37.77 -14.80
C ASN A 48 24.56 38.94 -13.82
N LYS A 49 23.44 39.61 -13.53
CA LYS A 49 23.40 40.71 -12.56
C LYS A 49 22.65 40.24 -11.33
N LYS A 50 22.85 40.91 -10.20
CA LYS A 50 22.24 40.49 -8.93
C LYS A 50 20.71 40.55 -9.01
N SER A 51 20.05 39.68 -8.24
CA SER A 51 18.58 39.62 -8.23
C SER A 51 17.96 40.72 -7.37
N GLN A 52 16.87 41.30 -7.87
CA GLN A 52 16.09 42.29 -7.13
C GLN A 52 15.42 41.62 -5.93
N PRO A 53 15.59 42.17 -4.72
CA PRO A 53 15.03 41.53 -3.53
C PRO A 53 13.50 41.40 -3.55
N GLY A 54 13.02 40.24 -3.09
CA GLY A 54 11.60 40.03 -2.83
C GLY A 54 10.73 39.71 -4.03
N LEU A 55 11.35 39.44 -5.18
CA LEU A 55 10.60 39.23 -6.42
C LEU A 55 10.43 37.74 -6.78
N MET A 56 10.90 36.87 -5.91
CA MET A 56 10.72 35.41 -6.04
C MET A 56 11.44 34.88 -7.29
N THR A 57 12.73 35.13 -7.34
CA THR A 57 13.59 34.52 -8.35
C THR A 57 13.57 33.01 -8.20
N ILE A 58 13.84 32.32 -9.30
CA ILE A 58 13.89 30.86 -9.34
C ILE A 58 15.34 30.38 -9.10
N ARG A 59 16.26 31.35 -9.06
CA ARG A 59 17.70 31.10 -8.87
C ARG A 59 18.14 30.44 -7.56
N GLY A 60 19.21 29.66 -7.67
CA GLY A 60 19.90 29.08 -6.52
C GLY A 60 21.18 29.82 -6.17
N CYS A 61 22.10 29.15 -5.49
CA CYS A 61 23.35 29.77 -5.02
C CYS A 61 24.59 29.09 -5.57
N ALA A 62 25.74 29.68 -5.26
CA ALA A 62 27.05 29.16 -5.68
C ALA A 62 27.32 27.74 -5.16
N TYR A 63 26.82 27.43 -3.97
CA TYR A 63 26.92 26.08 -3.41
C TYR A 63 26.17 25.07 -4.30
N ALA A 64 24.97 25.45 -4.70
CA ALA A 64 24.17 24.62 -5.62
C ALA A 64 24.98 24.35 -6.88
N GLY A 65 25.66 25.39 -7.37
CA GLY A 65 26.47 25.28 -8.58
C GLY A 65 27.71 24.41 -8.44
N SER A 66 28.40 24.54 -7.31
CA SER A 66 29.64 23.81 -7.08
C SER A 66 29.37 22.37 -6.63
N LYS A 67 28.60 22.23 -5.56
CA LYS A 67 28.32 20.91 -5.00
C LYS A 67 27.20 20.20 -5.76
N GLY A 68 26.10 20.89 -5.97
CA GLY A 68 24.92 20.29 -6.58
C GLY A 68 25.15 19.89 -8.02
N ILE A 69 25.94 20.68 -8.74
CA ILE A 69 26.09 20.54 -10.18
C ILE A 69 27.45 19.96 -10.58
N VAL A 70 28.53 20.65 -10.28
CA VAL A 70 29.86 20.24 -10.77
C VAL A 70 30.49 19.08 -9.98
N TRP A 71 30.64 19.24 -8.67
CA TRP A 71 31.37 18.24 -7.85
C TRP A 71 30.53 17.03 -7.44
N GLY A 72 29.29 17.26 -7.02
CA GLY A 72 28.40 16.19 -6.53
C GLY A 72 28.34 14.89 -7.32
N PRO A 73 28.23 14.98 -8.66
CA PRO A 73 28.22 13.79 -9.53
C PRO A 73 29.47 12.91 -9.48
N ILE A 74 30.61 13.49 -9.13
CA ILE A 74 31.87 12.72 -9.06
C ILE A 74 31.70 11.62 -8.02
N LYS A 75 31.68 10.37 -8.50
CA LYS A 75 31.13 9.25 -7.74
C LYS A 75 32.06 8.60 -6.72
N ASP A 76 33.36 8.50 -7.01
CA ASP A 76 34.28 7.82 -6.09
C ASP A 76 34.91 8.77 -5.05
N MET A 77 34.52 10.04 -5.10
CA MET A 77 34.92 11.01 -4.09
C MET A 77 33.80 11.22 -3.08
N ILE A 78 34.18 11.61 -1.86
CA ILE A 78 33.23 12.01 -0.83
C ILE A 78 33.21 13.52 -0.75
N HIS A 79 32.02 14.11 -0.91
CA HIS A 79 31.87 15.55 -0.92
C HIS A 79 31.22 16.01 0.39
N ILE A 80 31.91 16.87 1.12
CA ILE A 80 31.44 17.34 2.43
C ILE A 80 30.71 18.68 2.33
N SER A 81 29.42 18.66 2.65
CA SER A 81 28.66 19.88 2.83
C SER A 81 29.04 20.51 4.17
N HIS A 82 29.91 21.52 4.09
CA HIS A 82 30.57 22.07 5.26
C HIS A 82 29.85 23.33 5.72
N GLY A 83 29.21 23.23 6.88
CA GLY A 83 28.32 24.26 7.38
C GLY A 83 27.15 23.61 8.09
N PRO A 84 26.02 24.33 8.26
CA PRO A 84 24.84 23.74 8.89
C PRO A 84 24.12 22.71 8.02
N VAL A 85 23.07 22.11 8.58
CA VAL A 85 22.47 20.88 8.05
C VAL A 85 21.59 21.05 6.79
N GLY A 86 21.11 22.27 6.53
CA GLY A 86 20.13 22.50 5.46
C GLY A 86 20.58 22.19 4.05
N CYS A 87 21.57 22.93 3.57
CA CYS A 87 22.00 22.86 2.15
C CYS A 87 22.25 21.44 1.68
N GLY A 88 22.97 20.68 2.50
CA GLY A 88 23.28 19.28 2.20
C GLY A 88 22.04 18.39 2.16
N GLN A 89 21.08 18.68 3.03
CA GLN A 89 19.86 17.87 3.11
C GLN A 89 18.93 18.15 1.92
N TYR A 90 18.69 19.43 1.63
CA TYR A 90 17.80 19.80 0.53
C TYR A 90 18.37 19.41 -0.84
N SER A 91 19.69 19.33 -0.93
CA SER A 91 20.35 18.93 -2.17
C SER A 91 20.67 17.43 -2.24
N ARG A 92 20.25 16.66 -1.23
CA ARG A 92 20.51 15.21 -1.27
C ARG A 92 19.62 14.51 -2.31
N ALA A 93 20.29 13.97 -3.35
CA ALA A 93 19.67 13.17 -4.39
C ALA A 93 18.56 13.90 -5.15
N GLY A 94 18.64 15.22 -5.17
CA GLY A 94 17.66 16.06 -5.85
C GLY A 94 17.90 16.07 -7.35
N ARG A 95 19.17 16.11 -7.73
CA ARG A 95 19.55 16.02 -9.13
C ARG A 95 19.90 14.59 -9.52
N ARG A 96 19.41 14.17 -10.68
CA ARG A 96 19.56 12.80 -11.16
C ARG A 96 20.83 12.58 -11.99
N ASN A 97 21.96 13.00 -11.46
CA ASN A 97 23.25 12.75 -12.08
C ASN A 97 23.65 11.28 -11.90
N TYR A 98 23.31 10.47 -12.90
CA TYR A 98 23.40 9.01 -12.79
C TYR A 98 24.82 8.48 -12.82
N TYR A 99 25.01 7.37 -12.12
CA TYR A 99 26.31 6.72 -12.01
C TYR A 99 26.15 5.24 -11.72
N ILE A 100 27.23 4.49 -12.00
CA ILE A 100 27.32 3.08 -11.66
C ILE A 100 28.28 2.92 -10.47
N GLY A 101 27.82 2.26 -9.43
CA GLY A 101 28.64 2.06 -8.25
C GLY A 101 27.96 1.29 -7.14
N THR A 102 28.73 1.06 -6.07
CA THR A 102 28.23 0.42 -4.86
C THR A 102 28.21 1.49 -3.78
N THR A 103 27.04 2.12 -3.61
CA THR A 103 26.92 3.33 -2.80
C THR A 103 27.19 3.05 -1.34
N GLY A 104 28.02 3.90 -0.74
CA GLY A 104 28.46 3.72 0.65
C GLY A 104 29.76 2.96 0.80
N VAL A 105 30.17 2.26 -0.26
CA VAL A 105 31.39 1.46 -0.25
C VAL A 105 32.46 2.08 -1.16
N ASN A 106 32.20 2.13 -2.47
CA ASN A 106 33.12 2.78 -3.42
C ASN A 106 32.52 3.97 -4.17
N ALA A 107 31.20 4.18 -4.02
CA ALA A 107 30.51 5.32 -4.60
C ALA A 107 29.67 6.00 -3.52
N PHE A 108 29.45 7.30 -3.65
CA PHE A 108 28.85 8.09 -2.56
C PHE A 108 27.87 9.20 -3.00
N VAL A 109 27.46 9.19 -4.27
CA VAL A 109 26.79 10.34 -4.87
C VAL A 109 25.46 10.70 -4.20
N THR A 110 24.65 9.68 -3.92
CA THR A 110 23.33 9.92 -3.34
C THR A 110 23.37 10.19 -1.83
N MET A 111 24.55 10.12 -1.23
CA MET A 111 24.70 10.30 0.23
C MET A 111 24.91 11.76 0.60
N ASN A 112 24.61 12.09 1.86
CA ASN A 112 24.83 13.42 2.41
C ASN A 112 25.84 13.41 3.56
N PHE A 113 27.06 13.83 3.25
CA PHE A 113 28.10 14.03 4.27
C PHE A 113 28.10 15.49 4.67
N THR A 114 28.14 15.75 5.97
CA THR A 114 28.03 17.11 6.47
C THR A 114 28.70 17.30 7.84
N SER A 115 29.21 18.50 8.06
CA SER A 115 29.79 18.90 9.34
C SER A 115 28.74 19.42 10.33
N ASP A 116 27.48 19.49 9.88
CA ASP A 116 26.33 19.77 10.76
C ASP A 116 26.68 20.83 11.81
N PHE A 117 27.03 22.01 11.34
CA PHE A 117 27.45 23.11 12.20
C PHE A 117 26.46 23.43 13.31
N GLN A 118 26.97 23.45 14.54
CA GLN A 118 26.23 23.95 15.68
C GLN A 118 26.83 25.30 16.06
N GLU A 119 26.23 25.98 17.02
CA GLU A 119 26.66 27.33 17.38
C GLU A 119 28.08 27.38 17.93
N LYS A 120 28.52 26.32 18.60
CA LYS A 120 29.92 26.23 19.05
C LYS A 120 30.88 26.34 17.87
N ASP A 121 30.49 25.77 16.73
CA ASP A 121 31.29 25.84 15.50
C ASP A 121 31.27 27.24 14.89
N ILE A 122 30.14 27.94 15.04
CA ILE A 122 30.04 29.32 14.56
C ILE A 122 30.93 30.25 15.36
N VAL A 123 30.95 30.08 16.68
CA VAL A 123 31.73 30.93 17.58
C VAL A 123 33.22 30.58 17.55
N PHE A 124 33.55 29.32 17.81
CA PHE A 124 34.96 28.86 17.84
C PHE A 124 35.58 28.68 16.45
N GLY A 125 34.77 28.34 15.47
CA GLY A 125 35.26 27.95 14.15
C GLY A 125 35.10 26.45 13.91
N GLY A 126 35.15 26.05 12.64
CA GLY A 126 34.92 24.64 12.27
C GLY A 126 36.12 23.87 11.74
N ASP A 127 37.30 24.48 11.78
CA ASP A 127 38.51 23.88 11.19
C ASP A 127 38.99 22.64 11.95
N LYS A 128 38.96 22.68 13.28
CA LYS A 128 39.26 21.50 14.09
C LYS A 128 38.20 20.41 13.90
N LYS A 129 36.96 20.82 13.66
CA LYS A 129 35.88 19.86 13.37
C LYS A 129 36.08 19.18 12.01
N LEU A 130 36.48 19.97 11.01
CA LEU A 130 36.72 19.47 9.65
C LEU A 130 37.81 18.41 9.63
N ALA A 131 38.88 18.66 10.38
CA ALA A 131 40.02 17.73 10.48
C ALA A 131 39.59 16.41 11.09
N LYS A 132 38.82 16.49 12.17
CA LYS A 132 38.28 15.29 12.84
C LYS A 132 37.33 14.52 11.93
N LEU A 133 36.53 15.25 11.15
CA LEU A 133 35.56 14.58 10.27
C LEU A 133 36.26 13.92 9.08
N ILE A 134 37.37 14.50 8.61
CA ILE A 134 38.20 13.87 7.58
C ILE A 134 38.75 12.51 8.04
N ASP A 135 39.24 12.46 9.28
CA ASP A 135 39.69 11.20 9.89
C ASP A 135 38.56 10.18 9.98
N GLU A 136 37.38 10.65 10.40
CA GLU A 136 36.22 9.79 10.54
C GLU A 136 35.76 9.23 9.20
N VAL A 137 35.87 10.05 8.15
CA VAL A 137 35.58 9.61 6.79
C VAL A 137 36.54 8.50 6.35
N GLU A 138 37.82 8.67 6.60
CA GLU A 138 38.83 7.68 6.21
C GLU A 138 38.59 6.33 6.88
N THR A 139 38.21 6.36 8.16
CA THR A 139 38.00 5.13 8.93
C THR A 139 36.76 4.37 8.47
N LEU A 140 35.70 5.10 8.16
CA LEU A 140 34.40 4.51 7.83
C LEU A 140 34.16 4.34 6.33
N PHE A 141 34.94 5.03 5.51
CA PHE A 141 34.81 4.95 4.06
C PHE A 141 36.19 4.82 3.41
N PRO A 142 36.91 3.73 3.72
CA PRO A 142 38.29 3.53 3.25
C PRO A 142 38.47 3.63 1.74
N LEU A 143 37.48 3.12 0.99
CA LEU A 143 37.60 3.01 -0.47
C LEU A 143 37.37 4.33 -1.23
N ASN A 144 37.10 5.41 -0.51
CA ASN A 144 37.02 6.74 -1.12
C ASN A 144 38.38 7.11 -1.71
N LYS A 145 38.33 7.76 -2.88
CA LYS A 145 39.53 8.07 -3.68
C LYS A 145 39.87 9.56 -3.60
N GLY A 146 39.29 10.25 -2.62
CA GLY A 146 39.46 11.68 -2.49
C GLY A 146 38.25 12.35 -1.85
N ILE A 147 38.51 13.53 -1.30
CA ILE A 147 37.49 14.30 -0.59
C ILE A 147 37.42 15.72 -1.15
N SER A 148 36.21 16.26 -1.25
CA SER A 148 36.04 17.69 -1.47
C SER A 148 35.28 18.28 -0.29
N VAL A 149 35.60 19.53 0.04
CA VAL A 149 34.88 20.26 1.09
C VAL A 149 34.17 21.45 0.45
N GLN A 150 32.85 21.34 0.39
CA GLN A 150 31.98 22.34 -0.24
C GLN A 150 31.50 23.31 0.83
N SER A 151 32.04 24.52 0.79
CA SER A 151 31.71 25.54 1.78
C SER A 151 30.27 26.04 1.62
N GLU A 152 29.56 26.12 2.73
CA GLU A 152 28.25 26.77 2.81
C GLU A 152 28.43 28.17 3.38
N CYS A 153 27.37 28.97 3.29
CA CYS A 153 27.41 30.40 3.65
C CYS A 153 28.33 30.81 4.82
N PRO A 154 28.19 30.16 6.00
CA PRO A 154 28.94 30.66 7.17
C PRO A 154 30.46 30.46 7.16
N ILE A 155 30.97 29.54 6.34
CA ILE A 155 32.39 29.15 6.38
C ILE A 155 33.33 30.34 6.15
N GLY A 156 33.02 31.17 5.16
CA GLY A 156 33.82 32.36 4.84
C GLY A 156 33.56 33.56 5.75
N LEU A 157 32.30 33.75 6.12
CA LEU A 157 31.89 34.80 7.04
C LEU A 157 32.55 34.61 8.41
N ILE A 158 32.70 33.36 8.81
CA ILE A 158 33.25 32.97 10.11
C ILE A 158 34.79 33.12 10.17
N GLY A 159 35.43 33.22 9.01
CA GLY A 159 36.88 33.36 8.93
C GLY A 159 37.64 32.05 9.02
N ASP A 160 37.00 30.95 8.63
CA ASP A 160 37.66 29.64 8.61
C ASP A 160 38.60 29.55 7.41
N ASP A 161 39.65 28.74 7.55
CA ASP A 161 40.58 28.49 6.45
C ASP A 161 40.59 27.00 6.11
N ILE A 162 39.63 26.58 5.28
CA ILE A 162 39.53 25.19 4.85
C ILE A 162 40.74 24.75 4.01
N GLU A 163 41.40 25.71 3.37
CA GLU A 163 42.61 25.47 2.58
C GLU A 163 43.75 24.85 3.40
N SER A 164 44.06 25.49 4.52
CA SER A 164 45.11 24.99 5.43
C SER A 164 44.80 23.58 5.90
N VAL A 165 43.54 23.36 6.28
CA VAL A 165 43.09 22.06 6.75
C VAL A 165 43.21 21.00 5.64
N SER A 166 42.85 21.38 4.41
CA SER A 166 42.96 20.49 3.27
C SER A 166 44.41 20.11 2.93
N LYS A 167 45.30 21.12 2.96
CA LYS A 167 46.72 20.91 2.68
C LYS A 167 47.37 20.00 3.71
N VAL A 168 47.14 20.33 4.98
CA VAL A 168 47.69 19.58 6.10
C VAL A 168 47.18 18.14 6.14
N LYS A 169 45.86 17.98 6.13
CA LYS A 169 45.23 16.66 6.21
C LYS A 169 45.52 15.83 4.95
N GLY A 170 45.50 16.48 3.79
CA GLY A 170 45.86 15.83 2.52
C GLY A 170 47.28 15.29 2.54
N ALA A 171 48.21 16.08 3.08
CA ALA A 171 49.62 15.68 3.17
C ALA A 171 49.83 14.56 4.19
N GLU A 172 49.11 14.65 5.30
CA GLU A 172 49.16 13.63 6.35
C GLU A 172 48.65 12.27 5.86
N LEU A 173 47.53 12.28 5.16
CA LEU A 173 46.85 11.05 4.74
C LEU A 173 47.17 10.64 3.30
N SER A 174 48.04 11.38 2.63
CA SER A 174 48.34 11.17 1.22
C SER A 174 47.06 11.11 0.36
N LYS A 175 46.10 11.96 0.71
CA LYS A 175 44.79 12.01 0.05
C LYS A 175 44.58 13.33 -0.65
N THR A 176 43.84 13.29 -1.76
CA THR A 176 43.43 14.50 -2.43
C THR A 176 42.26 15.07 -1.65
N ILE A 177 42.47 16.23 -1.04
CA ILE A 177 41.42 16.96 -0.33
C ILE A 177 41.28 18.32 -0.98
N VAL A 178 40.09 18.57 -1.52
CA VAL A 178 39.83 19.76 -2.33
C VAL A 178 38.97 20.77 -1.58
N PRO A 179 39.57 21.90 -1.16
CA PRO A 179 38.81 22.99 -0.56
C PRO A 179 38.13 23.85 -1.63
N VAL A 180 36.83 24.05 -1.47
CA VAL A 180 36.01 24.80 -2.42
C VAL A 180 35.25 25.91 -1.70
N ARG A 181 35.60 27.16 -2.02
CA ARG A 181 34.99 28.33 -1.40
C ARG A 181 33.74 28.74 -2.17
N CYS A 182 32.73 27.88 -2.12
CA CYS A 182 31.53 28.03 -2.93
C CYS A 182 30.34 28.55 -2.11
N GLU A 183 30.63 29.32 -1.07
CA GLU A 183 29.60 29.87 -0.19
C GLU A 183 28.48 30.55 -0.98
N GLY A 184 27.24 30.33 -0.55
CA GLY A 184 26.06 30.83 -1.25
C GLY A 184 25.95 32.34 -1.42
N PHE A 185 26.56 33.11 -0.54
CA PHE A 185 26.55 34.57 -0.66
C PHE A 185 27.41 35.09 -1.81
N ARG A 186 28.35 34.27 -2.27
CA ARG A 186 29.23 34.62 -3.38
C ARG A 186 28.47 34.58 -4.71
N GLY A 187 28.82 35.51 -5.60
CA GLY A 187 28.17 35.61 -6.90
C GLY A 187 26.73 36.07 -6.81
N VAL A 188 25.95 35.74 -7.84
CA VAL A 188 24.54 36.12 -7.91
C VAL A 188 23.60 34.93 -8.21
N SER A 189 24.17 33.73 -8.29
CA SER A 189 23.43 32.55 -8.76
C SER A 189 24.30 31.30 -8.67
N GLN A 190 23.79 30.19 -9.19
CA GLN A 190 24.57 28.95 -9.36
C GLN A 190 25.84 29.16 -10.20
N SER A 191 25.84 30.19 -11.03
CA SER A 191 26.88 30.35 -12.05
C SER A 191 28.30 30.53 -11.53
N LEU A 192 28.47 31.38 -10.52
CA LEU A 192 29.80 31.59 -9.92
C LEU A 192 30.32 30.30 -9.26
N GLY A 193 29.40 29.49 -8.75
CA GLY A 193 29.73 28.16 -8.21
C GLY A 193 30.42 27.26 -9.23
N HIS A 194 29.92 27.25 -10.46
CA HIS A 194 30.59 26.54 -11.55
C HIS A 194 32.04 26.99 -11.70
N HIS A 195 32.21 28.30 -11.83
CA HIS A 195 33.52 28.93 -12.01
C HIS A 195 34.47 28.55 -10.87
N ILE A 196 34.02 28.80 -9.65
CA ILE A 196 34.75 28.44 -8.43
C ILE A 196 35.11 26.94 -8.44
N ALA A 197 34.14 26.12 -8.80
CA ALA A 197 34.33 24.66 -8.88
C ALA A 197 35.31 24.24 -9.99
N ASN A 198 35.24 24.91 -11.13
CA ASN A 198 36.19 24.67 -12.23
C ASN A 198 37.63 24.97 -11.82
N ASP A 199 37.80 26.11 -11.16
CA ASP A 199 39.11 26.52 -10.65
C ASP A 199 39.60 25.60 -9.53
N ALA A 200 38.64 25.02 -8.79
CA ALA A 200 38.95 24.06 -7.74
C ALA A 200 39.54 22.78 -8.33
N VAL A 201 38.95 22.29 -9.41
CA VAL A 201 39.47 21.14 -10.16
C VAL A 201 40.86 21.44 -10.72
N ARG A 202 41.00 22.65 -11.26
CA ARG A 202 42.25 23.11 -11.86
C ARG A 202 43.40 23.13 -10.84
N ASP A 203 43.15 23.71 -9.67
CA ASP A 203 44.18 23.92 -8.66
C ASP A 203 44.55 22.66 -7.86
N TRP A 204 43.59 21.76 -7.67
CA TRP A 204 43.76 20.65 -6.71
C TRP A 204 43.69 19.23 -7.27
N VAL A 205 43.23 19.08 -8.51
CA VAL A 205 42.98 17.74 -9.09
C VAL A 205 43.62 17.55 -10.47
N LEU A 206 43.32 18.48 -11.38
CA LEU A 206 43.59 18.31 -12.81
C LEU A 206 45.07 18.16 -13.18
N GLY A 207 45.96 18.77 -12.39
CA GLY A 207 47.40 18.75 -12.67
C GLY A 207 48.19 17.62 -12.01
N LYS A 208 47.52 16.65 -11.41
CA LYS A 208 48.19 15.59 -10.67
C LYS A 208 49.04 14.69 -11.57
N ARG A 209 48.55 14.42 -12.77
CA ARG A 209 49.23 13.52 -13.70
C ARG A 209 49.93 14.28 -14.82
N ASP A 210 50.25 15.56 -14.58
CA ASP A 210 51.01 16.37 -15.53
C ASP A 210 52.30 15.67 -15.95
N GLU A 211 52.98 15.11 -14.96
CA GLU A 211 54.26 14.44 -15.16
C GLU A 211 54.12 13.00 -15.67
N ASP A 212 52.97 12.40 -15.38
CA ASP A 212 52.73 10.98 -15.63
C ASP A 212 52.44 10.73 -17.11
N THR A 213 53.28 9.90 -17.73
CA THR A 213 53.15 9.58 -19.15
C THR A 213 52.87 8.09 -19.39
N THR A 214 52.47 7.39 -18.32
CA THR A 214 52.20 5.95 -18.39
C THR A 214 50.92 5.62 -19.18
N PHE A 215 49.98 6.56 -19.20
CA PHE A 215 48.73 6.38 -19.97
C PHE A 215 49.02 6.37 -21.46
N ALA A 216 48.71 5.26 -22.11
CA ALA A 216 48.91 5.11 -23.55
C ALA A 216 47.77 5.81 -24.29
N SER A 217 48.09 6.91 -24.96
CA SER A 217 47.12 7.68 -25.72
C SER A 217 46.94 7.14 -27.15
N THR A 218 45.77 7.39 -27.70
CA THR A 218 45.47 7.09 -29.11
C THR A 218 45.02 8.40 -29.78
N PRO A 219 45.11 8.48 -31.13
CA PRO A 219 44.69 9.69 -31.84
C PRO A 219 43.20 10.02 -31.73
N TYR A 220 42.40 9.08 -31.22
CA TYR A 220 40.95 9.22 -31.15
C TYR A 220 40.44 9.44 -29.72
N ASP A 221 41.31 9.92 -28.83
CA ASP A 221 40.96 10.17 -27.44
C ASP A 221 40.19 11.47 -27.29
N VAL A 222 39.14 11.41 -26.48
CA VAL A 222 38.20 12.52 -26.37
C VAL A 222 37.67 12.59 -24.94
N ALA A 223 37.09 13.73 -24.59
CA ALA A 223 36.47 13.90 -23.27
C ALA A 223 35.13 14.61 -23.41
N ILE A 224 34.11 14.06 -22.76
CA ILE A 224 32.80 14.69 -22.71
C ILE A 224 32.80 15.65 -21.53
N ILE A 225 32.83 16.95 -21.83
CA ILE A 225 32.93 18.00 -20.82
C ILE A 225 31.56 18.65 -20.63
N GLY A 226 31.08 18.63 -19.39
CA GLY A 226 29.80 19.26 -19.05
C GLY A 226 28.58 18.47 -19.43
N ASP A 227 28.64 17.15 -19.26
CA ASP A 227 27.46 16.29 -19.30
C ASP A 227 27.36 15.60 -17.94
N TYR A 228 26.26 15.89 -17.25
CA TYR A 228 26.06 15.44 -15.87
C TYR A 228 25.19 14.20 -15.78
N ASN A 229 24.97 13.58 -16.95
CA ASN A 229 24.35 12.27 -17.07
C ASN A 229 22.97 12.18 -16.42
N ILE A 230 22.16 13.19 -16.69
CA ILE A 230 20.84 13.30 -16.07
C ILE A 230 19.90 12.26 -16.68
N GLY A 231 19.56 11.25 -15.89
CA GLY A 231 18.77 10.12 -16.37
C GLY A 231 19.50 9.24 -17.38
N GLY A 232 20.83 9.33 -17.40
CA GLY A 232 21.66 8.54 -18.33
C GLY A 232 22.09 9.27 -19.60
N ASP A 233 21.75 10.55 -19.70
CA ASP A 233 22.10 11.40 -20.84
C ASP A 233 23.51 11.21 -21.38
N ALA A 234 24.48 11.10 -20.48
CA ALA A 234 25.88 10.99 -20.85
C ALA A 234 26.17 9.63 -21.47
N TRP A 235 25.53 8.59 -20.94
CA TRP A 235 25.68 7.24 -21.47
C TRP A 235 25.09 7.11 -22.86
N SER A 236 23.98 7.81 -23.08
CA SER A 236 23.33 7.91 -24.39
C SER A 236 24.19 8.64 -25.42
N SER A 237 25.05 9.53 -24.93
CA SER A 237 25.98 10.27 -25.78
C SER A 237 27.26 9.46 -26.03
N ARG A 238 27.85 8.93 -24.96
CA ARG A 238 29.10 8.17 -25.06
C ARG A 238 29.01 7.04 -26.09
N ILE A 239 27.89 6.33 -26.10
CA ILE A 239 27.69 5.18 -26.99
C ILE A 239 27.86 5.56 -28.46
N LEU A 240 27.38 6.75 -28.82
CA LEU A 240 27.45 7.23 -30.20
C LEU A 240 28.88 7.62 -30.60
N LEU A 241 29.56 8.31 -29.69
CA LEU A 241 30.93 8.75 -29.93
C LEU A 241 31.86 7.55 -30.09
N GLU A 242 31.65 6.53 -29.26
CA GLU A 242 32.48 5.32 -29.29
C GLU A 242 32.14 4.40 -30.47
N GLU A 243 30.88 4.37 -30.89
CA GLU A 243 30.48 3.70 -32.14
C GLU A 243 31.14 4.37 -33.35
N MET A 244 31.28 5.69 -33.27
CA MET A 244 31.92 6.49 -34.32
C MET A 244 33.44 6.28 -34.38
N GLY A 245 34.00 5.54 -33.44
CA GLY A 245 35.42 5.18 -33.43
C GLY A 245 36.25 5.90 -32.38
N LEU A 246 35.64 6.85 -31.69
CA LEU A 246 36.34 7.62 -30.66
C LEU A 246 36.44 6.87 -29.34
N ARG A 247 37.37 7.31 -28.49
CA ARG A 247 37.54 6.76 -27.15
C ARG A 247 37.30 7.85 -26.10
N CYS A 248 36.15 7.81 -25.45
CA CYS A 248 35.83 8.78 -24.40
C CYS A 248 36.59 8.44 -23.13
N VAL A 249 37.67 9.16 -22.89
CA VAL A 249 38.52 8.94 -21.71
C VAL A 249 37.85 9.42 -20.42
N ALA A 250 37.04 10.47 -20.52
CA ALA A 250 36.45 11.09 -19.34
C ALA A 250 35.05 11.63 -19.57
N GLN A 251 34.23 11.57 -18.52
CA GLN A 251 32.92 12.21 -18.47
C GLN A 251 32.93 13.20 -17.30
N TRP A 252 32.81 14.48 -17.62
CA TRP A 252 32.82 15.56 -16.61
C TRP A 252 31.41 16.11 -16.44
N SER A 253 30.72 15.82 -15.33
CA SER A 253 31.16 14.93 -14.26
C SER A 253 30.15 13.81 -13.99
N GLY A 254 29.11 13.73 -14.80
CA GLY A 254 28.13 12.62 -14.73
C GLY A 254 28.80 11.25 -14.85
N ASP A 255 28.55 10.39 -13.86
CA ASP A 255 29.20 9.08 -13.73
C ASP A 255 30.73 9.19 -13.75
N GLY A 256 31.24 10.33 -13.31
CA GLY A 256 32.66 10.64 -13.40
C GLY A 256 33.47 10.11 -12.22
N SER A 257 34.66 9.63 -12.52
CA SER A 257 35.64 9.25 -11.49
C SER A 257 36.72 10.34 -11.41
N ILE A 258 37.48 10.32 -10.32
CA ILE A 258 38.58 11.28 -10.15
C ILE A 258 39.73 10.97 -11.12
N SER A 259 40.01 9.69 -11.35
CA SER A 259 41.05 9.28 -12.30
C SER A 259 40.72 9.74 -13.74
N GLU A 260 39.44 9.67 -14.10
CA GLU A 260 38.96 10.18 -15.39
C GLU A 260 39.29 11.66 -15.57
N ILE A 261 39.05 12.43 -14.53
CA ILE A 261 39.36 13.85 -14.53
C ILE A 261 40.87 14.08 -14.64
N GLU A 262 41.63 13.34 -13.84
CA GLU A 262 43.09 13.38 -13.89
C GLU A 262 43.68 12.91 -15.25
N LEU A 263 42.94 12.10 -16.00
CA LEU A 263 43.37 11.61 -17.31
C LEU A 263 43.07 12.59 -18.43
N THR A 264 42.15 13.52 -18.18
CA THR A 264 41.61 14.39 -19.21
C THR A 264 42.65 15.19 -20.02
N PRO A 265 43.68 15.73 -19.35
CA PRO A 265 44.73 16.44 -20.09
C PRO A 265 45.52 15.60 -21.10
N LYS A 266 45.31 14.29 -21.12
CA LYS A 266 45.93 13.39 -22.10
C LYS A 266 45.12 13.24 -23.39
N VAL A 267 43.91 13.79 -23.42
CA VAL A 267 43.01 13.60 -24.57
C VAL A 267 43.39 14.53 -25.73
N LYS A 268 42.79 14.29 -26.89
CA LYS A 268 43.07 15.07 -28.11
C LYS A 268 42.07 16.20 -28.36
N LEU A 269 40.84 16.02 -27.88
CA LEU A 269 39.76 16.98 -28.13
C LEU A 269 38.76 16.95 -26.98
N ASN A 270 38.41 18.14 -26.48
CA ASN A 270 37.40 18.28 -25.44
C ASN A 270 36.05 18.60 -26.06
N LEU A 271 35.10 17.71 -25.85
CA LEU A 271 33.76 17.87 -26.38
C LEU A 271 32.91 18.52 -25.30
N VAL A 272 32.63 19.81 -25.48
CA VAL A 272 31.88 20.57 -24.50
C VAL A 272 30.39 20.57 -24.84
N HIS A 273 29.58 19.99 -23.94
CA HIS A 273 28.13 20.06 -24.06
C HIS A 273 27.60 21.31 -23.34
N CYS A 274 27.71 21.34 -22.01
CA CYS A 274 27.35 22.52 -21.23
C CYS A 274 28.48 23.55 -21.21
N TYR A 275 28.34 24.57 -22.06
CA TYR A 275 29.32 25.65 -22.14
C TYR A 275 29.35 26.43 -20.83
N ARG A 276 28.17 26.84 -20.36
CA ARG A 276 28.05 27.72 -19.20
C ARG A 276 28.83 27.20 -17.98
N SER A 277 28.66 25.93 -17.66
CA SER A 277 29.23 25.36 -16.44
C SER A 277 30.69 24.90 -16.56
N MET A 278 31.18 24.71 -17.79
CA MET A 278 32.50 24.09 -18.03
C MET A 278 33.41 24.78 -19.05
N ASN A 279 33.05 25.98 -19.50
CA ASN A 279 33.89 26.71 -20.45
C ASN A 279 35.22 27.17 -19.84
N TYR A 280 35.24 27.33 -18.51
CA TYR A 280 36.41 27.85 -17.80
C TYR A 280 37.57 26.84 -17.82
N ILE A 281 37.27 25.61 -17.40
CA ILE A 281 38.27 24.54 -17.37
C ILE A 281 38.67 24.11 -18.77
N SER A 282 37.74 24.24 -19.72
CA SER A 282 38.02 23.92 -21.12
C SER A 282 39.02 24.91 -21.73
N ARG A 283 38.84 26.18 -21.43
CA ARG A 283 39.77 27.21 -21.90
C ARG A 283 41.14 27.07 -21.23
N HIS A 284 41.15 26.68 -19.96
CA HIS A 284 42.39 26.41 -19.23
C HIS A 284 43.19 25.31 -19.91
N MET A 285 42.51 24.21 -20.26
CA MET A 285 43.18 23.06 -20.86
C MET A 285 43.72 23.36 -22.26
N GLU A 286 43.11 24.30 -22.97
CA GLU A 286 43.66 24.76 -24.25
C GLU A 286 44.93 25.57 -24.01
N GLU A 287 44.92 26.43 -22.99
CA GLU A 287 46.10 27.22 -22.65
C GLU A 287 47.26 26.37 -22.17
N LYS A 288 47.02 25.58 -21.13
CA LYS A 288 48.08 24.80 -20.49
C LYS A 288 48.52 23.61 -21.35
N TYR A 289 47.57 22.81 -21.81
CA TYR A 289 47.87 21.54 -22.46
C TYR A 289 47.76 21.57 -23.99
N GLY A 290 47.21 22.66 -24.52
CA GLY A 290 47.06 22.82 -25.97
C GLY A 290 45.92 21.99 -26.55
N ILE A 291 45.02 21.53 -25.70
CA ILE A 291 43.91 20.66 -26.13
C ILE A 291 42.77 21.53 -26.67
N PRO A 292 42.44 21.36 -27.96
CA PRO A 292 41.31 22.12 -28.50
C PRO A 292 39.99 21.63 -27.94
N TRP A 293 39.01 22.54 -27.89
CA TRP A 293 37.67 22.18 -27.43
C TRP A 293 36.62 22.73 -28.38
N MET A 294 35.50 22.03 -28.47
CA MET A 294 34.41 22.42 -29.36
C MET A 294 33.06 22.15 -28.69
N GLU A 295 32.14 23.09 -28.86
CA GLU A 295 30.78 22.93 -28.36
C GLU A 295 30.04 21.99 -29.27
N TYR A 296 29.16 21.18 -28.68
CA TYR A 296 28.24 20.36 -29.46
C TYR A 296 26.87 20.32 -28.80
N ASN A 297 25.93 19.65 -29.48
CA ASN A 297 24.54 19.56 -29.05
C ASN A 297 23.98 18.20 -29.47
N PHE A 298 23.48 17.45 -28.49
CA PHE A 298 22.96 16.09 -28.72
C PHE A 298 21.46 16.00 -28.41
N PHE A 299 20.74 17.10 -28.59
CA PHE A 299 19.28 17.13 -28.37
C PHE A 299 18.55 17.00 -29.71
N GLY A 300 18.00 15.82 -29.97
CA GLY A 300 17.27 15.56 -31.21
C GLY A 300 18.19 15.08 -32.33
N PRO A 301 17.60 14.47 -33.39
CA PRO A 301 18.39 13.91 -34.49
C PRO A 301 19.15 14.96 -35.30
N THR A 302 18.48 16.04 -35.68
CA THR A 302 19.09 17.12 -36.45
C THR A 302 20.38 17.64 -35.80
N LYS A 303 20.31 17.96 -34.51
CA LYS A 303 21.47 18.48 -33.77
C LYS A 303 22.52 17.39 -33.48
N THR A 304 22.07 16.19 -33.16
CA THR A 304 22.99 15.08 -32.89
C THR A 304 23.79 14.71 -34.16
N ILE A 305 23.09 14.64 -35.29
CA ILE A 305 23.72 14.35 -36.59
C ILE A 305 24.74 15.42 -36.96
N GLU A 306 24.30 16.68 -36.87
CA GLU A 306 25.16 17.85 -37.06
C GLU A 306 26.43 17.74 -36.22
N SER A 307 26.25 17.40 -34.95
CA SER A 307 27.34 17.31 -33.97
C SER A 307 28.31 16.17 -34.27
N LEU A 308 27.77 15.00 -34.59
CA LEU A 308 28.59 13.83 -34.94
C LEU A 308 29.50 14.13 -36.13
N ARG A 309 28.97 14.86 -37.11
CA ARG A 309 29.73 15.21 -38.31
C ARG A 309 30.80 16.28 -38.05
N ALA A 310 30.47 17.22 -37.16
CA ALA A 310 31.42 18.25 -36.75
C ALA A 310 32.56 17.64 -35.96
N ILE A 311 32.24 16.72 -35.07
CA ILE A 311 33.24 16.01 -34.26
C ILE A 311 34.12 15.11 -35.13
N ALA A 312 33.50 14.34 -36.01
CA ALA A 312 34.24 13.45 -36.91
C ALA A 312 35.20 14.21 -37.83
N ALA A 313 34.80 15.43 -38.21
CA ALA A 313 35.60 16.29 -39.09
C ALA A 313 36.94 16.71 -38.49
N LYS A 314 37.03 16.69 -37.16
CA LYS A 314 38.28 17.04 -36.45
C LYS A 314 39.33 15.95 -36.53
N PHE A 315 38.92 14.75 -36.91
CA PHE A 315 39.83 13.61 -37.01
C PHE A 315 40.09 13.27 -38.48
N ASP A 316 40.05 11.99 -38.83
CA ASP A 316 40.47 11.54 -40.15
C ASP A 316 39.35 10.80 -40.87
N GLU A 317 39.63 10.37 -42.10
CA GLU A 317 38.66 9.71 -42.98
C GLU A 317 37.99 8.52 -42.31
N SER A 318 38.74 7.74 -41.53
CA SER A 318 38.21 6.53 -40.91
C SER A 318 37.11 6.80 -39.87
N ILE A 319 37.30 7.86 -39.08
CA ILE A 319 36.30 8.31 -38.11
C ILE A 319 35.09 8.92 -38.84
N GLN A 320 35.37 9.67 -39.90
CA GLN A 320 34.33 10.28 -40.72
C GLN A 320 33.42 9.26 -41.41
N LYS A 321 33.98 8.12 -41.80
CA LYS A 321 33.18 7.04 -42.40
C LYS A 321 32.33 6.32 -41.35
N LYS A 322 32.93 6.04 -40.19
CA LYS A 322 32.20 5.47 -39.05
C LYS A 322 31.06 6.37 -38.57
N CYS A 323 31.25 7.68 -38.72
CA CYS A 323 30.21 8.67 -38.42
C CYS A 323 28.97 8.41 -39.28
N GLU A 324 29.18 8.29 -40.59
CA GLU A 324 28.10 8.04 -41.53
C GLU A 324 27.43 6.69 -41.33
N GLU A 325 28.17 5.72 -40.80
CA GLU A 325 27.63 4.40 -40.47
C GLU A 325 26.75 4.45 -39.23
N VAL A 326 27.15 5.24 -38.24
CA VAL A 326 26.34 5.47 -37.04
C VAL A 326 25.05 6.19 -37.43
N ILE A 327 25.17 7.23 -38.25
CA ILE A 327 24.02 7.99 -38.72
C ILE A 327 23.07 7.09 -39.52
N ALA A 328 23.64 6.28 -40.41
CA ALA A 328 22.87 5.31 -41.20
C ALA A 328 22.14 4.28 -40.33
N LYS A 329 22.78 3.89 -39.23
CA LYS A 329 22.23 2.87 -38.33
C LYS A 329 20.97 3.36 -37.61
N TYR A 330 21.04 4.56 -37.04
CA TYR A 330 19.94 5.13 -36.26
C TYR A 330 18.86 5.86 -37.07
N LYS A 331 19.11 6.07 -38.37
CA LYS A 331 18.17 6.79 -39.24
C LYS A 331 16.72 6.25 -39.15
N PRO A 332 16.53 4.93 -39.36
CA PRO A 332 15.18 4.38 -39.29
C PRO A 332 14.55 4.45 -37.90
N GLU A 333 15.37 4.51 -36.86
CA GLU A 333 14.88 4.61 -35.49
C GLU A 333 14.29 5.99 -35.18
N TRP A 334 15.06 7.05 -35.41
CA TRP A 334 14.56 8.41 -35.16
C TRP A 334 13.49 8.83 -36.17
N GLU A 335 13.56 8.31 -37.39
CA GLU A 335 12.53 8.58 -38.39
C GLU A 335 11.19 7.95 -38.01
N ALA A 336 11.24 6.79 -37.37
CA ALA A 336 10.04 6.13 -36.84
C ALA A 336 9.48 6.91 -35.64
N VAL A 337 10.36 7.51 -34.85
CA VAL A 337 9.96 8.36 -33.72
C VAL A 337 9.18 9.58 -34.21
N VAL A 338 9.74 10.28 -35.20
CA VAL A 338 9.08 11.47 -35.77
C VAL A 338 7.76 11.10 -36.45
N ALA A 339 7.78 10.05 -37.28
CA ALA A 339 6.58 9.57 -37.97
C ALA A 339 5.44 9.32 -36.99
N LYS A 340 5.78 8.77 -35.82
CA LYS A 340 4.80 8.47 -34.80
C LYS A 340 4.35 9.70 -34.01
N TYR A 341 5.29 10.58 -33.67
CA TYR A 341 5.04 11.64 -32.70
C TYR A 341 4.89 13.06 -33.26
N ARG A 342 5.56 13.38 -34.37
CA ARG A 342 5.46 14.73 -34.94
C ARG A 342 4.01 15.13 -35.20
N PRO A 343 3.21 14.26 -35.84
CA PRO A 343 1.80 14.59 -36.10
C PRO A 343 0.97 14.88 -34.85
N ARG A 344 1.43 14.38 -33.70
CA ARG A 344 0.74 14.56 -32.42
C ARG A 344 1.17 15.86 -31.72
N LEU A 345 2.29 16.42 -32.16
CA LEU A 345 2.87 17.63 -31.54
C LEU A 345 3.07 18.81 -32.51
N GLU A 346 2.85 18.57 -33.80
CA GLU A 346 3.01 19.58 -34.85
C GLU A 346 2.22 20.83 -34.56
N GLY A 347 2.89 21.99 -34.67
CA GLY A 347 2.25 23.29 -34.49
C GLY A 347 2.10 23.76 -33.06
N LYS A 348 2.35 22.88 -32.10
CA LYS A 348 2.21 23.21 -30.68
C LYS A 348 3.34 24.13 -30.22
N ARG A 349 2.98 25.07 -29.34
CA ARG A 349 3.86 26.16 -28.94
C ARG A 349 4.38 25.96 -27.51
N VAL A 350 5.70 26.09 -27.36
CA VAL A 350 6.38 25.82 -26.10
C VAL A 350 7.02 27.07 -25.52
N MET A 351 6.92 27.23 -24.21
CA MET A 351 7.67 28.24 -23.46
C MET A 351 8.62 27.55 -22.50
N LEU A 352 9.85 28.06 -22.41
CA LEU A 352 10.89 27.43 -21.63
C LEU A 352 11.51 28.38 -20.62
N TYR A 353 11.85 27.83 -19.45
CA TYR A 353 12.69 28.52 -18.48
C TYR A 353 13.54 27.48 -17.74
N ILE A 354 14.84 27.51 -17.97
CA ILE A 354 15.77 26.57 -17.34
C ILE A 354 17.02 27.35 -16.91
N GLY A 355 18.16 26.71 -16.76
CA GLY A 355 19.31 27.33 -16.08
C GLY A 355 20.28 28.13 -16.92
N GLY A 356 21.15 27.43 -17.64
CA GLY A 356 22.25 28.05 -18.38
C GLY A 356 22.59 27.45 -19.75
N LEU A 357 21.95 26.33 -20.11
CA LEU A 357 22.22 25.65 -21.39
C LEU A 357 20.95 25.26 -22.13
N ARG A 358 20.12 24.46 -21.47
CA ARG A 358 18.94 23.87 -22.12
C ARG A 358 17.86 24.83 -22.67
N PRO A 359 17.76 26.08 -22.17
CA PRO A 359 16.84 27.02 -22.81
C PRO A 359 17.06 27.26 -24.31
N ARG A 360 18.29 27.11 -24.79
CA ARG A 360 18.58 27.18 -26.23
C ARG A 360 18.80 25.79 -26.81
N HIS A 361 19.45 24.91 -26.06
CA HIS A 361 19.96 23.66 -26.59
C HIS A 361 18.91 22.63 -27.00
N VAL A 362 17.76 22.66 -26.33
CA VAL A 362 16.68 21.70 -26.62
C VAL A 362 15.72 22.19 -27.71
N ILE A 363 15.91 23.41 -28.21
CA ILE A 363 15.04 24.00 -29.22
C ILE A 363 14.99 23.17 -30.51
N GLY A 364 16.13 22.62 -30.89
CA GLY A 364 16.23 21.79 -32.10
C GLY A 364 15.42 20.51 -32.00
N ALA A 365 15.50 19.85 -30.83
CA ALA A 365 14.70 18.63 -30.57
C ALA A 365 13.20 18.89 -30.63
N TYR A 366 12.77 20.04 -30.11
CA TYR A 366 11.37 20.47 -30.24
C TYR A 366 10.97 20.67 -31.71
N GLU A 367 11.84 21.32 -32.47
CA GLU A 367 11.55 21.62 -33.89
C GLU A 367 11.52 20.36 -34.75
N ASP A 368 12.24 19.32 -34.32
CA ASP A 368 12.19 18.00 -34.98
C ASP A 368 10.83 17.30 -34.82
N LEU A 369 10.01 17.79 -33.88
CA LEU A 369 8.65 17.30 -33.70
C LEU A 369 7.62 18.34 -34.14
N GLY A 370 8.07 19.32 -34.91
CA GLY A 370 7.21 20.38 -35.44
C GLY A 370 6.65 21.33 -34.40
N MET A 371 7.36 21.47 -33.28
CA MET A 371 6.93 22.38 -32.21
C MET A 371 7.71 23.70 -32.28
N GLU A 372 7.05 24.77 -31.85
CA GLU A 372 7.61 26.11 -31.87
C GLU A 372 7.90 26.55 -30.43
N VAL A 373 9.10 27.06 -30.19
CA VAL A 373 9.42 27.70 -28.91
C VAL A 373 9.11 29.18 -29.03
N VAL A 374 8.00 29.59 -28.41
CA VAL A 374 7.54 30.99 -28.51
C VAL A 374 8.15 31.90 -27.46
N GLY A 375 8.80 31.29 -26.46
CA GLY A 375 9.52 32.05 -25.44
C GLY A 375 10.53 31.16 -24.75
N THR A 376 11.65 31.75 -24.35
CA THR A 376 12.67 31.01 -23.60
C THR A 376 13.46 31.95 -22.70
N GLY A 377 14.17 31.37 -21.75
CA GLY A 377 14.90 32.16 -20.78
C GLY A 377 15.79 31.35 -19.86
N TYR A 378 16.77 32.02 -19.27
CA TYR A 378 17.74 31.40 -18.37
C TYR A 378 17.66 31.98 -16.97
N GLU A 379 17.96 31.14 -15.98
CA GLU A 379 18.12 31.59 -14.60
C GLU A 379 19.41 32.39 -14.45
N PHE A 380 20.52 31.83 -14.90
CA PHE A 380 21.86 32.34 -14.56
C PHE A 380 22.86 32.46 -15.74
N ALA A 381 22.33 32.52 -16.97
CA ALA A 381 23.17 32.65 -18.16
C ALA A 381 23.94 33.98 -18.23
N HIS A 382 25.05 33.98 -18.96
CA HIS A 382 25.81 35.20 -19.25
C HIS A 382 25.42 35.70 -20.65
N ASN A 383 25.94 36.86 -21.03
CA ASN A 383 25.70 37.44 -22.36
C ASN A 383 26.13 36.52 -23.51
N ASP A 384 27.22 35.78 -23.33
CA ASP A 384 27.70 34.87 -24.38
C ASP A 384 26.70 33.72 -24.64
N ASP A 385 25.90 33.35 -23.63
CA ASP A 385 24.81 32.38 -23.82
C ASP A 385 23.67 32.96 -24.65
N TYR A 386 23.32 34.21 -24.37
CA TYR A 386 22.28 34.91 -25.13
C TYR A 386 22.70 35.17 -26.57
N ASP A 387 23.99 35.45 -26.78
CA ASP A 387 24.53 35.54 -28.13
C ASP A 387 24.24 34.26 -28.91
N ARG A 388 24.48 33.12 -28.26
CA ARG A 388 24.21 31.81 -28.83
C ARG A 388 22.71 31.49 -28.96
N THR A 389 21.89 32.07 -28.08
CA THR A 389 20.43 31.83 -28.08
C THR A 389 19.72 32.61 -29.19
N MET A 390 20.21 33.82 -29.44
CA MET A 390 19.64 34.72 -30.46
C MET A 390 19.38 34.00 -31.78
N LYS A 391 20.38 33.24 -32.21
CA LYS A 391 20.37 32.52 -33.48
C LYS A 391 19.27 31.45 -33.49
N GLU A 392 19.22 30.68 -32.41
CA GLU A 392 18.35 29.51 -32.32
C GLU A 392 16.86 29.84 -32.19
N MET A 393 16.56 31.04 -31.69
CA MET A 393 15.18 31.48 -31.51
C MET A 393 14.73 32.33 -32.70
N GLY A 394 13.44 32.24 -33.02
CA GLY A 394 12.86 32.99 -34.11
C GLY A 394 12.63 34.45 -33.75
N ASP A 395 12.45 35.27 -34.77
CA ASP A 395 12.18 36.70 -34.58
C ASP A 395 10.88 36.89 -33.81
N SER A 396 10.87 37.88 -32.94
CA SER A 396 9.67 38.28 -32.19
C SER A 396 9.26 37.33 -31.05
N THR A 397 10.11 36.36 -30.72
CA THR A 397 9.86 35.50 -29.55
C THR A 397 10.35 36.21 -28.29
N LEU A 398 9.83 35.78 -27.15
CA LEU A 398 10.11 36.45 -25.88
C LEU A 398 11.33 35.87 -25.16
N LEU A 399 12.24 36.76 -24.78
CA LEU A 399 13.40 36.41 -23.94
C LEU A 399 13.24 36.99 -22.54
N TYR A 400 13.55 36.19 -21.53
CA TYR A 400 13.51 36.62 -20.14
C TYR A 400 14.68 36.02 -19.36
N ASP A 401 15.51 36.89 -18.78
CA ASP A 401 16.62 36.49 -17.93
C ASP A 401 16.26 36.64 -16.46
N ASP A 402 16.61 35.65 -15.65
CA ASP A 402 16.30 35.65 -14.21
C ASP A 402 14.84 36.07 -13.98
N VAL A 403 13.94 35.40 -14.69
CA VAL A 403 12.52 35.76 -14.65
C VAL A 403 11.95 35.64 -13.23
N THR A 404 11.04 36.55 -12.89
CA THR A 404 10.37 36.50 -11.59
C THR A 404 9.19 35.54 -11.69
N GLY A 405 8.70 35.10 -10.54
CA GLY A 405 7.55 34.20 -10.48
C GLY A 405 6.31 34.89 -11.02
N TYR A 406 6.21 36.19 -10.73
CA TYR A 406 5.12 37.03 -11.21
C TYR A 406 5.15 37.18 -12.73
N GLU A 407 6.31 37.57 -13.25
CA GLU A 407 6.47 37.77 -14.71
C GLU A 407 6.08 36.53 -15.49
N PHE A 408 6.59 35.39 -15.04
CA PHE A 408 6.43 34.13 -15.74
C PHE A 408 4.95 33.73 -15.85
N GLU A 409 4.22 33.86 -14.75
CA GLU A 409 2.77 33.60 -14.76
C GLU A 409 2.06 34.53 -15.75
N GLU A 410 2.40 35.82 -15.69
CA GLU A 410 1.76 36.84 -16.53
C GLU A 410 2.04 36.62 -18.01
N PHE A 411 3.29 36.29 -18.33
CA PHE A 411 3.68 36.01 -19.72
C PHE A 411 2.89 34.82 -20.26
N VAL A 412 2.78 33.76 -19.46
CA VAL A 412 2.05 32.56 -19.85
C VAL A 412 0.54 32.80 -20.00
N LYS A 413 -0.02 33.67 -19.15
CA LYS A 413 -1.43 33.99 -19.22
C LYS A 413 -1.79 34.68 -20.53
N ARG A 414 -0.93 35.61 -20.98
CA ARG A 414 -1.12 36.31 -22.25
C ARG A 414 -0.76 35.40 -23.43
N ILE A 415 0.43 34.82 -23.39
CA ILE A 415 0.95 34.03 -24.51
C ILE A 415 0.21 32.71 -24.72
N LYS A 416 -0.28 32.10 -23.65
CA LYS A 416 -1.09 30.86 -23.72
C LYS A 416 -0.40 29.73 -24.49
N PRO A 417 0.72 29.22 -23.97
CA PRO A 417 1.46 28.18 -24.66
C PRO A 417 0.77 26.84 -24.49
N ASP A 418 1.07 25.91 -25.39
CA ASP A 418 0.52 24.57 -25.32
C ASP A 418 1.29 23.68 -24.33
N LEU A 419 2.56 24.01 -24.12
CA LEU A 419 3.44 23.25 -23.24
C LEU A 419 4.42 24.19 -22.56
N ILE A 420 4.68 23.97 -21.28
CA ILE A 420 5.75 24.67 -20.57
C ILE A 420 6.83 23.68 -20.13
N GLY A 421 8.08 24.09 -20.27
CA GLY A 421 9.23 23.26 -19.92
C GLY A 421 10.12 24.01 -18.93
N SER A 422 9.98 23.70 -17.65
CA SER A 422 10.69 24.43 -16.60
C SER A 422 11.12 23.50 -15.45
N GLY A 423 11.20 24.05 -14.24
CA GLY A 423 11.64 23.29 -13.06
C GLY A 423 10.53 22.93 -12.09
N ILE A 424 10.92 22.32 -10.97
CA ILE A 424 9.97 21.83 -9.97
C ILE A 424 9.21 22.98 -9.26
N LYS A 425 9.84 24.13 -9.12
CA LYS A 425 9.20 25.30 -8.48
C LYS A 425 8.11 25.94 -9.35
N GLU A 426 8.17 25.66 -10.65
CA GLU A 426 7.23 26.17 -11.64
C GLU A 426 6.12 25.16 -11.96
N LYS A 427 6.46 23.88 -11.87
CA LYS A 427 5.61 22.80 -12.38
C LYS A 427 4.14 22.89 -11.98
N PHE A 428 3.88 22.93 -10.68
CA PHE A 428 2.52 22.76 -10.15
C PHE A 428 1.67 24.02 -10.26
N ILE A 429 2.31 25.16 -10.51
CA ILE A 429 1.62 26.41 -10.78
C ILE A 429 0.85 26.33 -12.10
N PHE A 430 1.55 25.89 -13.13
CA PHE A 430 1.03 25.90 -14.50
C PHE A 430 0.11 24.72 -14.78
N GLN A 431 0.35 23.58 -14.12
CA GLN A 431 -0.59 22.46 -14.12
C GLN A 431 -1.97 22.87 -13.59
N LYS A 432 -1.98 23.68 -12.54
CA LYS A 432 -3.24 24.21 -11.98
C LYS A 432 -3.91 25.20 -12.94
N MET A 433 -3.09 25.92 -13.70
CA MET A 433 -3.61 26.81 -14.76
C MET A 433 -4.11 26.02 -15.98
N GLY A 434 -3.90 24.71 -15.99
CA GLY A 434 -4.36 23.85 -17.07
C GLY A 434 -3.41 23.74 -18.25
N ILE A 435 -2.18 24.21 -18.10
CA ILE A 435 -1.18 24.06 -19.17
C ILE A 435 -0.28 22.86 -18.90
N PRO A 436 -0.22 21.89 -19.84
CA PRO A 436 0.76 20.82 -19.77
C PRO A 436 2.17 21.31 -19.41
N PHE A 437 2.79 20.62 -18.46
CA PHE A 437 4.11 20.97 -17.99
C PHE A 437 5.04 19.76 -18.01
N ARG A 438 6.27 20.00 -18.47
CA ARG A 438 7.33 19.00 -18.41
C ARG A 438 8.53 19.58 -17.67
N GLU A 439 9.02 18.85 -16.68
CA GLU A 439 10.25 19.23 -15.99
C GLU A 439 11.43 19.08 -16.95
N MET A 440 12.10 20.18 -17.24
CA MET A 440 13.24 20.19 -18.17
C MET A 440 14.58 20.28 -17.45
N HIS A 441 14.57 20.11 -16.13
CA HIS A 441 15.78 19.83 -15.35
C HIS A 441 15.88 18.32 -15.11
N SER A 442 14.91 17.79 -14.37
CA SER A 442 14.91 16.40 -13.93
C SER A 442 14.39 15.43 -14.98
N TRP A 443 13.91 15.97 -16.11
CA TRP A 443 13.24 15.17 -17.13
C TRP A 443 11.97 14.52 -16.61
N ASP A 444 11.38 15.10 -15.57
CA ASP A 444 10.23 14.53 -14.87
C ASP A 444 10.47 13.04 -14.55
N TYR A 445 11.67 12.73 -14.07
CA TYR A 445 12.03 11.39 -13.60
C TYR A 445 12.04 10.37 -14.74
N SER A 446 12.20 10.87 -15.96
CA SER A 446 12.25 10.06 -17.17
C SER A 446 13.56 10.38 -17.90
N GLY A 447 13.66 9.98 -19.16
CA GLY A 447 14.88 10.18 -19.92
C GLY A 447 15.68 8.91 -19.99
N PRO A 448 16.89 8.95 -20.59
CA PRO A 448 17.62 10.13 -21.07
C PRO A 448 16.96 10.85 -22.23
N TYR A 449 17.36 12.09 -22.46
CA TYR A 449 16.92 12.89 -23.61
C TYR A 449 18.05 13.14 -24.62
N HIS A 450 19.29 12.81 -24.25
CA HIS A 450 20.45 12.98 -25.13
C HIS A 450 20.54 11.87 -26.16
N GLY A 451 20.98 12.21 -27.37
CA GLY A 451 21.26 11.22 -28.42
C GLY A 451 20.03 10.77 -29.19
N PHE A 452 20.21 9.71 -29.96
CA PHE A 452 19.12 9.12 -30.74
C PHE A 452 18.16 8.34 -29.84
N ASP A 453 18.71 7.59 -28.89
CA ASP A 453 17.90 6.84 -27.93
C ASP A 453 17.17 7.78 -26.97
N GLY A 454 17.74 8.95 -26.73
CA GLY A 454 17.11 9.97 -25.90
C GLY A 454 15.91 10.64 -26.56
N PHE A 455 16.02 10.90 -27.85
CA PHE A 455 14.96 11.54 -28.63
C PHE A 455 13.63 10.77 -28.61
N ALA A 456 13.72 9.45 -28.66
CA ALA A 456 12.54 8.58 -28.59
C ALA A 456 11.78 8.81 -27.28
N ILE A 457 12.54 8.87 -26.19
CA ILE A 457 12.01 9.08 -24.84
C ILE A 457 11.44 10.51 -24.68
N PHE A 458 12.23 11.49 -25.11
CA PHE A 458 11.81 12.89 -25.21
C PHE A 458 10.44 13.00 -25.91
N ALA A 459 10.37 12.46 -27.13
CA ALA A 459 9.16 12.55 -27.96
C ALA A 459 7.92 11.96 -27.29
N ARG A 460 8.06 10.74 -26.74
CA ARG A 460 6.93 10.09 -26.10
C ARG A 460 6.53 10.80 -24.79
N ASP A 461 7.51 11.43 -24.14
CA ASP A 461 7.26 12.26 -22.95
C ASP A 461 6.47 13.54 -23.25
N MET A 462 6.86 14.27 -24.29
CA MET A 462 6.16 15.50 -24.67
C MET A 462 4.73 15.18 -25.09
N ASP A 463 4.59 14.10 -25.85
CA ASP A 463 3.29 13.65 -26.32
C ASP A 463 2.38 13.22 -25.17
N MET A 464 2.91 12.41 -24.26
CA MET A 464 2.10 11.83 -23.18
C MET A 464 1.50 12.90 -22.27
N THR A 465 2.22 14.02 -22.12
CA THR A 465 1.80 15.12 -21.25
C THR A 465 0.93 16.12 -22.00
N LEU A 466 1.45 16.67 -23.10
CA LEU A 466 0.72 17.62 -23.93
C LEU A 466 -0.66 17.09 -24.34
N ASN A 467 -0.72 15.83 -24.75
CA ASN A 467 -1.98 15.20 -25.20
C ASN A 467 -2.70 14.34 -24.14
N ASN A 468 -2.37 14.55 -22.87
CA ASN A 468 -2.98 13.76 -21.80
C ASN A 468 -4.47 14.12 -21.64
N PRO A 469 -5.34 13.10 -21.44
CA PRO A 469 -6.77 13.35 -21.21
C PRO A 469 -7.13 14.28 -20.03
N CYS A 470 -6.27 14.37 -19.02
CA CYS A 470 -6.56 15.18 -17.83
C CYS A 470 -6.74 16.68 -18.13
N TRP A 471 -6.15 17.15 -19.22
CA TRP A 471 -6.16 18.59 -19.56
C TRP A 471 -7.50 19.08 -20.11
N LYS A 472 -8.34 18.15 -20.54
CA LYS A 472 -9.69 18.47 -21.00
C LYS A 472 -10.68 18.63 -19.83
N LYS A 473 -10.23 18.29 -18.63
CA LYS A 473 -11.14 18.14 -17.48
C LYS A 473 -10.91 19.16 -16.35
N LEU A 474 -10.28 20.29 -16.65
CA LEU A 474 -9.99 21.31 -15.64
C LEU A 474 -11.26 21.99 -15.13
N GLN A 475 -12.16 22.31 -16.04
CA GLN A 475 -13.42 23.00 -15.70
C GLN A 475 -14.54 22.00 -15.44
N ALA A 476 -15.27 22.21 -14.35
CA ALA A 476 -16.43 21.39 -14.03
C ALA A 476 -17.55 21.71 -15.01
N PRO A 477 -18.31 20.68 -15.44
CA PRO A 477 -19.38 20.91 -16.43
C PRO A 477 -20.53 21.81 -15.97
N TRP A 478 -20.51 22.25 -14.71
CA TRP A 478 -21.45 23.23 -14.18
C TRP A 478 -20.77 24.55 -13.79
N GLU A 479 -19.49 24.70 -14.15
CA GLU A 479 -18.64 25.81 -13.70
C GLU A 479 -18.41 25.82 -12.19
N SER B 1 19.89 1.55 -28.90
CA SER B 1 18.76 1.41 -29.86
C SER B 1 17.41 1.42 -29.15
N GLN B 2 16.37 1.73 -29.91
CA GLN B 2 14.99 1.73 -29.42
C GLN B 2 14.07 1.07 -30.44
N GLN B 3 13.04 0.40 -29.93
CA GLN B 3 11.88 0.01 -30.72
C GLN B 3 10.83 1.08 -30.47
N VAL B 4 10.36 1.74 -31.53
CA VAL B 4 9.43 2.88 -31.39
C VAL B 4 8.10 2.47 -30.74
N ASP B 5 7.75 1.19 -30.88
CA ASP B 5 6.53 0.62 -30.26
C ASP B 5 6.69 0.31 -28.76
N LYS B 6 7.93 0.19 -28.31
CA LYS B 6 8.21 -0.09 -26.89
C LYS B 6 9.44 0.68 -26.42
N ILE B 7 9.28 2.00 -26.26
CA ILE B 7 10.37 2.86 -25.82
C ILE B 7 10.83 2.46 -24.41
N LYS B 8 12.14 2.42 -24.21
CA LYS B 8 12.73 2.11 -22.90
C LYS B 8 13.30 3.38 -22.25
N ALA B 9 12.88 3.66 -21.02
CA ALA B 9 13.52 4.69 -20.21
C ALA B 9 14.86 4.15 -19.70
N SER B 10 15.59 4.99 -18.96
CA SER B 10 16.92 4.63 -18.46
C SER B 10 16.95 3.20 -17.95
N TYR B 11 16.01 2.89 -17.06
CA TYR B 11 15.69 1.50 -16.75
C TYR B 11 14.50 1.07 -17.62
N PRO B 12 14.66 0.01 -18.42
CA PRO B 12 15.77 -0.92 -18.57
C PRO B 12 16.76 -0.67 -19.73
N LEU B 13 16.74 0.52 -20.34
CA LEU B 13 17.54 0.80 -21.53
C LEU B 13 19.01 0.37 -21.39
N PHE B 14 19.64 0.82 -20.31
CA PHE B 14 21.07 0.63 -20.09
C PHE B 14 21.45 -0.78 -19.64
N LEU B 15 20.46 -1.66 -19.56
CA LEU B 15 20.68 -3.09 -19.38
C LEU B 15 20.87 -3.80 -20.73
N ASP B 16 20.70 -3.09 -21.83
CA ASP B 16 21.02 -3.63 -23.15
C ASP B 16 22.50 -3.98 -23.23
N GLN B 17 22.82 -4.98 -24.03
CA GLN B 17 24.18 -5.53 -24.10
C GLN B 17 25.21 -4.49 -24.54
N ASP B 18 24.85 -3.67 -25.52
CA ASP B 18 25.75 -2.63 -26.03
C ASP B 18 26.07 -1.56 -24.97
N TYR B 19 25.08 -1.21 -24.16
CA TYR B 19 25.31 -0.29 -23.04
C TYR B 19 26.12 -0.95 -21.93
N LYS B 20 25.82 -2.22 -21.66
CA LYS B 20 26.49 -3.00 -20.63
C LYS B 20 27.98 -3.17 -20.96
N ASP B 21 28.28 -3.37 -22.24
CA ASP B 21 29.66 -3.47 -22.71
C ASP B 21 30.36 -2.11 -22.65
N MET B 22 29.66 -1.08 -23.11
CA MET B 22 30.18 0.29 -23.05
C MET B 22 30.57 0.69 -21.64
N LEU B 23 29.68 0.42 -20.68
CA LEU B 23 29.90 0.77 -19.28
C LEU B 23 31.05 -0.05 -18.67
N ALA B 24 31.16 -1.31 -19.09
CA ALA B 24 32.25 -2.18 -18.66
C ALA B 24 33.61 -1.64 -19.14
N LYS B 25 33.65 -1.15 -20.38
CA LYS B 25 34.89 -0.62 -20.96
C LYS B 25 35.30 0.70 -20.35
N LYS B 26 34.30 1.54 -20.04
CA LYS B 26 34.53 2.81 -19.34
C LYS B 26 35.18 2.56 -17.99
N ARG B 27 34.61 1.63 -17.24
CA ARG B 27 35.12 1.24 -15.93
C ARG B 27 36.56 0.74 -16.02
N ASP B 28 36.76 -0.28 -16.86
CA ASP B 28 38.06 -0.95 -16.99
C ASP B 28 39.15 -0.01 -17.52
N GLY B 29 38.79 0.82 -18.49
CA GLY B 29 39.75 1.70 -19.14
C GLY B 29 40.20 2.90 -18.33
N PHE B 30 39.26 3.55 -17.63
CA PHE B 30 39.48 4.92 -17.13
C PHE B 30 39.06 5.23 -15.69
N GLU B 31 38.28 4.35 -15.06
CA GLU B 31 37.78 4.61 -13.70
C GLU B 31 38.75 4.23 -12.57
N GLU B 32 39.68 3.32 -12.87
CA GLU B 32 40.64 2.82 -11.87
C GLU B 32 39.91 2.35 -10.63
N LYS B 33 38.90 1.52 -10.87
CA LYS B 33 37.96 1.09 -9.86
C LYS B 33 38.58 -0.03 -9.03
N TYR B 34 38.26 -0.04 -7.73
CA TYR B 34 38.66 -1.13 -6.85
C TYR B 34 38.06 -2.45 -7.33
N PRO B 35 38.81 -3.55 -7.20
CA PRO B 35 38.27 -4.85 -7.60
C PRO B 35 36.97 -5.18 -6.86
N GLN B 36 36.08 -5.89 -7.54
CA GLN B 36 34.75 -6.21 -7.00
C GLN B 36 34.87 -6.99 -5.69
N ASP B 37 35.82 -7.94 -5.65
CA ASP B 37 36.16 -8.67 -4.43
C ASP B 37 36.43 -7.76 -3.23
N LYS B 38 37.12 -6.65 -3.47
CA LYS B 38 37.47 -5.70 -2.42
C LYS B 38 36.24 -4.90 -2.01
N ILE B 39 35.39 -4.57 -2.99
CA ILE B 39 34.16 -3.85 -2.73
C ILE B 39 33.23 -4.71 -1.85
N ASP B 40 33.07 -5.98 -2.23
CA ASP B 40 32.25 -6.93 -1.48
C ASP B 40 32.77 -7.09 -0.05
N GLU B 41 34.08 -7.17 0.08
CA GLU B 41 34.76 -7.29 1.37
C GLU B 41 34.48 -6.09 2.27
N VAL B 42 34.66 -4.89 1.73
CA VAL B 42 34.38 -3.65 2.47
C VAL B 42 32.89 -3.53 2.80
N PHE B 43 32.01 -3.95 1.88
CA PHE B 43 30.56 -3.88 2.13
C PHE B 43 30.15 -4.78 3.28
N GLN B 44 30.66 -6.00 3.28
CA GLN B 44 30.32 -6.97 4.33
C GLN B 44 30.80 -6.43 5.67
N TRP B 45 32.00 -5.85 5.68
CA TRP B 45 32.54 -5.21 6.86
C TRP B 45 31.64 -4.10 7.41
N THR B 46 31.03 -3.32 6.51
CA THR B 46 30.15 -2.21 6.93
C THR B 46 28.83 -2.70 7.55
N THR B 47 28.55 -3.99 7.43
CA THR B 47 27.36 -4.61 8.05
C THR B 47 27.62 -5.16 9.45
N THR B 48 28.86 -5.05 9.93
CA THR B 48 29.28 -5.74 11.17
C THR B 48 29.12 -4.91 12.45
N LYS B 49 29.22 -5.61 13.58
CA LYS B 49 29.29 -5.00 14.92
C LYS B 49 30.52 -4.11 15.08
N GLU B 50 31.63 -4.50 14.44
CA GLU B 50 32.90 -3.78 14.54
C GLU B 50 32.80 -2.40 13.88
N TYR B 51 32.26 -2.38 12.67
CA TYR B 51 32.01 -1.12 11.94
C TYR B 51 31.03 -0.23 12.70
N GLN B 52 30.04 -0.84 13.33
CA GLN B 52 29.03 -0.10 14.10
C GLN B 52 29.66 0.63 15.28
N GLU B 53 30.56 -0.05 15.99
CA GLU B 53 31.30 0.55 17.09
C GLU B 53 32.05 1.79 16.61
N LEU B 54 32.77 1.65 15.50
CA LEU B 54 33.43 2.79 14.82
C LEU B 54 32.42 3.87 14.44
N ASN B 55 31.34 3.43 13.80
CA ASN B 55 30.24 4.30 13.36
C ASN B 55 29.69 5.17 14.50
N PHE B 56 29.48 4.55 15.66
CA PHE B 56 28.89 5.27 16.81
C PHE B 56 29.90 6.12 17.59
N GLN B 57 31.18 5.98 17.28
CA GLN B 57 32.23 6.83 17.86
C GLN B 57 32.38 8.18 17.16
N ARG B 58 31.67 8.38 16.05
CA ARG B 58 31.76 9.63 15.29
C ARG B 58 31.40 10.86 16.13
N GLU B 59 32.27 11.86 16.11
CA GLU B 59 32.04 13.14 16.79
C GLU B 59 31.77 14.31 15.82
N ALA B 60 32.50 14.32 14.71
CA ALA B 60 32.54 15.48 13.80
C ALA B 60 31.71 15.29 12.53
N LEU B 61 31.78 14.09 11.96
CA LEU B 61 31.11 13.76 10.70
C LEU B 61 29.65 13.40 10.93
N THR B 62 28.76 13.99 10.13
CA THR B 62 27.38 13.55 10.05
C THR B 62 27.15 12.91 8.68
N VAL B 63 26.39 11.81 8.66
CA VAL B 63 26.10 11.08 7.44
C VAL B 63 24.61 10.76 7.32
N ASN B 64 23.99 11.24 6.25
CA ASN B 64 22.57 11.03 6.00
C ASN B 64 21.69 11.47 7.17
N PRO B 65 21.69 12.79 7.46
CA PRO B 65 20.93 13.30 8.60
C PRO B 65 19.42 13.08 8.47
N ALA B 66 18.75 12.98 9.61
CA ALA B 66 17.30 12.88 9.67
C ALA B 66 16.71 14.19 10.20
N LYS B 67 17.13 15.30 9.59
CA LYS B 67 16.61 16.63 9.94
C LYS B 67 16.97 17.66 8.87
N ALA B 68 16.22 18.77 8.91
CA ALA B 68 16.46 19.93 8.07
C ALA B 68 16.73 21.14 8.98
N CYS B 69 16.84 22.33 8.38
CA CYS B 69 17.26 23.52 9.12
C CYS B 69 16.10 24.48 9.42
N GLN B 70 16.30 25.30 10.46
CA GLN B 70 15.23 26.14 11.04
C GLN B 70 14.32 26.85 10.04
N PRO B 71 14.89 27.64 9.11
CA PRO B 71 14.03 28.44 8.24
C PRO B 71 13.00 27.64 7.41
N LEU B 72 13.26 26.34 7.19
CA LEU B 72 12.29 25.47 6.54
C LEU B 72 10.98 25.44 7.32
N GLY B 73 11.09 25.27 8.64
CA GLY B 73 9.92 25.24 9.52
C GLY B 73 9.19 26.58 9.57
N ALA B 74 9.97 27.66 9.67
CA ALA B 74 9.45 29.02 9.68
C ALA B 74 8.60 29.32 8.45
N VAL B 75 9.05 28.83 7.30
CA VAL B 75 8.31 28.98 6.05
C VAL B 75 6.97 28.23 6.12
N LEU B 76 7.03 26.96 6.52
CA LEU B 76 5.82 26.14 6.64
C LEU B 76 4.83 26.77 7.62
N CYS B 77 5.35 27.29 8.72
CA CYS B 77 4.54 27.96 9.73
C CYS B 77 3.87 29.21 9.15
N ALA B 78 4.64 29.99 8.41
CA ALA B 78 4.18 31.23 7.79
C ALA B 78 3.14 30.97 6.69
N LEU B 79 3.35 29.88 5.94
CA LEU B 79 2.40 29.40 4.92
C LEU B 79 1.01 29.09 5.48
N GLY B 80 0.89 28.91 6.79
CA GLY B 80 -0.39 28.60 7.44
C GLY B 80 -1.27 29.79 7.76
N PHE B 81 -0.80 31.00 7.44
CA PHE B 81 -1.55 32.22 7.75
C PHE B 81 -2.14 32.86 6.49
N GLU B 82 -3.29 33.51 6.67
CA GLU B 82 -4.08 34.00 5.54
C GLU B 82 -3.33 35.03 4.71
N LYS B 83 -3.20 34.74 3.42
CA LYS B 83 -2.60 35.66 2.46
C LYS B 83 -1.25 36.22 2.90
N THR B 84 -0.43 35.38 3.53
CA THR B 84 0.87 35.83 4.01
C THR B 84 1.98 35.20 3.18
N MET B 85 2.98 36.02 2.85
CA MET B 85 4.15 35.56 2.13
C MET B 85 5.26 35.23 3.14
N PRO B 86 5.72 33.98 3.16
CA PRO B 86 6.96 33.73 3.88
C PRO B 86 8.12 34.41 3.15
N TYR B 87 8.98 35.03 3.94
CA TYR B 87 10.05 35.87 3.45
C TYR B 87 11.25 35.50 4.29
N VAL B 88 12.32 35.04 3.64
CA VAL B 88 13.53 34.66 4.37
C VAL B 88 14.63 35.68 4.06
N HIS B 89 14.89 36.54 5.04
CA HIS B 89 15.96 37.51 4.99
C HIS B 89 17.30 36.79 4.97
N GLY B 90 18.09 37.00 3.92
CA GLY B 90 19.39 36.34 3.76
C GLY B 90 19.69 36.03 2.31
N SER B 91 20.44 34.97 2.08
CA SER B 91 20.83 34.54 0.74
C SER B 91 19.74 33.69 0.08
N GLN B 92 19.63 33.80 -1.24
CA GLN B 92 18.50 33.26 -2.01
C GLN B 92 18.52 31.74 -2.25
N GLY B 93 19.71 31.15 -2.34
CA GLY B 93 19.86 29.69 -2.51
C GLY B 93 18.99 28.88 -1.56
N CYS B 94 18.92 29.35 -0.32
CA CYS B 94 18.08 28.74 0.71
C CYS B 94 16.62 28.61 0.28
N VAL B 95 16.04 29.72 -0.19
CA VAL B 95 14.63 29.75 -0.57
C VAL B 95 14.34 28.82 -1.77
N ALA B 96 15.26 28.79 -2.73
CA ALA B 96 15.17 27.84 -3.84
C ALA B 96 15.03 26.40 -3.32
N TYR B 97 15.85 26.05 -2.32
CA TYR B 97 15.82 24.71 -1.71
C TYR B 97 14.58 24.44 -0.85
N PHE B 98 14.15 25.43 -0.07
CA PHE B 98 12.97 25.25 0.79
C PHE B 98 11.75 24.95 -0.06
N ARG B 99 11.55 25.77 -1.08
CA ARG B 99 10.42 25.62 -1.99
C ARG B 99 10.43 24.25 -2.66
N SER B 100 11.58 23.88 -3.22
CA SER B 100 11.74 22.61 -3.94
C SER B 100 11.47 21.41 -3.05
N TYR B 101 11.92 21.48 -1.81
CA TYR B 101 11.78 20.41 -0.82
C TYR B 101 10.30 20.16 -0.55
N PHE B 102 9.57 21.23 -0.27
CA PHE B 102 8.13 21.15 -0.07
C PHE B 102 7.37 20.85 -1.38
N ASN B 103 7.80 21.44 -2.50
CA ASN B 103 7.22 21.11 -3.80
C ASN B 103 7.18 19.61 -3.97
N ARG B 104 8.34 18.98 -3.76
CA ARG B 104 8.50 17.55 -3.94
C ARG B 104 7.65 16.69 -2.98
N HIS B 105 7.42 17.16 -1.76
CA HIS B 105 6.64 16.40 -0.77
C HIS B 105 5.12 16.55 -0.97
N PHE B 106 4.67 17.77 -1.18
CA PHE B 106 3.23 18.06 -1.32
C PHE B 106 2.74 18.01 -2.75
N ARG B 107 3.68 18.03 -3.69
CA ARG B 107 3.36 18.17 -5.12
C ARG B 107 2.41 19.33 -5.34
N GLU B 108 2.77 20.47 -4.77
CA GLU B 108 2.00 21.71 -4.89
C GLU B 108 2.96 22.88 -5.08
N PRO B 109 2.43 24.04 -5.49
CA PRO B 109 3.25 25.25 -5.43
C PRO B 109 3.55 25.62 -3.99
N VAL B 110 4.73 26.18 -3.76
CA VAL B 110 5.15 26.64 -2.45
C VAL B 110 5.75 28.03 -2.63
N SER B 111 4.99 29.06 -2.26
CA SER B 111 5.42 30.43 -2.47
C SER B 111 6.24 30.94 -1.29
N CYS B 112 7.39 31.53 -1.61
CA CYS B 112 8.34 32.01 -0.62
C CYS B 112 9.33 32.93 -1.32
N VAL B 113 9.73 34.00 -0.64
CA VAL B 113 10.69 34.94 -1.22
C VAL B 113 11.96 35.08 -0.40
N SER B 114 12.94 35.71 -1.03
CA SER B 114 14.22 36.04 -0.43
C SER B 114 14.43 37.53 -0.70
N ASP B 115 15.33 38.16 0.06
CA ASP B 115 15.79 39.51 -0.28
C ASP B 115 17.20 39.50 -0.89
N SER B 116 17.65 38.32 -1.26
CA SER B 116 18.86 38.14 -2.05
C SER B 116 20.04 38.93 -1.52
N MET B 117 20.43 38.66 -0.28
CA MET B 117 21.62 39.26 0.29
C MET B 117 22.87 38.66 -0.35
N THR B 118 23.77 39.53 -0.80
CA THR B 118 24.97 39.13 -1.53
C THR B 118 26.26 39.34 -0.72
N GLU B 119 27.37 38.99 -1.35
CA GLU B 119 28.73 39.21 -0.83
C GLU B 119 28.91 40.50 -0.03
N ASP B 120 28.51 41.63 -0.61
CA ASP B 120 28.78 42.96 -0.04
C ASP B 120 27.98 43.26 1.23
N ALA B 121 26.83 42.61 1.38
CA ALA B 121 25.99 42.77 2.58
C ALA B 121 26.64 42.19 3.82
N ALA B 122 27.55 41.23 3.62
CA ALA B 122 28.34 40.66 4.72
C ALA B 122 29.16 41.71 5.46
N VAL B 123 29.63 42.72 4.73
CA VAL B 123 30.41 43.81 5.31
C VAL B 123 29.52 44.92 5.91
N PHE B 124 28.43 45.25 5.23
CA PHE B 124 27.63 46.44 5.56
C PHE B 124 26.16 46.18 5.93
N GLY B 125 25.77 44.90 5.97
CA GLY B 125 24.44 44.51 6.46
C GLY B 125 23.38 44.37 5.39
N GLY B 126 22.25 43.78 5.77
CA GLY B 126 21.13 43.51 4.85
C GLY B 126 19.97 44.48 4.96
N GLN B 127 20.26 45.69 5.44
CA GLN B 127 19.22 46.69 5.70
C GLN B 127 18.48 47.09 4.43
N GLN B 128 19.24 47.47 3.40
CA GLN B 128 18.64 47.90 2.12
C GLN B 128 17.86 46.77 1.45
N ASN B 129 18.34 45.55 1.62
CA ASN B 129 17.64 44.36 1.13
C ASN B 129 16.25 44.25 1.71
N MET B 130 16.17 44.45 3.02
CA MET B 130 14.88 44.43 3.73
C MET B 130 13.93 45.51 3.22
N LYS B 131 14.44 46.73 3.09
CA LYS B 131 13.65 47.88 2.64
C LYS B 131 13.06 47.65 1.25
N ASP B 132 13.93 47.34 0.30
CA ASP B 132 13.50 47.09 -1.08
C ASP B 132 12.75 45.75 -1.19
N GLY B 133 13.24 44.74 -0.48
CA GLY B 133 12.61 43.42 -0.46
C GLY B 133 11.13 43.45 -0.07
N LEU B 134 10.83 44.07 1.06
CA LEU B 134 9.46 44.16 1.56
C LEU B 134 8.56 44.92 0.58
N GLN B 135 9.04 46.08 0.14
CA GLN B 135 8.28 46.92 -0.79
C GLN B 135 8.01 46.22 -2.13
N ASN B 136 8.99 45.45 -2.60
CA ASN B 136 8.88 44.72 -3.86
C ASN B 136 7.89 43.57 -3.77
N CYS B 137 8.02 42.81 -2.69
CA CYS B 137 7.14 41.68 -2.42
C CYS B 137 5.69 42.15 -2.21
N LYS B 138 5.55 43.17 -1.37
CA LYS B 138 4.24 43.75 -1.04
C LYS B 138 3.50 44.18 -2.30
N ALA B 139 4.24 44.80 -3.22
CA ALA B 139 3.67 45.31 -4.48
C ALA B 139 3.40 44.19 -5.49
N THR B 140 4.35 43.27 -5.62
CA THR B 140 4.33 42.29 -6.71
C THR B 140 3.39 41.12 -6.44
N TYR B 141 3.40 40.61 -5.22
CA TYR B 141 2.61 39.43 -4.86
C TYR B 141 1.39 39.73 -4.01
N LYS B 142 1.30 40.96 -3.53
CA LYS B 142 0.12 41.48 -2.83
C LYS B 142 -0.40 40.61 -1.68
N PRO B 143 0.49 40.26 -0.73
CA PRO B 143 0.04 39.59 0.47
C PRO B 143 -0.54 40.58 1.47
N ASP B 144 -1.36 40.08 2.39
CA ASP B 144 -1.86 40.89 3.51
C ASP B 144 -0.87 40.92 4.67
N MET B 145 0.14 40.05 4.62
CA MET B 145 1.16 39.96 5.67
C MET B 145 2.43 39.32 5.13
N ILE B 146 3.57 39.71 5.69
CA ILE B 146 4.86 39.14 5.31
C ILE B 146 5.57 38.61 6.56
N ALA B 147 5.85 37.31 6.56
CA ALA B 147 6.45 36.64 7.71
C ALA B 147 7.95 36.43 7.49
N VAL B 148 8.75 37.16 8.26
CA VAL B 148 10.19 37.24 8.02
C VAL B 148 10.99 36.27 8.88
N SER B 149 11.82 35.46 8.21
CA SER B 149 12.78 34.58 8.89
C SER B 149 14.17 34.86 8.34
N THR B 150 15.16 34.06 8.74
CA THR B 150 16.56 34.33 8.37
C THR B 150 17.31 33.08 7.91
N THR B 151 18.32 33.30 7.06
CA THR B 151 19.27 32.26 6.68
C THR B 151 20.52 32.45 7.56
N CYS B 152 21.43 31.48 7.53
CA CYS B 152 22.59 31.51 8.43
C CYS B 152 23.55 32.68 8.16
N MET B 153 23.73 33.02 6.87
CA MET B 153 24.49 34.21 6.47
C MET B 153 24.06 35.44 7.27
N ALA B 154 22.75 35.70 7.26
CA ALA B 154 22.17 36.86 7.92
C ALA B 154 22.34 36.79 9.45
N GLU B 155 22.27 35.58 9.99
CA GLU B 155 22.47 35.37 11.42
C GLU B 155 23.92 35.61 11.83
N VAL B 156 24.85 35.04 11.06
CA VAL B 156 26.29 35.21 11.32
C VAL B 156 26.75 36.66 11.30
N ILE B 157 26.24 37.43 10.33
CA ILE B 157 26.59 38.86 10.23
C ILE B 157 25.82 39.71 11.25
N GLY B 158 24.79 39.14 11.86
CA GLY B 158 24.12 39.73 13.01
C GLY B 158 23.15 40.85 12.69
N ASP B 159 22.47 40.73 11.56
CA ASP B 159 21.49 41.74 11.14
C ASP B 159 20.30 41.80 12.08
N ASP B 160 20.08 42.97 12.69
CA ASP B 160 18.96 43.21 13.59
C ASP B 160 17.65 43.30 12.79
N LEU B 161 16.92 42.19 12.75
CA LEU B 161 15.65 42.12 12.02
C LEU B 161 14.64 43.17 12.47
N ASN B 162 14.53 43.34 13.79
CA ASN B 162 13.56 44.27 14.37
C ASN B 162 13.74 45.69 13.85
N ALA B 163 14.97 46.18 13.97
CA ALA B 163 15.33 47.53 13.53
C ALA B 163 15.15 47.69 12.02
N PHE B 164 15.68 46.73 11.28
CA PHE B 164 15.58 46.71 9.81
C PHE B 164 14.15 46.82 9.28
N ILE B 165 13.21 46.20 9.99
CA ILE B 165 11.79 46.25 9.62
C ILE B 165 11.18 47.58 10.06
N ASN B 166 11.52 48.00 11.28
CA ASN B 166 11.11 49.31 11.80
C ASN B 166 11.54 50.45 10.87
N ASN B 167 12.80 50.40 10.42
CA ASN B 167 13.34 51.41 9.49
C ASN B 167 12.66 51.36 8.12
N SER B 168 12.35 50.16 7.66
CA SER B 168 11.64 49.99 6.38
C SER B 168 10.31 50.72 6.42
N LYS B 169 9.63 50.61 7.56
CA LYS B 169 8.37 51.32 7.80
C LYS B 169 8.61 52.80 8.04
N LYS B 170 9.64 53.14 8.82
CA LYS B 170 10.03 54.52 9.07
C LYS B 170 10.28 55.28 7.76
N GLU B 171 11.06 54.67 6.88
CA GLU B 171 11.41 55.27 5.57
C GLU B 171 10.28 55.22 4.53
N GLY B 172 9.17 54.58 4.85
CA GLY B 172 8.01 54.54 3.96
C GLY B 172 8.02 53.47 2.88
N PHE B 173 8.92 52.50 2.99
CA PHE B 173 8.98 51.39 2.02
C PHE B 173 7.75 50.48 2.12
N ILE B 174 7.23 50.32 3.33
CA ILE B 174 5.93 49.68 3.55
C ILE B 174 5.11 50.47 4.56
N PRO B 175 3.77 50.39 4.46
CA PRO B 175 2.94 51.09 5.45
C PRO B 175 3.17 50.56 6.86
N ASP B 176 3.08 51.45 7.83
CA ASP B 176 3.45 51.11 9.21
C ASP B 176 2.46 50.12 9.85
N GLU B 177 1.22 50.12 9.35
CA GLU B 177 0.22 49.15 9.80
C GLU B 177 0.21 47.83 9.00
N PHE B 178 1.09 47.71 8.02
CA PHE B 178 1.26 46.44 7.30
C PHE B 178 1.98 45.42 8.19
N PRO B 179 1.39 44.24 8.40
CA PRO B 179 1.97 43.26 9.33
C PRO B 179 3.24 42.59 8.82
N VAL B 180 4.33 42.79 9.55
CA VAL B 180 5.62 42.17 9.24
C VAL B 180 6.20 41.54 10.51
N PRO B 181 5.60 40.41 10.94
CA PRO B 181 6.20 39.65 12.04
C PRO B 181 7.49 38.99 11.59
N PHE B 182 8.40 38.83 12.54
CA PHE B 182 9.72 38.30 12.26
C PHE B 182 10.15 37.27 13.29
N ALA B 183 11.20 36.55 12.95
CA ALA B 183 11.83 35.59 13.85
C ALA B 183 13.24 35.32 13.39
N HIS B 184 14.19 35.29 14.32
CA HIS B 184 15.52 34.83 14.02
C HIS B 184 15.50 33.31 14.01
N THR B 185 15.96 32.74 12.89
CA THR B 185 15.89 31.30 12.67
C THR B 185 17.24 30.74 12.18
N PRO B 186 18.23 30.66 13.09
CA PRO B 186 19.57 30.22 12.69
C PRO B 186 19.62 28.73 12.38
N SER B 187 20.13 28.37 11.20
CA SER B 187 20.16 26.97 10.78
C SER B 187 21.09 26.13 11.65
N PHE B 188 22.04 26.79 12.30
CA PHE B 188 23.05 26.12 13.14
C PHE B 188 22.57 25.98 14.59
N VAL B 189 21.29 26.24 14.83
CA VAL B 189 20.68 26.00 16.13
C VAL B 189 19.47 25.11 15.93
N GLY B 190 19.46 23.96 16.61
CA GLY B 190 18.35 23.04 16.57
C GLY B 190 18.10 22.45 15.19
N SER B 191 16.85 22.47 14.76
CA SER B 191 16.44 21.93 13.47
C SER B 191 15.22 22.68 12.91
N HIS B 192 14.74 22.20 11.77
CA HIS B 192 13.56 22.78 11.10
C HIS B 192 12.36 22.97 12.02
N VAL B 193 12.18 22.07 12.98
CA VAL B 193 11.05 22.16 13.91
C VAL B 193 11.19 23.38 14.84
N THR B 194 12.44 23.75 15.14
CA THR B 194 12.74 24.91 15.97
C THR B 194 12.37 26.22 15.25
N GLY B 195 12.59 26.26 13.94
CA GLY B 195 12.20 27.41 13.13
C GLY B 195 10.69 27.62 13.11
N TRP B 196 9.95 26.52 13.11
CA TRP B 196 8.50 26.57 13.20
C TRP B 196 8.09 27.27 14.51
N ASP B 197 8.60 26.74 15.62
CA ASP B 197 8.38 27.30 16.96
C ASP B 197 8.76 28.79 17.03
N ASN B 198 9.97 29.12 16.60
CA ASN B 198 10.44 30.50 16.58
C ASN B 198 9.55 31.41 15.74
N MET B 199 9.19 30.97 14.53
CA MET B 199 8.33 31.77 13.67
C MET B 199 6.95 31.99 14.31
N PHE B 200 6.38 30.94 14.88
CA PHE B 200 5.04 31.03 15.46
C PHE B 200 5.00 31.98 16.64
N GLU B 201 5.96 31.84 17.55
CA GLU B 201 6.07 32.73 18.71
C GLU B 201 6.22 34.19 18.26
N GLY B 202 7.05 34.41 17.25
CA GLY B 202 7.25 35.74 16.66
C GLY B 202 5.98 36.37 16.14
N ILE B 203 5.14 35.55 15.49
CA ILE B 203 3.85 36.00 14.97
C ILE B 203 2.84 36.21 16.11
N ALA B 204 2.90 35.33 17.11
CA ALA B 204 2.08 35.47 18.31
C ALA B 204 2.39 36.79 19.01
N ARG B 205 3.67 37.02 19.31
CA ARG B 205 4.16 38.27 19.88
C ARG B 205 3.67 39.48 19.10
N TYR B 206 3.78 39.41 17.77
CA TYR B 206 3.50 40.56 16.92
C TYR B 206 2.07 41.09 17.09
N PHE B 207 1.09 40.19 17.11
CA PHE B 207 -0.32 40.56 17.17
C PHE B 207 -0.90 40.72 18.58
N THR B 208 -0.08 40.47 19.60
CA THR B 208 -0.62 40.34 20.96
C THR B 208 0.21 41.00 22.09
N LEU B 209 1.53 41.04 21.95
CA LEU B 209 2.41 41.46 23.05
C LEU B 209 1.99 42.78 23.70
N LYS B 210 1.68 43.77 22.87
CA LYS B 210 1.37 45.11 23.34
C LYS B 210 -0.13 45.42 23.25
N SER B 211 -0.96 44.41 23.51
CA SER B 211 -2.41 44.55 23.48
C SER B 211 -3.11 43.79 24.62
N MET B 212 -2.36 43.37 25.64
CA MET B 212 -2.87 42.41 26.62
C MET B 212 -3.85 42.98 27.65
N ASP B 213 -3.73 44.27 27.97
CA ASP B 213 -4.61 44.91 28.96
C ASP B 213 -6.09 44.83 28.57
N ASP B 214 -6.34 44.66 27.28
CA ASP B 214 -7.68 44.52 26.72
C ASP B 214 -8.27 43.11 26.93
N LYS B 215 -7.41 42.12 27.16
CA LYS B 215 -7.79 40.71 27.06
C LYS B 215 -8.33 40.12 28.36
N VAL B 216 -9.25 39.16 28.21
CA VAL B 216 -9.80 38.37 29.31
C VAL B 216 -9.82 36.90 28.88
N VAL B 217 -9.12 36.06 29.64
CA VAL B 217 -9.03 34.62 29.34
C VAL B 217 -10.40 33.95 29.36
N GLY B 218 -10.73 33.27 28.26
CA GLY B 218 -11.98 32.51 28.13
C GLY B 218 -13.15 33.30 27.56
N SER B 219 -12.92 34.57 27.22
CA SER B 219 -14.00 35.47 26.82
C SER B 219 -14.58 35.15 25.44
N ASN B 220 -13.80 34.56 24.54
CA ASN B 220 -14.32 34.13 23.22
C ASN B 220 -14.76 32.66 23.20
N LYS B 221 -14.57 31.98 24.33
CA LYS B 221 -15.06 30.61 24.53
C LYS B 221 -14.48 29.56 23.57
N LYS B 222 -13.32 29.88 23.00
CA LYS B 222 -12.65 29.01 22.04
C LYS B 222 -11.44 28.36 22.68
N ILE B 223 -10.95 27.29 22.04
CA ILE B 223 -9.68 26.67 22.39
C ILE B 223 -8.70 26.83 21.24
N ASN B 224 -7.57 27.49 21.51
CA ASN B 224 -6.50 27.61 20.53
C ASN B 224 -5.81 26.27 20.32
N ILE B 225 -5.51 25.94 19.06
CA ILE B 225 -4.82 24.71 18.69
C ILE B 225 -3.59 25.07 17.86
N VAL B 226 -2.41 24.75 18.37
CA VAL B 226 -1.15 24.98 17.64
C VAL B 226 -0.66 23.63 17.13
N PRO B 227 -0.64 23.44 15.79
CA PRO B 227 -0.33 22.13 15.21
C PRO B 227 1.15 21.76 15.24
N GLY B 228 2.02 22.75 15.14
CA GLY B 228 3.45 22.52 14.99
C GLY B 228 3.82 22.19 13.56
N PHE B 229 5.08 21.82 13.34
CA PHE B 229 5.56 21.40 12.02
C PHE B 229 4.80 20.16 11.58
N GLU B 230 3.96 20.31 10.57
CA GLU B 230 3.00 19.27 10.20
C GLU B 230 2.86 19.12 8.68
N THR B 231 3.21 17.95 8.17
CA THR B 231 3.29 17.71 6.73
C THR B 231 2.23 16.75 6.18
N TYR B 232 1.27 16.38 7.02
CA TYR B 232 0.12 15.57 6.60
C TYR B 232 -1.13 16.45 6.62
N LEU B 233 -1.75 16.64 5.46
CA LEU B 233 -2.94 17.48 5.34
C LEU B 233 -4.06 16.97 6.24
N GLY B 234 -4.17 15.64 6.31
CA GLY B 234 -5.22 14.97 7.08
C GLY B 234 -5.14 15.20 8.58
N ASN B 235 -3.96 15.57 9.07
CA ASN B 235 -3.77 15.87 10.48
C ASN B 235 -4.41 17.18 10.88
N PHE B 236 -4.24 18.20 10.05
CA PHE B 236 -4.96 19.45 10.22
C PHE B 236 -6.47 19.18 10.16
N ARG B 237 -6.88 18.44 9.14
CA ARG B 237 -8.29 18.20 8.87
C ARG B 237 -8.97 17.32 9.92
N VAL B 238 -8.25 16.33 10.46
CA VAL B 238 -8.82 15.45 11.48
C VAL B 238 -9.10 16.18 12.79
N ILE B 239 -8.20 17.10 13.17
CA ILE B 239 -8.34 17.87 14.42
C ILE B 239 -9.54 18.82 14.37
N LYS B 240 -9.72 19.49 13.24
CA LYS B 240 -10.86 20.37 13.04
C LYS B 240 -12.18 19.58 13.01
N ARG B 241 -12.16 18.44 12.34
CA ARG B 241 -13.33 17.56 12.22
C ARG B 241 -13.80 17.05 13.58
N MET B 242 -12.85 16.56 14.38
CA MET B 242 -13.13 16.07 15.73
C MET B 242 -13.68 17.17 16.64
N LEU B 243 -13.04 18.33 16.61
CA LEU B 243 -13.48 19.48 17.42
C LEU B 243 -14.85 20.00 16.99
N SER B 244 -15.12 19.97 15.69
CA SER B 244 -16.43 20.34 15.16
C SER B 244 -17.52 19.35 15.61
N GLU B 245 -17.19 18.06 15.58
CA GLU B 245 -18.09 16.99 16.07
C GLU B 245 -18.45 17.19 17.55
N MET B 246 -17.50 17.65 18.34
CA MET B 246 -17.72 17.92 19.77
C MET B 246 -18.52 19.19 20.01
N GLY B 247 -18.62 20.04 18.99
CA GLY B 247 -19.29 21.33 19.12
C GLY B 247 -18.42 22.29 19.91
N VAL B 248 -17.12 22.07 19.84
CA VAL B 248 -16.14 22.91 20.51
C VAL B 248 -15.74 24.04 19.58
N GLY B 249 -15.75 25.27 20.10
CA GLY B 249 -15.22 26.42 19.38
C GLY B 249 -13.71 26.40 19.46
N TYR B 250 -13.04 26.65 18.34
CA TYR B 250 -11.58 26.52 18.30
C TYR B 250 -10.93 27.49 17.31
N SER B 251 -9.64 27.69 17.47
CA SER B 251 -8.82 28.42 16.52
C SER B 251 -7.55 27.63 16.24
N LEU B 252 -7.46 27.07 15.03
CA LEU B 252 -6.26 26.40 14.56
C LEU B 252 -5.26 27.45 14.12
N LEU B 253 -4.20 27.63 14.89
CA LEU B 253 -3.23 28.71 14.63
C LEU B 253 -2.05 28.18 13.80
N SER B 254 -2.01 28.64 12.55
CA SER B 254 -1.20 28.09 11.46
C SER B 254 -1.92 26.91 10.81
N ASP B 255 -2.73 27.22 9.80
CA ASP B 255 -3.48 26.20 9.06
C ASP B 255 -3.18 26.30 7.56
N PRO B 256 -2.16 25.54 7.10
CA PRO B 256 -1.78 25.53 5.69
C PRO B 256 -2.56 24.56 4.79
N GLU B 257 -3.58 23.90 5.33
CA GLU B 257 -4.25 22.81 4.60
C GLU B 257 -4.94 23.23 3.30
N GLU B 258 -5.35 24.49 3.22
CA GLU B 258 -5.96 25.01 1.98
C GLU B 258 -4.91 25.37 0.92
N VAL B 259 -3.87 26.11 1.31
CA VAL B 259 -2.79 26.51 0.38
C VAL B 259 -1.99 25.34 -0.18
N LEU B 260 -1.85 24.29 0.63
CA LEU B 260 -1.11 23.10 0.24
C LEU B 260 -2.00 22.08 -0.48
N ASP B 261 -3.17 22.52 -0.94
CA ASP B 261 -4.13 21.60 -1.54
C ASP B 261 -5.18 22.36 -2.38
N THR B 262 -4.72 23.30 -3.20
CA THR B 262 -5.64 24.04 -4.05
C THR B 262 -6.10 23.19 -5.23
N PRO B 263 -7.35 23.38 -5.68
CA PRO B 263 -7.81 22.65 -6.86
C PRO B 263 -7.13 23.09 -8.15
N ALA B 264 -6.91 22.14 -9.04
CA ALA B 264 -6.49 22.43 -10.41
C ALA B 264 -7.76 22.71 -11.23
N ASP B 265 -8.08 23.98 -11.42
CA ASP B 265 -9.32 24.38 -12.11
C ASP B 265 -9.18 25.48 -13.16
N GLY B 266 -7.96 25.71 -13.63
CA GLY B 266 -7.69 26.72 -14.66
C GLY B 266 -6.98 27.96 -14.14
N GLN B 267 -7.02 28.19 -12.83
CA GLN B 267 -6.27 29.30 -12.24
C GLN B 267 -5.34 28.88 -11.10
N PHE B 268 -4.18 29.51 -11.03
CA PHE B 268 -3.26 29.35 -9.92
C PHE B 268 -3.67 30.31 -8.80
N ARG B 269 -3.71 29.77 -7.58
CA ARG B 269 -3.96 30.58 -6.39
C ARG B 269 -2.73 30.53 -5.51
N MET B 270 -2.07 31.68 -5.36
CA MET B 270 -0.92 31.78 -4.49
C MET B 270 -1.32 31.60 -3.01
N TYR B 271 -2.43 32.23 -2.62
CA TYR B 271 -2.93 32.17 -1.25
C TYR B 271 -4.29 31.47 -1.19
N ALA B 272 -4.51 30.73 -0.10
CA ALA B 272 -5.78 30.04 0.13
C ALA B 272 -5.98 29.72 1.61
N GLY B 273 -7.14 30.07 2.14
CA GLY B 273 -7.49 29.81 3.53
C GLY B 273 -6.48 30.39 4.51
N GLY B 274 -6.11 29.61 5.52
CA GLY B 274 -5.11 30.02 6.50
C GLY B 274 -5.71 30.68 7.73
N THR B 275 -4.90 30.75 8.78
CA THR B 275 -5.25 31.46 10.01
C THR B 275 -5.25 32.95 9.73
N THR B 276 -6.34 33.62 10.13
CA THR B 276 -6.47 35.05 9.90
C THR B 276 -5.65 35.83 10.93
N GLN B 277 -5.35 37.08 10.59
CA GLN B 277 -4.63 37.98 11.50
C GLN B 277 -5.45 38.20 12.77
N GLU B 278 -6.75 38.31 12.60
CA GLU B 278 -7.66 38.63 13.69
C GLU B 278 -7.86 37.43 14.63
N GLU B 279 -7.80 36.22 14.09
CA GLU B 279 -7.73 35.01 14.92
C GLU B 279 -6.52 35.06 15.86
N MET B 280 -5.41 35.59 15.35
CA MET B 280 -4.18 35.70 16.12
C MET B 280 -4.25 36.82 17.16
N LYS B 281 -4.86 37.94 16.79
CA LYS B 281 -5.08 39.06 17.71
C LYS B 281 -5.99 38.66 18.87
N ASP B 282 -6.99 37.83 18.57
CA ASP B 282 -8.02 37.44 19.53
C ASP B 282 -7.65 36.17 20.33
N ALA B 283 -6.52 35.57 20.01
CA ALA B 283 -6.06 34.33 20.64
C ALA B 283 -5.99 34.36 22.19
N PRO B 284 -5.49 35.46 22.77
CA PRO B 284 -5.47 35.60 24.24
C PRO B 284 -6.83 35.46 24.95
N ASN B 285 -7.93 35.74 24.23
CA ASN B 285 -9.28 35.57 24.76
C ASN B 285 -9.79 34.13 24.81
N ALA B 286 -8.97 33.19 24.33
CA ALA B 286 -9.29 31.77 24.38
C ALA B 286 -9.34 31.26 25.82
N LEU B 287 -10.10 30.17 26.02
CA LEU B 287 -10.13 29.47 27.31
C LEU B 287 -8.76 28.95 27.66
N ASN B 288 -8.11 28.36 26.66
CA ASN B 288 -6.80 27.75 26.81
C ASN B 288 -6.17 27.55 25.42
N THR B 289 -4.93 27.10 25.41
CA THR B 289 -4.20 26.81 24.18
C THR B 289 -3.62 25.41 24.26
N VAL B 290 -3.90 24.60 23.25
CA VAL B 290 -3.42 23.22 23.20
C VAL B 290 -2.31 23.07 22.16
N LEU B 291 -1.14 22.66 22.61
CA LEU B 291 0.00 22.41 21.73
C LEU B 291 -0.04 20.95 21.28
N LEU B 292 -0.24 20.74 19.98
CA LEU B 292 -0.34 19.37 19.44
C LEU B 292 1.01 18.66 19.47
N GLN B 293 2.08 19.41 19.27
CA GLN B 293 3.44 18.87 19.25
C GLN B 293 4.33 19.65 20.25
N PRO B 294 4.17 19.37 21.55
CA PRO B 294 4.80 20.14 22.62
C PRO B 294 6.33 20.07 22.68
N TRP B 295 6.92 18.98 22.21
CA TRP B 295 8.38 18.79 22.31
C TRP B 295 9.20 19.65 21.33
N HIS B 296 8.54 20.31 20.37
CA HIS B 296 9.20 21.39 19.61
C HIS B 296 8.43 22.73 19.64
N LEU B 297 7.57 22.92 20.62
CA LEU B 297 6.84 24.19 20.78
C LEU B 297 7.07 24.78 22.17
N GLU B 298 8.32 24.72 22.63
CA GLU B 298 8.71 25.14 23.98
C GLU B 298 8.60 26.66 24.11
N LYS B 299 9.25 27.36 23.19
CA LYS B 299 9.25 28.83 23.17
C LYS B 299 7.83 29.40 23.14
N THR B 300 7.00 28.82 22.27
CA THR B 300 5.58 29.20 22.16
C THR B 300 4.83 28.99 23.47
N LYS B 301 5.08 27.86 24.13
CA LYS B 301 4.44 27.54 25.41
C LYS B 301 4.75 28.62 26.44
N LYS B 302 6.03 28.98 26.53
CA LYS B 302 6.48 30.02 27.46
C LYS B 302 5.78 31.36 27.21
N PHE B 303 5.55 31.68 25.93
CA PHE B 303 4.88 32.93 25.58
C PHE B 303 3.38 32.89 25.87
N VAL B 304 2.71 31.80 25.50
CA VAL B 304 1.27 31.67 25.76
C VAL B 304 0.96 31.59 27.26
N GLU B 305 1.83 30.93 28.01
CA GLU B 305 1.70 30.88 29.46
C GLU B 305 2.11 32.20 30.11
N GLY B 306 3.22 32.77 29.65
CA GLY B 306 3.79 33.98 30.23
C GLY B 306 3.01 35.26 29.93
N THR B 307 2.55 35.41 28.69
CA THR B 307 1.85 36.62 28.27
C THR B 307 0.33 36.44 28.22
N TRP B 308 -0.13 35.38 27.55
CA TRP B 308 -1.57 35.11 27.44
C TRP B 308 -2.19 34.56 28.74
N LYS B 309 -1.33 34.12 29.67
CA LYS B 309 -1.77 33.57 30.97
C LYS B 309 -2.65 32.33 30.83
N HIS B 310 -2.44 31.55 29.79
CA HIS B 310 -3.15 30.29 29.59
C HIS B 310 -2.44 29.16 30.32
N GLU B 311 -3.23 28.23 30.87
CA GLU B 311 -2.70 27.06 31.58
C GLU B 311 -2.62 25.87 30.60
N VAL B 312 -1.64 25.95 29.71
CA VAL B 312 -1.45 24.95 28.65
C VAL B 312 -1.43 23.54 29.24
N PRO B 313 -2.43 22.70 28.89
CA PRO B 313 -2.50 21.36 29.45
C PRO B 313 -1.28 20.52 29.10
N LYS B 314 -0.87 19.68 30.04
CA LYS B 314 0.20 18.70 29.79
C LYS B 314 -0.40 17.54 29.01
N LEU B 315 -0.28 17.62 27.70
CA LEU B 315 -0.82 16.61 26.80
C LEU B 315 0.22 16.15 25.81
N ASN B 316 0.25 14.84 25.57
CA ASN B 316 1.08 14.28 24.50
C ASN B 316 0.39 14.50 23.16
N ILE B 317 1.18 14.42 22.08
CA ILE B 317 0.63 14.44 20.73
C ILE B 317 -0.51 13.42 20.64
N PRO B 318 -1.68 13.84 20.12
CA PRO B 318 -2.80 12.90 20.02
C PRO B 318 -2.59 11.84 18.91
N MET B 319 -1.70 10.90 19.20
CA MET B 319 -1.43 9.76 18.34
C MET B 319 -1.70 8.47 19.11
N GLY B 320 -2.25 7.49 18.43
CA GLY B 320 -2.63 6.23 19.06
C GLY B 320 -3.89 6.36 19.90
N LEU B 321 -4.17 5.31 20.65
CA LEU B 321 -5.44 5.19 21.38
C LEU B 321 -5.48 6.05 22.65
N ASP B 322 -4.52 5.83 23.55
CA ASP B 322 -4.51 6.50 24.86
C ASP B 322 -4.43 8.03 24.77
N TRP B 323 -3.56 8.52 23.90
CA TRP B 323 -3.31 9.97 23.82
C TRP B 323 -4.40 10.72 23.05
N THR B 324 -5.12 10.02 22.17
CA THR B 324 -6.30 10.59 21.55
C THR B 324 -7.43 10.69 22.57
N ASP B 325 -7.55 9.68 23.44
CA ASP B 325 -8.52 9.71 24.55
C ASP B 325 -8.25 10.87 25.49
N GLU B 326 -7.00 10.95 25.94
CA GLU B 326 -6.57 12.02 26.85
C GLU B 326 -6.74 13.40 26.25
N PHE B 327 -6.48 13.52 24.96
CA PHE B 327 -6.66 14.78 24.22
C PHE B 327 -8.14 15.19 24.26
N LEU B 328 -9.01 14.27 23.84
CA LEU B 328 -10.46 14.50 23.83
C LEU B 328 -11.05 14.82 25.20
N MET B 329 -10.60 14.10 26.22
CA MET B 329 -11.07 14.32 27.59
C MET B 329 -10.58 15.64 28.16
N LYS B 330 -9.39 16.06 27.77
CA LYS B 330 -8.88 17.37 28.16
C LYS B 330 -9.64 18.48 27.44
N VAL B 331 -9.95 18.28 26.17
CA VAL B 331 -10.74 19.23 25.38
C VAL B 331 -12.17 19.37 25.93
N SER B 332 -12.72 18.25 26.40
CA SER B 332 -14.05 18.22 27.02
C SER B 332 -14.04 18.98 28.34
N GLU B 333 -12.97 18.80 29.11
CA GLU B 333 -12.79 19.48 30.39
C GLU B 333 -12.73 21.00 30.21
N ILE B 334 -11.90 21.45 29.27
CA ILE B 334 -11.69 22.89 29.03
C ILE B 334 -12.94 23.56 28.44
N SER B 335 -13.56 22.90 27.46
CA SER B 335 -14.70 23.48 26.74
C SER B 335 -16.04 23.29 27.45
N GLY B 336 -16.14 22.23 28.25
CA GLY B 336 -17.41 21.87 28.90
C GLY B 336 -18.37 21.11 28.00
N GLN B 337 -17.90 20.74 26.81
CA GLN B 337 -18.66 19.89 25.90
C GLN B 337 -18.40 18.43 26.21
N PRO B 338 -19.43 17.57 26.12
CA PRO B 338 -19.19 16.15 26.26
C PRO B 338 -18.63 15.57 24.97
N ILE B 339 -17.92 14.45 25.08
CA ILE B 339 -17.42 13.75 23.91
C ILE B 339 -18.61 13.06 23.25
N PRO B 340 -18.88 13.36 21.97
CA PRO B 340 -20.10 12.89 21.34
C PRO B 340 -20.11 11.39 21.04
N ALA B 341 -21.28 10.89 20.67
CA ALA B 341 -21.48 9.47 20.38
C ALA B 341 -20.64 9.03 19.17
N SER B 342 -20.45 9.95 18.22
CA SER B 342 -19.71 9.67 16.99
C SER B 342 -18.25 9.34 17.24
N LEU B 343 -17.60 10.10 18.12
CA LEU B 343 -16.19 9.87 18.48
C LEU B 343 -16.02 8.61 19.32
N THR B 344 -16.97 8.37 20.22
CA THR B 344 -17.00 7.14 21.02
C THR B 344 -17.07 5.91 20.13
N LYS B 345 -17.97 5.97 19.14
CA LYS B 345 -18.13 4.89 18.15
C LYS B 345 -16.85 4.67 17.34
N GLU B 346 -16.31 5.76 16.81
CA GLU B 346 -15.06 5.73 16.03
C GLU B 346 -13.89 5.17 16.83
N ARG B 347 -13.85 5.48 18.13
CA ARG B 347 -12.83 4.91 19.02
C ARG B 347 -12.92 3.39 19.04
N GLY B 348 -14.14 2.90 19.22
CA GLY B 348 -14.40 1.46 19.27
C GLY B 348 -14.17 0.71 17.96
N ARG B 349 -14.26 1.42 16.85
CA ARG B 349 -13.98 0.84 15.54
C ARG B 349 -12.47 0.73 15.33
N LEU B 350 -11.71 1.64 15.94
CA LEU B 350 -10.26 1.55 15.98
C LEU B 350 -9.85 0.33 16.82
N VAL B 351 -10.43 0.22 18.00
CA VAL B 351 -10.18 -0.92 18.90
C VAL B 351 -10.57 -2.24 18.23
N ASP B 352 -11.70 -2.23 17.52
CA ASP B 352 -12.15 -3.41 16.77
C ASP B 352 -11.13 -3.84 15.72
N MET B 353 -10.57 -2.86 15.02
CA MET B 353 -9.50 -3.11 14.04
C MET B 353 -8.26 -3.69 14.71
N MET B 354 -7.92 -3.14 15.88
CA MET B 354 -6.80 -3.63 16.68
C MET B 354 -6.98 -5.10 17.07
N THR B 355 -8.20 -5.48 17.44
CA THR B 355 -8.49 -6.87 17.82
C THR B 355 -8.48 -7.83 16.62
N ASP B 356 -8.88 -7.35 15.46
CA ASP B 356 -8.89 -8.16 14.24
C ASP B 356 -7.50 -8.41 13.68
N SER B 357 -6.58 -7.48 13.93
CA SER B 357 -5.25 -7.50 13.32
C SER B 357 -4.11 -7.88 14.25
N HIS B 358 -4.40 -7.99 15.55
CA HIS B 358 -3.35 -8.15 16.57
C HIS B 358 -2.40 -9.35 16.37
N THR B 359 -2.87 -10.42 15.75
CA THR B 359 -2.06 -11.63 15.59
C THR B 359 -0.92 -11.46 14.60
N TRP B 360 -1.11 -10.60 13.60
CA TRP B 360 -0.04 -10.31 12.64
C TRP B 360 0.90 -9.23 13.16
N LEU B 361 0.37 -8.34 14.00
CA LEU B 361 1.16 -7.26 14.57
C LEU B 361 2.01 -7.71 15.76
N HIS B 362 1.58 -8.74 16.48
CA HIS B 362 2.24 -9.14 17.72
C HIS B 362 3.73 -9.48 17.52
N GLY B 363 4.57 -8.81 18.30
CA GLY B 363 5.99 -9.09 18.35
C GLY B 363 6.81 -8.57 17.18
N LYS B 364 6.16 -7.86 16.26
CA LYS B 364 6.85 -7.34 15.09
C LYS B 364 7.83 -6.26 15.51
N ARG B 365 8.99 -6.25 14.88
CA ARG B 365 10.13 -5.44 15.31
C ARG B 365 10.38 -4.31 14.32
N PHE B 366 10.40 -3.08 14.83
CA PHE B 366 10.50 -1.89 13.99
C PHE B 366 11.70 -1.00 14.33
N ALA B 367 12.40 -0.58 13.28
CA ALA B 367 13.33 0.54 13.35
C ALA B 367 12.59 1.76 12.83
N LEU B 368 12.62 2.87 13.57
CA LEU B 368 11.92 4.06 13.11
C LEU B 368 12.60 5.37 13.49
N TRP B 369 12.24 6.42 12.73
CA TRP B 369 12.80 7.75 12.93
C TRP B 369 11.86 8.86 12.47
N GLY B 370 12.24 10.08 12.82
CA GLY B 370 11.47 11.28 12.50
C GLY B 370 11.62 12.36 13.55
N ASP B 371 10.69 13.30 13.58
CA ASP B 371 10.68 14.39 14.56
C ASP B 371 10.24 13.87 15.94
N PRO B 372 10.62 14.59 17.02
CA PRO B 372 10.40 14.13 18.40
C PRO B 372 8.97 13.71 18.74
N ASP B 373 8.00 14.55 18.42
CA ASP B 373 6.61 14.28 18.77
C ASP B 373 6.04 13.13 17.94
N PHE B 374 6.40 13.09 16.67
CA PHE B 374 5.94 12.04 15.77
C PHE B 374 6.48 10.67 16.18
N VAL B 375 7.76 10.61 16.53
CA VAL B 375 8.40 9.37 16.93
C VAL B 375 7.78 8.80 18.21
N MET B 376 7.59 9.64 19.22
CA MET B 376 7.03 9.18 20.49
C MET B 376 5.58 8.73 20.35
N GLY B 377 4.81 9.41 19.51
CA GLY B 377 3.43 9.01 19.23
C GLY B 377 3.38 7.66 18.55
N LEU B 378 4.25 7.49 17.56
CA LEU B 378 4.40 6.23 16.85
C LEU B 378 4.85 5.11 17.79
N VAL B 379 5.86 5.40 18.61
CA VAL B 379 6.35 4.48 19.63
C VAL B 379 5.21 4.05 20.58
N LYS B 380 4.43 5.02 21.06
CA LYS B 380 3.29 4.74 21.93
C LYS B 380 2.30 3.79 21.27
N PHE B 381 1.88 4.13 20.05
CA PHE B 381 0.88 3.34 19.33
C PHE B 381 1.40 1.94 19.00
N LEU B 382 2.64 1.84 18.54
CA LEU B 382 3.28 0.54 18.31
C LEU B 382 3.15 -0.38 19.54
N LEU B 383 3.46 0.15 20.73
CA LEU B 383 3.33 -0.62 21.97
C LEU B 383 1.88 -1.03 22.24
N GLU B 384 0.93 -0.14 21.96
CA GLU B 384 -0.50 -0.43 22.09
C GLU B 384 -0.95 -1.56 21.15
N LEU B 385 -0.23 -1.71 20.04
CA LEU B 385 -0.49 -2.77 19.06
C LEU B 385 0.23 -4.09 19.35
N GLY B 386 1.04 -4.11 20.40
CA GLY B 386 1.84 -5.29 20.75
C GLY B 386 3.11 -5.41 19.92
N CYS B 387 3.52 -4.31 19.31
CA CYS B 387 4.73 -4.26 18.49
C CYS B 387 5.91 -3.76 19.30
N GLU B 388 7.11 -4.14 18.88
CA GLU B 388 8.35 -3.75 19.56
C GLU B 388 9.15 -2.70 18.79
N PRO B 389 9.16 -1.44 19.29
CA PRO B 389 9.99 -0.43 18.63
C PRO B 389 11.46 -0.55 19.05
N VAL B 390 12.19 -1.43 18.37
CA VAL B 390 13.56 -1.81 18.75
C VAL B 390 14.58 -0.68 18.58
N HIS B 391 14.57 -0.03 17.42
CA HIS B 391 15.46 1.10 17.14
C HIS B 391 14.68 2.40 16.97
N ILE B 392 14.78 3.27 17.96
CA ILE B 392 14.08 4.54 17.94
C ILE B 392 15.09 5.68 17.81
N LEU B 393 14.97 6.46 16.75
CA LEU B 393 15.99 7.44 16.39
C LEU B 393 15.36 8.78 16.10
N CYS B 394 15.80 9.79 16.84
CA CYS B 394 15.41 11.18 16.58
C CYS B 394 16.69 12.04 16.54
N HIS B 395 17.17 12.33 15.34
CA HIS B 395 18.38 13.13 15.14
C HIS B 395 18.28 14.46 15.88
N ASN B 396 17.10 15.08 15.77
CA ASN B 396 16.83 16.38 16.38
C ASN B 396 16.12 16.27 17.75
N GLY B 397 16.32 15.14 18.42
CA GLY B 397 15.78 14.92 19.76
C GLY B 397 16.72 15.48 20.81
N ASN B 398 16.23 15.58 22.05
CA ASN B 398 17.06 16.02 23.17
C ASN B 398 16.99 15.06 24.37
N LYS B 399 17.84 15.31 25.36
CA LYS B 399 17.94 14.47 26.56
C LYS B 399 16.61 14.33 27.31
N ARG B 400 15.94 15.45 27.53
CA ARG B 400 14.65 15.45 28.25
C ARG B 400 13.59 14.67 27.50
N TRP B 401 13.57 14.79 26.18
CA TRP B 401 12.70 13.99 25.33
C TRP B 401 13.01 12.49 25.43
N LYS B 402 14.29 12.14 25.41
CA LYS B 402 14.72 10.74 25.47
C LYS B 402 14.26 10.07 26.76
N LYS B 403 14.45 10.77 27.89
CA LYS B 403 13.93 10.32 29.18
C LYS B 403 12.44 9.98 29.10
N ALA B 404 11.67 10.87 28.49
CA ALA B 404 10.22 10.68 28.34
C ALA B 404 9.92 9.38 27.61
N VAL B 405 10.54 9.19 26.45
CA VAL B 405 10.34 7.99 25.64
C VAL B 405 10.84 6.72 26.35
N ASP B 406 11.98 6.81 27.04
CA ASP B 406 12.50 5.66 27.80
C ASP B 406 11.53 5.22 28.91
N ALA B 407 10.85 6.18 29.52
CA ALA B 407 9.83 5.91 30.55
C ALA B 407 8.59 5.23 29.95
N ILE B 408 8.17 5.71 28.77
CA ILE B 408 7.06 5.12 28.02
C ILE B 408 7.37 3.67 27.67
N LEU B 409 8.59 3.42 27.22
CA LEU B 409 9.04 2.07 26.88
C LEU B 409 9.03 1.15 28.11
N ALA B 410 9.50 1.69 29.24
CA ALA B 410 9.63 0.91 30.47
C ALA B 410 8.28 0.47 31.04
N ALA B 411 7.23 1.24 30.77
CA ALA B 411 5.88 0.93 31.23
C ALA B 411 5.15 -0.08 30.34
N SER B 412 5.91 -0.89 29.63
CA SER B 412 5.36 -1.89 28.71
C SER B 412 6.37 -3.01 28.46
N PRO B 413 5.91 -4.27 28.50
CA PRO B 413 6.79 -5.38 28.14
C PRO B 413 7.23 -5.40 26.67
N TYR B 414 6.57 -4.60 25.84
CA TYR B 414 6.95 -4.50 24.41
C TYR B 414 8.06 -3.49 24.15
N GLY B 415 8.42 -2.70 25.16
CA GLY B 415 9.56 -1.78 25.07
C GLY B 415 10.87 -2.34 25.62
N LYS B 416 10.88 -3.62 25.98
CA LYS B 416 12.00 -4.26 26.68
C LYS B 416 13.30 -4.32 25.88
N ASN B 417 13.15 -4.43 24.56
CA ASN B 417 14.29 -4.55 23.65
C ASN B 417 14.52 -3.28 22.84
N ALA B 418 13.92 -2.19 23.32
CA ALA B 418 13.96 -0.91 22.63
C ALA B 418 15.12 -0.06 23.12
N THR B 419 15.71 0.70 22.21
CA THR B 419 16.72 1.70 22.54
C THR B 419 16.40 2.98 21.79
N VAL B 420 16.46 4.11 22.50
CA VAL B 420 16.23 5.42 21.90
C VAL B 420 17.56 6.12 21.63
N TYR B 421 17.70 6.65 20.42
CA TYR B 421 18.91 7.33 19.99
C TYR B 421 18.59 8.77 19.65
N ILE B 422 19.39 9.68 20.18
CA ILE B 422 19.30 11.09 19.85
C ILE B 422 20.67 11.57 19.38
N GLY B 423 20.68 12.50 18.43
CA GLY B 423 21.91 13.00 17.83
C GLY B 423 22.52 12.09 16.80
N LYS B 424 21.83 10.97 16.51
CA LYS B 424 22.33 9.95 15.58
C LYS B 424 21.53 10.04 14.29
N ASP B 425 22.18 9.67 13.19
CA ASP B 425 21.60 9.84 11.85
C ASP B 425 21.32 8.48 11.18
N LEU B 426 20.88 8.52 9.93
CA LEU B 426 20.45 7.31 9.23
C LEU B 426 21.59 6.36 8.86
N TRP B 427 22.83 6.85 8.87
CA TRP B 427 23.98 5.98 8.66
C TRP B 427 24.27 5.16 9.92
N HIS B 428 24.00 5.74 11.09
CA HIS B 428 23.99 4.98 12.33
C HIS B 428 22.89 3.92 12.28
N LEU B 429 21.70 4.33 11.86
CA LEU B 429 20.53 3.44 11.81
C LEU B 429 20.75 2.28 10.84
N ARG B 430 21.47 2.56 9.75
CA ARG B 430 21.86 1.53 8.79
C ARG B 430 22.59 0.38 9.50
N SER B 431 23.59 0.72 10.32
CA SER B 431 24.32 -0.27 11.12
C SER B 431 23.38 -1.08 12.00
N LEU B 432 22.50 -0.38 12.72
CA LEU B 432 21.56 -1.02 13.64
C LEU B 432 20.65 -2.05 12.97
N VAL B 433 20.18 -1.73 11.76
CA VAL B 433 19.30 -2.66 11.04
C VAL B 433 20.06 -3.86 10.46
N PHE B 434 21.39 -3.80 10.45
CA PHE B 434 22.23 -4.95 10.09
C PHE B 434 22.55 -5.83 11.30
N THR B 435 22.97 -5.21 12.40
CA THR B 435 23.49 -5.94 13.57
C THR B 435 22.37 -6.42 14.49
N ASP B 436 21.24 -5.72 14.45
CA ASP B 436 20.08 -6.07 15.26
C ASP B 436 18.86 -5.89 14.37
N LYS B 437 18.77 -6.81 13.41
CA LYS B 437 17.82 -6.72 12.29
C LYS B 437 16.38 -6.70 12.75
N PRO B 438 15.64 -5.62 12.42
CA PRO B 438 14.20 -5.62 12.65
C PRO B 438 13.47 -6.22 11.45
N ASP B 439 12.15 -6.29 11.56
CA ASP B 439 11.33 -6.81 10.47
C ASP B 439 11.00 -5.72 9.46
N PHE B 440 10.86 -4.48 9.94
CA PHE B 440 10.52 -3.34 9.10
C PHE B 440 11.14 -2.05 9.61
N MET B 441 11.25 -1.08 8.69
CA MET B 441 11.54 0.30 9.03
C MET B 441 10.29 1.12 8.82
N ILE B 442 10.01 2.03 9.75
CA ILE B 442 9.02 3.07 9.55
C ILE B 442 9.78 4.38 9.45
N GLY B 443 9.66 5.05 8.31
CA GLY B 443 10.39 6.29 8.13
C GLY B 443 10.12 6.98 6.82
N ASN B 444 10.94 7.99 6.52
CA ASN B 444 10.79 8.79 5.31
C ASN B 444 11.59 8.19 4.15
N SER B 445 11.51 8.83 2.97
CA SER B 445 12.06 8.27 1.73
C SER B 445 13.56 7.97 1.74
N TYR B 446 14.33 8.70 2.54
CA TYR B 446 15.79 8.46 2.65
C TYR B 446 16.07 7.04 3.10
N GLY B 447 15.12 6.48 3.85
CA GLY B 447 15.16 5.08 4.26
C GLY B 447 15.23 4.04 3.16
N LYS B 448 14.85 4.39 1.94
CA LYS B 448 14.92 3.45 0.81
C LYS B 448 16.35 2.98 0.50
N PHE B 449 17.32 3.85 0.77
CA PHE B 449 18.72 3.54 0.55
C PHE B 449 19.26 2.57 1.60
N ILE B 450 18.60 2.52 2.76
CA ILE B 450 18.92 1.53 3.79
C ILE B 450 18.35 0.17 3.42
N GLN B 451 17.13 0.15 2.89
CA GLN B 451 16.53 -1.10 2.40
C GLN B 451 17.35 -1.68 1.24
N ARG B 452 17.80 -0.80 0.35
CA ARG B 452 18.64 -1.19 -0.77
C ARG B 452 19.93 -1.87 -0.28
N ASP B 453 20.52 -1.31 0.78
CA ASP B 453 21.76 -1.84 1.36
C ASP B 453 21.54 -3.21 1.99
N THR B 454 20.46 -3.35 2.75
CA THR B 454 20.11 -4.62 3.39
C THR B 454 19.85 -5.75 2.40
N LEU B 455 19.14 -5.44 1.31
CA LEU B 455 18.85 -6.45 0.28
C LEU B 455 20.14 -6.95 -0.37
N HIS B 456 21.11 -6.05 -0.54
CA HIS B 456 22.40 -6.40 -1.13
C HIS B 456 23.18 -7.43 -0.29
N LYS B 457 23.01 -7.39 1.02
CA LYS B 457 23.59 -8.41 1.92
C LYS B 457 22.91 -9.75 1.67
N GLY B 458 21.61 -9.70 1.41
CA GLY B 458 20.81 -10.88 1.08
C GLY B 458 19.34 -10.61 1.31
N LYS B 459 18.49 -11.32 0.57
CA LYS B 459 17.02 -11.19 0.70
C LYS B 459 16.56 -11.47 2.13
N GLU B 460 17.24 -12.42 2.78
CA GLU B 460 16.92 -12.81 4.16
C GLU B 460 17.21 -11.68 5.14
N PHE B 461 18.06 -10.74 4.73
CA PHE B 461 18.47 -9.62 5.55
C PHE B 461 17.81 -8.30 5.15
N GLU B 462 17.10 -8.29 4.03
CA GLU B 462 16.38 -7.09 3.59
C GLU B 462 15.39 -6.64 4.67
N VAL B 463 15.38 -5.34 4.94
CA VAL B 463 14.45 -4.73 5.91
C VAL B 463 13.58 -3.72 5.17
N PRO B 464 12.37 -4.11 4.76
CA PRO B 464 11.46 -3.22 4.01
C PRO B 464 11.10 -1.90 4.70
N LEU B 465 11.04 -0.83 3.90
CA LEU B 465 10.63 0.51 4.37
C LEU B 465 9.12 0.71 4.30
N ILE B 466 8.56 1.11 5.43
CA ILE B 466 7.17 1.58 5.53
C ILE B 466 7.26 3.10 5.61
N ARG B 467 6.68 3.78 4.63
CA ARG B 467 6.85 5.23 4.49
C ARG B 467 5.82 6.04 5.28
N ILE B 468 6.24 6.51 6.46
CA ILE B 468 5.46 7.42 7.28
C ILE B 468 6.40 8.53 7.79
N GLY B 469 6.04 9.78 7.53
CA GLY B 469 6.85 10.92 7.99
C GLY B 469 7.13 11.96 6.92
N PHE B 470 8.25 12.66 7.09
CA PHE B 470 8.64 13.74 6.18
C PHE B 470 10.14 13.72 5.91
N PRO B 471 10.54 13.84 4.63
CA PRO B 471 9.75 13.88 3.40
C PRO B 471 9.52 12.52 2.75
N ILE B 472 8.36 12.36 2.13
CA ILE B 472 8.06 11.24 1.25
C ILE B 472 8.09 11.75 -0.19
N PHE B 473 9.18 11.45 -0.90
CA PHE B 473 9.42 11.97 -2.25
C PHE B 473 9.14 10.97 -3.38
N ASP B 474 9.24 9.67 -3.09
CA ASP B 474 9.19 8.63 -4.12
C ASP B 474 7.84 7.91 -4.19
N ARG B 475 6.86 8.41 -3.46
CA ARG B 475 5.48 7.98 -3.58
C ARG B 475 4.62 9.22 -3.74
N HIS B 476 3.44 9.05 -4.31
CA HIS B 476 2.52 10.13 -4.64
C HIS B 476 1.35 10.23 -3.67
N HIS B 477 1.10 11.43 -3.17
CA HIS B 477 -0.13 11.81 -2.45
C HIS B 477 -0.29 11.25 -1.04
N LEU B 478 0.78 10.70 -0.49
CA LEU B 478 0.75 10.20 0.89
C LEU B 478 0.70 11.35 1.88
N HIS B 479 1.01 12.57 1.42
CA HIS B 479 0.83 13.77 2.23
C HIS B 479 -0.65 14.04 2.57
N ARG B 480 -1.58 13.42 1.83
CA ARG B 480 -3.02 13.54 2.11
C ARG B 480 -3.46 12.69 3.31
N SER B 481 -2.56 11.81 3.76
CA SER B 481 -2.84 10.85 4.82
C SER B 481 -2.98 11.50 6.19
N THR B 482 -3.40 10.69 7.16
CA THR B 482 -3.59 11.11 8.55
C THR B 482 -2.80 10.21 9.48
N THR B 483 -2.20 10.82 10.51
CA THR B 483 -1.50 10.07 11.57
C THR B 483 -2.00 10.41 12.98
N LEU B 484 -2.77 11.49 13.11
CA LEU B 484 -3.35 11.89 14.39
C LEU B 484 -4.77 11.36 14.55
N GLY B 485 -5.21 11.29 15.81
CA GLY B 485 -6.55 10.86 16.15
C GLY B 485 -6.77 9.38 15.97
N TYR B 486 -8.04 8.97 16.09
CA TYR B 486 -8.43 7.59 15.84
C TYR B 486 -8.29 7.27 14.36
N GLU B 487 -8.67 8.23 13.52
CA GLU B 487 -8.56 8.11 12.06
C GLU B 487 -7.14 7.80 11.65
N GLY B 488 -6.19 8.59 12.17
CA GLY B 488 -4.78 8.43 11.86
C GLY B 488 -4.23 7.10 12.34
N ALA B 489 -4.65 6.70 13.55
CA ALA B 489 -4.31 5.40 14.12
C ALA B 489 -4.80 4.24 13.25
N MET B 490 -6.03 4.39 12.73
CA MET B 490 -6.61 3.37 11.86
C MET B 490 -5.85 3.27 10.54
N GLN B 491 -5.39 4.42 10.05
CA GLN B 491 -4.56 4.47 8.85
C GLN B 491 -3.18 3.84 9.09
N ILE B 492 -2.56 4.13 10.24
CA ILE B 492 -1.26 3.53 10.57
C ILE B 492 -1.39 2.01 10.69
N LEU B 493 -2.37 1.58 11.47
CA LEU B 493 -2.66 0.16 11.69
C LEU B 493 -2.76 -0.59 10.36
N THR B 494 -3.62 -0.09 9.48
CA THR B 494 -3.85 -0.70 8.17
C THR B 494 -2.56 -0.78 7.35
N THR B 495 -1.79 0.30 7.35
CA THR B 495 -0.51 0.34 6.64
C THR B 495 0.47 -0.70 7.20
N LEU B 496 0.60 -0.73 8.53
CA LEU B 496 1.49 -1.68 9.22
C LEU B 496 1.18 -3.14 8.92
N VAL B 497 -0.09 -3.53 9.11
CA VAL B 497 -0.49 -4.94 8.97
C VAL B 497 -0.40 -5.42 7.52
N ASN B 498 -0.79 -4.56 6.58
CA ASN B 498 -0.74 -4.92 5.16
C ASN B 498 0.68 -4.94 4.61
N SER B 499 1.56 -4.14 5.21
CA SER B 499 3.00 -4.20 4.91
C SER B 499 3.58 -5.55 5.33
N ILE B 500 3.16 -6.03 6.51
CA ILE B 500 3.54 -7.35 7.00
C ILE B 500 3.02 -8.46 6.08
N LEU B 501 1.74 -8.37 5.71
CA LEU B 501 1.09 -9.39 4.88
C LEU B 501 1.62 -9.41 3.45
N GLU B 502 1.92 -8.22 2.92
CA GLU B 502 2.52 -8.07 1.60
C GLU B 502 3.89 -8.74 1.55
N ARG B 503 4.68 -8.55 2.60
CA ARG B 503 5.99 -9.18 2.74
C ARG B 503 5.89 -10.70 2.91
N LEU B 504 4.90 -11.14 3.70
CA LEU B 504 4.61 -12.57 3.87
C LEU B 504 4.23 -13.21 2.53
N ASP B 505 3.42 -12.50 1.75
CA ASP B 505 3.00 -12.99 0.43
C ASP B 505 4.18 -13.09 -0.53
N GLU B 506 5.08 -12.12 -0.48
CA GLU B 506 6.30 -12.15 -1.28
C GLU B 506 7.15 -13.36 -0.92
N GLU B 507 7.38 -13.54 0.38
CA GLU B 507 8.19 -14.65 0.89
C GLU B 507 7.57 -16.04 0.66
N THR B 508 6.24 -16.10 0.49
CA THR B 508 5.55 -17.37 0.27
C THR B 508 5.01 -17.53 -1.16
N ARG B 509 5.57 -16.80 -2.11
CA ARG B 509 5.07 -16.84 -3.50
C ARG B 509 5.88 -17.81 -4.38
N GLY B 510 6.73 -18.61 -3.74
CA GLY B 510 7.60 -19.54 -4.45
C GLY B 510 6.90 -20.84 -4.77
N MET B 511 6.70 -21.09 -6.06
CA MET B 511 6.00 -22.28 -6.54
C MET B 511 6.69 -23.56 -6.05
N GLN B 512 5.93 -24.38 -5.33
CA GLN B 512 6.37 -25.69 -4.82
C GLN B 512 7.51 -25.60 -3.79
N ALA B 513 7.81 -24.41 -3.30
CA ALA B 513 8.92 -24.20 -2.36
C ALA B 513 8.39 -23.60 -1.07
N THR B 514 7.82 -22.40 -1.17
CA THR B 514 7.27 -21.68 -0.02
C THR B 514 5.77 -21.35 -0.13
N ASP B 515 5.15 -21.72 -1.26
CA ASP B 515 3.74 -21.38 -1.51
C ASP B 515 2.73 -22.30 -0.80
N TYR B 516 3.22 -23.27 -0.04
CA TYR B 516 2.36 -24.02 0.89
C TYR B 516 1.69 -23.07 1.88
N ASN B 517 2.40 -22.01 2.26
CA ASN B 517 1.88 -20.97 3.16
C ASN B 517 1.31 -19.74 2.43
N HIS B 518 0.95 -19.89 1.16
CA HIS B 518 0.41 -18.76 0.40
C HIS B 518 -1.12 -18.72 0.53
N ASP B 519 -1.58 -18.39 1.73
CA ASP B 519 -3.00 -18.47 2.09
C ASP B 519 -3.87 -17.41 1.38
N LEU B 520 -5.00 -17.87 0.85
CA LEU B 520 -6.03 -16.95 0.35
C LEU B 520 -6.58 -16.08 1.49
N VAL B 521 -6.84 -16.72 2.62
CA VAL B 521 -7.41 -16.04 3.78
C VAL B 521 -6.33 -15.84 4.85
N ARG B 522 -6.11 -14.59 5.22
CA ARG B 522 -5.19 -14.25 6.30
C ARG B 522 -5.89 -13.29 7.27
N SER C 4 -20.34 -24.22 39.53
CA SER C 4 -21.28 -25.10 40.28
C SER C 4 -22.20 -25.83 39.33
N ARG C 5 -22.44 -27.11 39.59
CA ARG C 5 -23.40 -27.91 38.81
C ARG C 5 -24.76 -27.22 38.81
N GLU C 6 -25.26 -26.89 40.00
CA GLU C 6 -26.54 -26.19 40.17
C GLU C 6 -26.60 -24.88 39.39
N GLU C 7 -25.50 -24.13 39.39
CA GLU C 7 -25.41 -22.85 38.68
C GLU C 7 -25.48 -23.04 37.17
N VAL C 8 -24.72 -24.01 36.66
CA VAL C 8 -24.70 -24.32 35.24
C VAL C 8 -26.05 -24.85 34.76
N GLU C 9 -26.69 -25.70 35.58
CA GLU C 9 -28.01 -26.22 35.25
C GLU C 9 -29.07 -25.11 35.19
N SER C 10 -28.97 -24.13 36.08
CA SER C 10 -29.89 -22.99 36.09
C SER C 10 -29.58 -22.01 34.97
N LEU C 11 -28.32 -21.97 34.53
CA LEU C 11 -27.93 -21.25 33.31
C LEU C 11 -28.66 -21.86 32.11
N ILE C 12 -28.72 -23.19 32.08
CA ILE C 12 -29.34 -23.90 30.97
C ILE C 12 -30.87 -23.67 30.88
N GLN C 13 -31.58 -23.76 32.01
CA GLN C 13 -33.04 -23.51 31.98
C GLN C 13 -33.29 -22.10 31.45
N GLU C 14 -32.63 -21.12 32.09
CA GLU C 14 -32.80 -19.70 31.77
C GLU C 14 -32.66 -19.39 30.30
N VAL C 15 -31.56 -19.86 29.72
CA VAL C 15 -31.30 -19.69 28.30
C VAL C 15 -32.43 -20.26 27.44
N LEU C 16 -32.87 -21.48 27.76
CA LEU C 16 -33.92 -22.14 26.98
C LEU C 16 -35.32 -21.51 27.13
N GLU C 17 -35.49 -20.61 28.09
CA GLU C 17 -36.79 -19.92 28.31
C GLU C 17 -37.23 -19.01 27.16
N VAL C 18 -36.30 -18.64 26.30
CA VAL C 18 -36.60 -17.81 25.13
C VAL C 18 -37.29 -18.60 24.00
N TYR C 19 -37.00 -19.90 23.91
CA TYR C 19 -37.52 -20.71 22.81
C TYR C 19 -39.02 -21.00 22.92
N PRO C 20 -39.69 -21.21 21.77
CA PRO C 20 -40.96 -21.91 21.74
C PRO C 20 -40.79 -23.35 22.21
N GLU C 21 -41.90 -23.98 22.59
CA GLU C 21 -41.90 -25.34 23.18
C GLU C 21 -41.12 -26.36 22.36
N LYS C 22 -41.45 -26.48 21.08
CA LYS C 22 -40.80 -27.45 20.17
C LYS C 22 -39.28 -27.40 20.31
N ALA C 23 -38.72 -26.21 20.08
CA ALA C 23 -37.27 -26.00 20.10
C ALA C 23 -36.69 -26.16 21.50
N ARG C 24 -37.42 -25.65 22.49
CA ARG C 24 -37.02 -25.73 23.89
C ARG C 24 -36.75 -27.18 24.34
N LYS C 25 -37.73 -28.05 24.12
CA LYS C 25 -37.65 -29.46 24.51
C LYS C 25 -36.49 -30.17 23.82
N ASP C 26 -36.27 -29.84 22.55
CA ASP C 26 -35.19 -30.44 21.77
C ASP C 26 -33.81 -30.00 22.26
N ARG C 27 -33.64 -28.69 22.38
CA ARG C 27 -32.35 -28.09 22.76
C ARG C 27 -31.91 -28.52 24.16
N ASN C 28 -32.88 -28.76 25.05
CA ASN C 28 -32.60 -29.23 26.41
C ASN C 28 -31.85 -30.56 26.42
N LYS C 29 -32.15 -31.40 25.44
CA LYS C 29 -31.48 -32.70 25.26
C LYS C 29 -30.05 -32.56 24.71
N HIS C 30 -29.76 -31.44 24.07
CA HIS C 30 -28.45 -31.19 23.46
C HIS C 30 -27.54 -30.31 24.32
N LEU C 31 -27.98 -30.05 25.54
CA LEU C 31 -27.21 -29.28 26.52
C LEU C 31 -27.10 -30.12 27.79
N ALA C 32 -25.95 -30.05 28.46
CA ALA C 32 -25.71 -30.90 29.63
C ALA C 32 -24.52 -30.46 30.47
N VAL C 33 -24.42 -31.06 31.66
CA VAL C 33 -23.30 -30.86 32.57
C VAL C 33 -22.77 -32.23 32.96
N ASN C 34 -21.50 -32.50 32.71
CA ASN C 34 -20.94 -33.83 33.01
C ASN C 34 -20.26 -33.87 34.37
N CYS C 44 -26.62 -38.79 29.08
CA CYS C 44 -26.79 -37.41 29.54
C CYS C 44 -26.84 -36.33 28.43
N ILE C 45 -26.58 -36.71 27.18
CA ILE C 45 -26.66 -35.79 26.04
C ILE C 45 -26.93 -36.54 24.74
N ILE C 46 -27.77 -35.99 23.88
CA ILE C 46 -27.97 -36.54 22.54
C ILE C 46 -27.24 -35.70 21.50
N SER C 47 -27.06 -36.28 20.33
CA SER C 47 -26.28 -35.67 19.26
C SER C 47 -26.56 -36.34 17.93
N ASN C 48 -26.00 -35.76 16.86
CA ASN C 48 -26.17 -36.30 15.50
C ASN C 48 -27.65 -36.32 15.09
N LYS C 49 -28.40 -35.32 15.55
CA LYS C 49 -29.81 -35.16 15.20
C LYS C 49 -29.99 -33.93 14.32
N LYS C 50 -31.21 -33.75 13.80
CA LYS C 50 -31.53 -32.58 12.95
C LYS C 50 -31.33 -31.28 13.74
N SER C 51 -30.91 -30.23 13.05
CA SER C 51 -30.87 -28.88 13.63
C SER C 51 -32.28 -28.29 13.62
N GLN C 52 -32.62 -27.58 14.69
CA GLN C 52 -33.90 -26.88 14.79
C GLN C 52 -33.91 -25.68 13.84
N PRO C 53 -34.96 -25.56 13.01
CA PRO C 53 -35.03 -24.44 12.06
C PRO C 53 -34.97 -23.05 12.70
N GLY C 54 -34.19 -22.17 12.09
CA GLY C 54 -34.21 -20.74 12.40
C GLY C 54 -33.42 -20.30 13.61
N LEU C 55 -32.56 -21.18 14.14
CA LEU C 55 -31.87 -20.91 15.40
C LEU C 55 -30.39 -20.55 15.23
N MET C 56 -29.97 -20.34 13.98
CA MET C 56 -28.60 -19.94 13.64
C MET C 56 -27.59 -20.98 14.11
N THR C 57 -27.67 -22.14 13.46
CA THR C 57 -26.68 -23.20 13.63
C THR C 57 -25.32 -22.74 13.13
N ILE C 58 -24.27 -23.40 13.61
CA ILE C 58 -22.90 -23.17 13.14
C ILE C 58 -22.51 -24.26 12.12
N ARG C 59 -23.40 -25.24 11.97
CA ARG C 59 -23.18 -26.42 11.13
C ARG C 59 -23.16 -26.17 9.63
N GLY C 60 -22.28 -26.90 8.95
CA GLY C 60 -22.25 -26.97 7.49
C GLY C 60 -23.06 -28.15 6.98
N CYS C 61 -22.77 -28.57 5.74
CA CYS C 61 -23.49 -29.65 5.07
C CYS C 61 -22.58 -30.82 4.70
N ALA C 62 -23.21 -31.88 4.20
CA ALA C 62 -22.52 -33.08 3.72
C ALA C 62 -21.47 -32.80 2.64
N TYR C 63 -21.70 -31.74 1.85
CA TYR C 63 -20.77 -31.32 0.81
C TYR C 63 -19.48 -30.78 1.45
N ALA C 64 -19.64 -29.90 2.43
CA ALA C 64 -18.51 -29.37 3.21
C ALA C 64 -17.68 -30.52 3.78
N GLY C 65 -18.37 -31.58 4.22
CA GLY C 65 -17.73 -32.74 4.82
C GLY C 65 -16.97 -33.63 3.85
N SER C 66 -17.58 -33.87 2.69
CA SER C 66 -16.97 -34.71 1.66
C SER C 66 -15.94 -33.94 0.84
N LYS C 67 -16.35 -32.83 0.23
CA LYS C 67 -15.46 -32.03 -0.60
C LYS C 67 -14.47 -31.23 0.26
N GLY C 68 -15.00 -30.39 1.12
CA GLY C 68 -14.18 -29.48 1.92
C GLY C 68 -13.15 -30.18 2.77
N ILE C 69 -13.57 -31.28 3.42
CA ILE C 69 -12.75 -31.93 4.43
C ILE C 69 -12.02 -33.19 3.96
N VAL C 70 -12.75 -34.23 3.56
CA VAL C 70 -12.10 -35.50 3.17
C VAL C 70 -11.40 -35.46 1.81
N TRP C 71 -12.11 -35.10 0.75
CA TRP C 71 -11.57 -35.24 -0.62
C TRP C 71 -10.69 -34.06 -1.09
N GLY C 72 -11.13 -32.84 -0.81
CA GLY C 72 -10.43 -31.62 -1.26
C GLY C 72 -8.91 -31.59 -1.11
N PRO C 73 -8.40 -31.98 0.08
CA PRO C 73 -6.96 -32.04 0.37
C PRO C 73 -6.12 -32.93 -0.55
N ILE C 74 -6.74 -33.92 -1.18
CA ILE C 74 -6.03 -34.85 -2.04
C ILE C 74 -5.51 -34.08 -3.25
N LYS C 75 -4.19 -33.95 -3.32
CA LYS C 75 -3.56 -32.89 -4.12
C LYS C 75 -3.39 -33.19 -5.61
N ASP C 76 -3.15 -34.45 -5.98
CA ASP C 76 -2.92 -34.79 -7.41
C ASP C 76 -4.18 -35.23 -8.15
N MET C 77 -5.32 -35.22 -7.45
CA MET C 77 -6.63 -35.41 -8.10
C MET C 77 -7.29 -34.06 -8.30
N ILE C 78 -8.20 -34.01 -9.26
CA ILE C 78 -9.03 -32.83 -9.49
C ILE C 78 -10.44 -33.11 -8.95
N HIS C 79 -10.94 -32.21 -8.13
CA HIS C 79 -12.24 -32.39 -7.48
C HIS C 79 -13.26 -31.42 -8.06
N ILE C 80 -14.30 -31.99 -8.69
CA ILE C 80 -15.32 -31.20 -9.36
C ILE C 80 -16.50 -30.92 -8.44
N SER C 81 -16.71 -29.65 -8.12
CA SER C 81 -17.91 -29.22 -7.43
C SER C 81 -19.04 -29.19 -8.45
N HIS C 82 -19.86 -30.24 -8.41
CA HIS C 82 -20.86 -30.48 -9.44
C HIS C 82 -22.21 -29.90 -9.02
N GLY C 83 -22.62 -28.83 -9.70
CA GLY C 83 -23.82 -28.08 -9.36
C GLY C 83 -23.61 -26.60 -9.62
N PRO C 84 -24.47 -25.74 -9.03
CA PRO C 84 -24.30 -24.28 -9.15
C PRO C 84 -23.02 -23.73 -8.53
N VAL C 85 -22.73 -22.46 -8.80
CA VAL C 85 -21.40 -21.87 -8.55
C VAL C 85 -21.06 -21.66 -7.05
N GLY C 86 -22.06 -21.38 -6.23
CA GLY C 86 -21.87 -21.04 -4.81
C GLY C 86 -20.91 -21.92 -4.00
N CYS C 87 -21.28 -23.18 -3.77
CA CYS C 87 -20.56 -24.07 -2.84
C CYS C 87 -19.06 -24.13 -3.07
N GLY C 88 -18.68 -24.39 -4.33
CA GLY C 88 -17.28 -24.48 -4.73
C GLY C 88 -16.51 -23.19 -4.54
N GLN C 89 -17.20 -22.06 -4.72
CA GLN C 89 -16.58 -20.75 -4.57
C GLN C 89 -16.36 -20.39 -3.10
N TYR C 90 -17.37 -20.61 -2.26
CA TYR C 90 -17.28 -20.29 -0.84
C TYR C 90 -16.30 -21.20 -0.11
N SER C 91 -16.10 -22.41 -0.63
CA SER C 91 -15.16 -23.36 -0.03
C SER C 91 -13.77 -23.28 -0.66
N ARG C 92 -13.57 -22.37 -1.61
CA ARG C 92 -12.29 -22.28 -2.32
C ARG C 92 -11.20 -21.74 -1.40
N ALA C 93 -10.24 -22.60 -1.07
CA ALA C 93 -9.07 -22.26 -0.24
C ALA C 93 -9.44 -21.74 1.16
N GLY C 94 -10.60 -22.18 1.66
CA GLY C 94 -11.06 -21.78 2.98
C GLY C 94 -10.38 -22.57 4.07
N ARG C 95 -10.19 -23.87 3.84
CA ARG C 95 -9.50 -24.73 4.78
C ARG C 95 -8.03 -24.87 4.40
N ARG C 96 -7.16 -24.71 5.37
CA ARG C 96 -5.72 -24.69 5.13
C ARG C 96 -5.09 -26.08 5.20
N ASN C 97 -5.63 -26.99 4.40
CA ASN C 97 -5.09 -28.35 4.26
C ASN C 97 -3.82 -28.30 3.40
N TYR C 98 -2.69 -28.11 4.07
CA TYR C 98 -1.43 -27.80 3.39
C TYR C 98 -0.86 -28.95 2.57
N TYR C 99 -0.16 -28.60 1.50
CA TYR C 99 0.42 -29.58 0.60
C TYR C 99 1.62 -29.01 -0.15
N ILE C 100 2.49 -29.91 -0.60
CA ILE C 100 3.59 -29.54 -1.50
C ILE C 100 3.20 -29.94 -2.92
N GLY C 101 3.41 -29.01 -3.85
CA GLY C 101 3.04 -29.25 -5.25
C GLY C 101 3.07 -28.00 -6.10
N THR C 102 2.76 -28.19 -7.38
CA THR C 102 2.75 -27.12 -8.38
C THR C 102 1.31 -26.94 -8.85
N THR C 103 0.64 -25.94 -8.28
CA THR C 103 -0.80 -25.78 -8.46
C THR C 103 -1.17 -25.40 -9.89
N GLY C 104 -2.13 -26.12 -10.46
CA GLY C 104 -2.52 -25.95 -11.85
C GLY C 104 -1.87 -26.93 -12.82
N VAL C 105 -0.72 -27.50 -12.42
CA VAL C 105 -0.03 -28.49 -13.28
C VAL C 105 -0.14 -29.91 -12.73
N ASN C 106 0.41 -30.18 -11.55
CA ASN C 106 0.32 -31.52 -10.93
C ASN C 106 -0.40 -31.56 -9.58
N ALA C 107 -0.60 -30.40 -8.97
CA ALA C 107 -1.42 -30.27 -7.76
C ALA C 107 -2.57 -29.29 -8.02
N PHE C 108 -3.68 -29.44 -7.32
CA PHE C 108 -4.91 -28.70 -7.67
C PHE C 108 -5.77 -28.18 -6.50
N VAL C 109 -5.26 -28.29 -5.28
CA VAL C 109 -6.06 -28.14 -4.06
C VAL C 109 -6.75 -26.77 -3.91
N THR C 110 -6.01 -25.70 -4.17
CA THR C 110 -6.53 -24.34 -3.98
C THR C 110 -7.43 -23.84 -5.13
N MET C 111 -7.49 -24.60 -6.22
CA MET C 111 -8.33 -24.23 -7.36
C MET C 111 -9.79 -24.60 -7.14
N ASN C 112 -10.67 -23.97 -7.91
CA ASN C 112 -12.11 -24.30 -7.90
C ASN C 112 -12.57 -24.78 -9.28
N PHE C 113 -12.75 -26.09 -9.40
CA PHE C 113 -13.33 -26.70 -10.59
C PHE C 113 -14.82 -26.92 -10.32
N THR C 114 -15.65 -26.54 -11.29
CA THR C 114 -17.09 -26.60 -11.12
C THR C 114 -17.83 -26.68 -12.46
N SER C 115 -19.00 -27.30 -12.43
CA SER C 115 -19.87 -27.40 -13.61
C SER C 115 -20.78 -26.17 -13.77
N ASP C 116 -20.72 -25.25 -12.79
CA ASP C 116 -21.44 -23.98 -12.85
C ASP C 116 -22.84 -24.13 -13.46
N PHE C 117 -23.70 -24.87 -12.78
CA PHE C 117 -25.03 -25.19 -13.29
C PHE C 117 -25.87 -23.96 -13.59
N GLN C 118 -26.41 -23.91 -14.80
CA GLN C 118 -27.41 -22.93 -15.18
C GLN C 118 -28.76 -23.64 -15.27
N GLU C 119 -29.81 -22.90 -15.60
CA GLU C 119 -31.17 -23.46 -15.58
C GLU C 119 -31.38 -24.60 -16.56
N LYS C 120 -30.72 -24.56 -17.72
CA LYS C 120 -30.80 -25.66 -18.70
C LYS C 120 -30.31 -26.99 -18.11
N ASP C 121 -29.32 -26.91 -17.23
CA ASP C 121 -28.77 -28.08 -16.56
C ASP C 121 -29.71 -28.63 -15.49
N ILE C 122 -30.41 -27.73 -14.80
CA ILE C 122 -31.41 -28.12 -13.80
C ILE C 122 -32.60 -28.83 -14.45
N VAL C 123 -32.99 -28.37 -15.63
CA VAL C 123 -34.18 -28.87 -16.33
C VAL C 123 -33.89 -30.13 -17.18
N PHE C 124 -32.76 -30.12 -17.87
CA PHE C 124 -32.38 -31.21 -18.77
C PHE C 124 -31.51 -32.28 -18.10
N GLY C 125 -30.86 -31.90 -17.00
CA GLY C 125 -29.88 -32.75 -16.34
C GLY C 125 -28.46 -32.36 -16.72
N GLY C 126 -27.53 -32.60 -15.81
CA GLY C 126 -26.13 -32.21 -16.00
C GLY C 126 -25.18 -33.33 -16.36
N ASP C 127 -25.72 -34.46 -16.82
CA ASP C 127 -24.91 -35.66 -17.06
C ASP C 127 -24.05 -35.58 -18.32
N LYS C 128 -24.59 -34.99 -19.38
CA LYS C 128 -23.82 -34.78 -20.61
C LYS C 128 -22.76 -33.70 -20.41
N LYS C 129 -23.10 -32.70 -19.61
CA LYS C 129 -22.18 -31.60 -19.29
C LYS C 129 -20.98 -32.09 -18.46
N LEU C 130 -21.25 -32.97 -17.51
CA LEU C 130 -20.21 -33.60 -16.68
C LEU C 130 -19.24 -34.42 -17.54
N ALA C 131 -19.80 -35.18 -18.47
CA ALA C 131 -19.01 -35.96 -19.43
C ALA C 131 -18.10 -35.06 -20.25
N LYS C 132 -18.64 -33.94 -20.72
CA LYS C 132 -17.88 -32.98 -21.52
C LYS C 132 -16.80 -32.29 -20.67
N LEU C 133 -17.15 -31.90 -19.45
CA LEU C 133 -16.19 -31.22 -18.57
C LEU C 133 -15.05 -32.14 -18.12
N ILE C 134 -15.29 -33.45 -18.14
CA ILE C 134 -14.21 -34.43 -17.89
C ILE C 134 -13.20 -34.47 -19.04
N ASP C 135 -13.69 -34.36 -20.28
CA ASP C 135 -12.82 -34.25 -21.45
C ASP C 135 -11.99 -32.97 -21.40
N GLU C 136 -12.65 -31.88 -21.02
CA GLU C 136 -12.01 -30.57 -20.88
C GLU C 136 -10.95 -30.56 -19.77
N VAL C 137 -11.24 -31.22 -18.66
CA VAL C 137 -10.26 -31.41 -17.59
C VAL C 137 -9.03 -32.17 -18.11
N GLU C 138 -9.27 -33.24 -18.86
CA GLU C 138 -8.18 -34.06 -19.41
C GLU C 138 -7.31 -33.32 -20.42
N THR C 139 -7.91 -32.44 -21.21
CA THR C 139 -7.17 -31.68 -22.21
C THR C 139 -6.31 -30.60 -21.54
N LEU C 140 -6.89 -29.91 -20.56
CA LEU C 140 -6.26 -28.73 -19.96
C LEU C 140 -5.40 -29.06 -18.72
N PHE C 141 -5.57 -30.25 -18.16
CA PHE C 141 -4.85 -30.65 -16.95
C PHE C 141 -4.38 -32.11 -17.05
N PRO C 142 -3.47 -32.39 -18.00
CA PRO C 142 -3.05 -33.77 -18.32
C PRO C 142 -2.37 -34.54 -17.18
N LEU C 143 -1.68 -33.83 -16.28
CA LEU C 143 -0.93 -34.48 -15.22
C LEU C 143 -1.77 -34.84 -13.98
N ASN C 144 -3.09 -34.59 -14.04
CA ASN C 144 -3.98 -35.05 -12.99
C ASN C 144 -4.03 -36.59 -12.96
N LYS C 145 -4.05 -37.14 -11.76
CA LYS C 145 -3.99 -38.60 -11.55
C LYS C 145 -5.34 -39.15 -11.09
N GLY C 146 -6.40 -38.41 -11.36
CA GLY C 146 -7.75 -38.82 -11.02
C GLY C 146 -8.69 -37.65 -10.85
N ILE C 147 -9.98 -37.95 -10.91
CA ILE C 147 -11.03 -36.94 -10.72
C ILE C 147 -12.01 -37.45 -9.68
N SER C 148 -12.53 -36.54 -8.86
CA SER C 148 -13.70 -36.84 -8.05
C SER C 148 -14.78 -35.84 -8.41
N VAL C 149 -16.03 -36.25 -8.25
CA VAL C 149 -17.17 -35.39 -8.57
C VAL C 149 -18.07 -35.30 -7.34
N GLN C 150 -18.06 -34.10 -6.75
CA GLN C 150 -18.68 -33.84 -5.47
C GLN C 150 -20.05 -33.23 -5.71
N SER C 151 -21.09 -34.01 -5.41
CA SER C 151 -22.46 -33.60 -5.67
C SER C 151 -22.91 -32.48 -4.73
N GLU C 152 -23.42 -31.40 -5.31
CA GLU C 152 -24.09 -30.35 -4.56
C GLU C 152 -25.59 -30.64 -4.56
N CYS C 153 -26.33 -29.93 -3.70
CA CYS C 153 -27.75 -30.23 -3.44
C CYS C 153 -28.56 -30.69 -4.67
N PRO C 154 -28.57 -29.91 -5.77
CA PRO C 154 -29.47 -30.23 -6.89
C PRO C 154 -29.22 -31.53 -7.67
N ILE C 155 -28.02 -32.09 -7.62
CA ILE C 155 -27.66 -33.25 -8.44
C ILE C 155 -28.62 -34.43 -8.24
N GLY C 156 -28.80 -34.83 -6.99
CA GLY C 156 -29.73 -35.91 -6.64
C GLY C 156 -31.20 -35.54 -6.85
N LEU C 157 -31.53 -34.29 -6.57
CA LEU C 157 -32.91 -33.79 -6.66
C LEU C 157 -33.49 -33.84 -8.07
N ILE C 158 -32.64 -33.61 -9.08
CA ILE C 158 -33.06 -33.60 -10.48
C ILE C 158 -32.91 -34.97 -11.15
N GLY C 159 -32.44 -35.95 -10.39
CA GLY C 159 -32.38 -37.34 -10.83
C GLY C 159 -31.23 -37.65 -11.77
N ASP C 160 -30.08 -37.00 -11.55
CA ASP C 160 -28.87 -37.28 -12.32
C ASP C 160 -28.23 -38.58 -11.88
N ASP C 161 -27.44 -39.17 -12.77
CA ASP C 161 -26.75 -40.44 -12.53
C ASP C 161 -25.26 -40.26 -12.76
N ILE C 162 -24.60 -39.66 -11.77
CA ILE C 162 -23.16 -39.38 -11.85
C ILE C 162 -22.30 -40.65 -11.81
N GLU C 163 -22.84 -41.75 -11.27
CA GLU C 163 -22.13 -43.03 -11.24
C GLU C 163 -21.88 -43.60 -12.63
N SER C 164 -22.90 -43.60 -13.48
CA SER C 164 -22.78 -44.10 -14.86
C SER C 164 -21.73 -43.32 -15.66
N VAL C 165 -21.77 -42.00 -15.51
CA VAL C 165 -20.83 -41.10 -16.19
C VAL C 165 -19.39 -41.42 -15.76
N SER C 166 -19.20 -41.59 -14.46
CA SER C 166 -17.89 -41.94 -13.89
C SER C 166 -17.42 -43.31 -14.39
N LYS C 167 -18.31 -44.29 -14.33
CA LYS C 167 -18.05 -45.63 -14.85
C LYS C 167 -17.66 -45.57 -16.33
N VAL C 168 -18.48 -44.89 -17.13
CA VAL C 168 -18.28 -44.81 -18.58
C VAL C 168 -17.01 -44.03 -18.94
N LYS C 169 -16.93 -42.79 -18.46
CA LYS C 169 -15.80 -41.92 -18.77
C LYS C 169 -14.50 -42.47 -18.18
N GLY C 170 -14.59 -43.06 -16.99
CA GLY C 170 -13.44 -43.69 -16.34
C GLY C 170 -12.87 -44.84 -17.16
N ALA C 171 -13.76 -45.68 -17.68
CA ALA C 171 -13.37 -46.81 -18.53
C ALA C 171 -12.83 -46.32 -19.88
N GLU C 172 -13.51 -45.32 -20.44
CA GLU C 172 -13.10 -44.68 -21.69
C GLU C 172 -11.68 -44.12 -21.62
N LEU C 173 -11.39 -43.41 -20.53
CA LEU C 173 -10.12 -42.69 -20.36
C LEU C 173 -9.07 -43.45 -19.53
N SER C 174 -9.42 -44.65 -19.07
CA SER C 174 -8.55 -45.41 -18.14
C SER C 174 -8.07 -44.52 -16.99
N LYS C 175 -9.01 -43.80 -16.39
CA LYS C 175 -8.71 -42.88 -15.30
C LYS C 175 -9.69 -43.07 -14.15
N THR C 176 -9.19 -42.84 -12.95
CA THR C 176 -10.02 -42.97 -11.75
C THR C 176 -10.92 -41.75 -11.64
N ILE C 177 -12.22 -41.99 -11.74
CA ILE C 177 -13.23 -40.94 -11.59
C ILE C 177 -14.19 -41.37 -10.48
N VAL C 178 -14.31 -40.54 -9.45
CA VAL C 178 -15.00 -40.90 -8.22
C VAL C 178 -16.30 -40.11 -8.06
N PRO C 179 -17.46 -40.78 -8.22
CA PRO C 179 -18.72 -40.12 -7.93
C PRO C 179 -19.02 -40.10 -6.44
N VAL C 180 -19.20 -38.90 -5.89
CA VAL C 180 -19.55 -38.73 -4.49
C VAL C 180 -20.92 -38.07 -4.38
N ARG C 181 -21.89 -38.82 -3.86
CA ARG C 181 -23.24 -38.31 -3.66
C ARG C 181 -23.33 -37.64 -2.29
N CYS C 182 -22.62 -36.53 -2.16
CA CYS C 182 -22.51 -35.79 -0.90
C CYS C 182 -23.39 -34.54 -0.90
N GLU C 183 -24.56 -34.65 -1.52
CA GLU C 183 -25.47 -33.51 -1.64
C GLU C 183 -25.78 -32.91 -0.28
N GLY C 184 -25.94 -31.60 -0.23
CA GLY C 184 -26.01 -30.86 1.04
C GLY C 184 -27.30 -31.02 1.81
N PHE C 185 -28.31 -31.64 1.21
CA PHE C 185 -29.56 -31.93 1.92
C PHE C 185 -29.45 -33.26 2.68
N ARG C 186 -28.48 -34.09 2.28
CA ARG C 186 -28.21 -35.37 2.94
C ARG C 186 -27.63 -35.17 4.34
N GLY C 187 -28.06 -36.02 5.26
CA GLY C 187 -27.60 -35.96 6.65
C GLY C 187 -28.14 -34.76 7.41
N VAL C 188 -27.46 -34.43 8.51
CA VAL C 188 -27.82 -33.30 9.36
C VAL C 188 -26.67 -32.28 9.53
N SER C 189 -25.53 -32.58 8.93
CA SER C 189 -24.29 -31.84 9.17
C SER C 189 -23.20 -32.36 8.23
N GLN C 190 -21.98 -31.86 8.42
CA GLN C 190 -20.78 -32.32 7.69
C GLN C 190 -20.48 -33.80 7.89
N SER C 191 -20.97 -34.37 9.00
CA SER C 191 -20.63 -35.72 9.41
C SER C 191 -21.01 -36.83 8.42
N LEU C 192 -22.21 -36.74 7.83
CA LEU C 192 -22.63 -37.76 6.86
C LEU C 192 -21.73 -37.72 5.62
N GLY C 193 -21.31 -36.51 5.25
CA GLY C 193 -20.33 -36.32 4.18
C GLY C 193 -19.04 -37.11 4.36
N HIS C 194 -18.53 -37.15 5.59
CA HIS C 194 -17.34 -37.95 5.92
C HIS C 194 -17.54 -39.41 5.57
N HIS C 195 -18.69 -39.93 6.00
CA HIS C 195 -19.08 -41.33 5.78
C HIS C 195 -19.19 -41.63 4.29
N ILE C 196 -19.95 -40.78 3.60
CA ILE C 196 -20.13 -40.89 2.15
C ILE C 196 -18.78 -40.81 1.45
N ALA C 197 -17.96 -39.86 1.87
CA ALA C 197 -16.60 -39.69 1.37
C ALA C 197 -15.73 -40.92 1.64
N ASN C 198 -15.84 -41.45 2.86
CA ASN C 198 -15.12 -42.68 3.23
C ASN C 198 -15.55 -43.86 2.36
N ASP C 199 -16.86 -43.99 2.16
CA ASP C 199 -17.42 -45.07 1.33
C ASP C 199 -17.04 -44.93 -0.13
N ALA C 200 -16.91 -43.69 -0.61
CA ALA C 200 -16.49 -43.42 -1.98
C ALA C 200 -15.03 -43.85 -2.22
N VAL C 201 -14.16 -43.55 -1.26
CA VAL C 201 -12.77 -44.02 -1.31
C VAL C 201 -12.73 -45.55 -1.37
N ARG C 202 -13.46 -46.17 -0.44
CA ARG C 202 -13.58 -47.63 -0.36
C ARG C 202 -13.98 -48.27 -1.70
N ASP C 203 -15.07 -47.77 -2.28
CA ASP C 203 -15.64 -48.36 -3.51
C ASP C 203 -14.82 -48.13 -4.77
N TRP C 204 -14.29 -46.91 -4.93
CA TRP C 204 -13.68 -46.49 -6.20
C TRP C 204 -12.14 -46.36 -6.20
N VAL C 205 -11.51 -46.32 -5.03
CA VAL C 205 -10.07 -46.05 -4.95
C VAL C 205 -9.25 -47.10 -4.18
N LEU C 206 -9.70 -47.44 -2.98
CA LEU C 206 -8.89 -48.22 -2.02
C LEU C 206 -8.50 -49.63 -2.48
N GLY C 207 -9.34 -50.25 -3.31
CA GLY C 207 -9.10 -51.63 -3.77
C GLY C 207 -8.35 -51.79 -5.09
N LYS C 208 -7.80 -50.69 -5.61
CA LYS C 208 -7.15 -50.72 -6.92
C LYS C 208 -5.92 -51.61 -6.96
N ARG C 209 -5.19 -51.66 -5.85
CA ARG C 209 -3.95 -52.42 -5.77
C ARG C 209 -4.06 -53.63 -4.85
N ASP C 210 -5.22 -54.28 -4.88
CA ASP C 210 -5.45 -55.52 -4.13
C ASP C 210 -4.65 -56.69 -4.69
N GLU C 211 -4.60 -56.80 -6.01
CA GLU C 211 -3.82 -57.86 -6.70
C GLU C 211 -2.33 -57.51 -6.81
N ASP C 212 -1.97 -56.29 -6.42
CA ASP C 212 -0.60 -55.81 -6.58
C ASP C 212 0.27 -56.23 -5.39
N THR C 213 1.34 -56.98 -5.69
CA THR C 213 2.25 -57.51 -4.66
C THR C 213 3.67 -56.91 -4.71
N THR C 214 3.88 -55.91 -5.57
CA THR C 214 5.22 -55.36 -5.80
C THR C 214 5.72 -54.40 -4.71
N PHE C 215 4.82 -53.90 -3.87
CA PHE C 215 5.20 -52.93 -2.84
C PHE C 215 6.11 -53.55 -1.78
N ALA C 216 7.31 -52.99 -1.65
CA ALA C 216 8.30 -53.50 -0.71
C ALA C 216 7.98 -53.09 0.73
N SER C 217 7.28 -53.96 1.45
CA SER C 217 6.84 -53.68 2.82
C SER C 217 7.98 -53.77 3.83
N THR C 218 7.78 -53.14 4.98
CA THR C 218 8.63 -53.28 6.15
C THR C 218 7.74 -53.50 7.38
N PRO C 219 8.32 -53.93 8.52
CA PRO C 219 7.49 -54.19 9.71
C PRO C 219 6.98 -52.92 10.38
N TYR C 220 7.51 -51.77 9.97
CA TYR C 220 7.21 -50.49 10.60
C TYR C 220 6.38 -49.57 9.71
N ASP C 221 5.67 -50.14 8.75
CA ASP C 221 4.81 -49.37 7.86
C ASP C 221 3.55 -48.90 8.59
N VAL C 222 3.19 -47.66 8.31
CA VAL C 222 2.17 -46.98 9.09
C VAL C 222 1.45 -45.96 8.19
N ALA C 223 0.24 -45.59 8.58
CA ALA C 223 -0.53 -44.58 7.85
C ALA C 223 -1.11 -43.59 8.83
N ILE C 224 -1.00 -42.30 8.51
CA ILE C 224 -1.66 -41.26 9.28
C ILE C 224 -3.07 -41.07 8.73
N ILE C 225 -4.06 -41.52 9.49
CA ILE C 225 -5.47 -41.47 9.07
C ILE C 225 -6.20 -40.35 9.79
N GLY C 226 -6.77 -39.43 9.01
CA GLY C 226 -7.53 -38.31 9.57
C GLY C 226 -6.66 -37.19 10.12
N ASP C 227 -5.59 -36.85 9.39
CA ASP C 227 -4.85 -35.62 9.63
C ASP C 227 -4.81 -34.86 8.32
N TYR C 228 -5.39 -33.66 8.35
CA TYR C 228 -5.63 -32.90 7.14
C TYR C 228 -4.58 -31.79 6.96
N ASN C 229 -3.49 -31.88 7.71
CA ASN C 229 -2.32 -31.01 7.56
C ASN C 229 -2.65 -29.53 7.67
N ILE C 230 -3.49 -29.20 8.65
CA ILE C 230 -3.92 -27.82 8.86
C ILE C 230 -2.72 -27.02 9.37
N GLY C 231 -2.25 -26.09 8.55
CA GLY C 231 -1.05 -25.31 8.87
C GLY C 231 0.23 -26.13 8.91
N GLY C 232 0.19 -27.35 8.39
CA GLY C 232 1.36 -28.25 8.41
C GLY C 232 1.36 -29.27 9.54
N ASP C 233 0.24 -29.40 10.23
CA ASP C 233 0.07 -30.32 11.37
C ASP C 233 0.58 -31.74 11.11
N ALA C 234 0.19 -32.28 9.96
CA ALA C 234 0.53 -33.65 9.58
C ALA C 234 2.03 -33.83 9.38
N TRP C 235 2.69 -32.78 8.89
CA TRP C 235 4.14 -32.80 8.70
C TRP C 235 4.87 -32.76 10.03
N SER C 236 4.30 -32.04 10.99
CA SER C 236 4.80 -31.97 12.35
C SER C 236 4.55 -33.24 13.15
N SER C 237 3.57 -34.03 12.71
CA SER C 237 3.31 -35.35 13.27
C SER C 237 4.22 -36.37 12.60
N ARG C 238 4.16 -36.43 11.27
CA ARG C 238 4.96 -37.37 10.46
C ARG C 238 6.43 -37.42 10.92
N ILE C 239 7.01 -36.25 11.18
CA ILE C 239 8.44 -36.15 11.50
C ILE C 239 8.82 -36.92 12.77
N LEU C 240 7.94 -36.92 13.76
CA LEU C 240 8.17 -37.63 15.02
C LEU C 240 8.06 -39.14 14.83
N LEU C 241 7.04 -39.57 14.09
CA LEU C 241 6.81 -40.99 13.83
C LEU C 241 8.01 -41.62 13.11
N GLU C 242 8.52 -40.91 12.11
CA GLU C 242 9.65 -41.39 11.32
C GLU C 242 10.99 -41.32 12.07
N GLU C 243 11.09 -40.38 13.01
CA GLU C 243 12.25 -40.33 13.94
C GLU C 243 12.22 -41.52 14.90
N MET C 244 11.00 -41.95 15.24
CA MET C 244 10.81 -43.14 16.06
C MET C 244 11.12 -44.45 15.32
N GLY C 245 11.37 -44.35 14.01
CA GLY C 245 11.77 -45.50 13.20
C GLY C 245 10.68 -46.00 12.25
N LEU C 246 9.49 -45.41 12.35
CA LEU C 246 8.36 -45.83 11.52
C LEU C 246 8.42 -45.24 10.11
N ARG C 247 7.77 -45.93 9.18
CA ARG C 247 7.67 -45.46 7.81
C ARG C 247 6.21 -45.11 7.51
N CYS C 248 5.92 -43.81 7.43
CA CYS C 248 4.58 -43.34 7.08
C CYS C 248 4.35 -43.49 5.58
N VAL C 249 3.59 -44.51 5.20
CA VAL C 249 3.31 -44.80 3.80
C VAL C 249 2.26 -43.84 3.25
N ALA C 250 1.38 -43.34 4.12
CA ALA C 250 0.24 -42.54 3.67
C ALA C 250 -0.19 -41.51 4.71
N GLN C 251 -0.61 -40.35 4.19
CA GLN C 251 -1.33 -39.34 4.97
C GLN C 251 -2.71 -39.11 4.34
N TRP C 252 -3.76 -39.40 5.10
CA TRP C 252 -5.15 -39.26 4.66
C TRP C 252 -5.71 -38.04 5.37
N SER C 253 -5.55 -36.84 4.84
CA SER C 253 -5.87 -36.44 3.47
C SER C 253 -4.94 -35.28 3.11
N GLY C 254 -4.47 -34.63 4.18
CA GLY C 254 -3.58 -33.49 4.12
C GLY C 254 -2.25 -33.82 3.50
N ASP C 255 -1.95 -33.10 2.42
CA ASP C 255 -0.80 -33.38 1.55
C ASP C 255 -0.81 -34.82 1.02
N GLY C 256 -2.00 -35.34 0.78
CA GLY C 256 -2.17 -36.74 0.36
C GLY C 256 -2.22 -36.87 -1.15
N SER C 257 -1.58 -37.92 -1.66
CA SER C 257 -1.68 -38.29 -3.06
C SER C 257 -2.64 -39.46 -3.20
N ILE C 258 -3.15 -39.69 -4.40
CA ILE C 258 -4.00 -40.85 -4.66
C ILE C 258 -3.24 -42.17 -4.48
N SER C 259 -1.98 -42.20 -4.91
CA SER C 259 -1.15 -43.41 -4.83
C SER C 259 -0.87 -43.82 -3.37
N GLU C 260 -0.83 -42.84 -2.47
CA GLU C 260 -0.67 -43.11 -1.04
C GLU C 260 -1.89 -43.81 -0.46
N ILE C 261 -3.07 -43.34 -0.88
CA ILE C 261 -4.33 -43.98 -0.48
C ILE C 261 -4.35 -45.43 -0.96
N GLU C 262 -3.95 -45.63 -2.21
CA GLU C 262 -3.92 -46.96 -2.82
C GLU C 262 -2.88 -47.89 -2.19
N LEU C 263 -1.83 -47.31 -1.58
CA LEU C 263 -0.78 -48.07 -0.89
C LEU C 263 -1.13 -48.39 0.56
N THR C 264 -2.15 -47.71 1.09
CA THR C 264 -2.51 -47.82 2.52
C THR C 264 -2.84 -49.24 2.99
N PRO C 265 -3.60 -50.01 2.18
CA PRO C 265 -3.83 -51.43 2.51
C PRO C 265 -2.58 -52.29 2.75
N LYS C 266 -1.41 -51.79 2.36
CA LYS C 266 -0.14 -52.50 2.56
C LYS C 266 0.53 -52.23 3.92
N VAL C 267 -0.01 -51.31 4.70
CA VAL C 267 0.62 -50.91 5.98
C VAL C 267 0.34 -51.89 7.13
N LYS C 268 1.11 -51.75 8.20
CA LYS C 268 1.01 -52.62 9.38
C LYS C 268 0.08 -52.07 10.47
N LEU C 269 -0.08 -50.74 10.51
CA LEU C 269 -0.95 -50.09 11.49
C LEU C 269 -1.51 -48.76 10.96
N ASN C 270 -2.81 -48.56 11.13
CA ASN C 270 -3.44 -47.27 10.83
C ASN C 270 -3.51 -46.39 12.08
N LEU C 271 -2.78 -45.29 12.06
CA LEU C 271 -2.77 -44.33 13.16
C LEU C 271 -3.88 -43.30 12.94
N VAL C 272 -4.97 -43.44 13.69
CA VAL C 272 -6.14 -42.59 13.53
C VAL C 272 -6.07 -41.37 14.44
N HIS C 273 -5.96 -40.18 13.84
CA HIS C 273 -6.03 -38.95 14.62
C HIS C 273 -7.46 -38.47 14.72
N CYS C 274 -8.08 -38.14 13.58
CA CYS C 274 -9.49 -37.75 13.55
C CYS C 274 -10.38 -38.99 13.42
N TYR C 275 -10.90 -39.42 14.56
CA TYR C 275 -11.79 -40.58 14.63
C TYR C 275 -13.09 -40.30 13.88
N ARG C 276 -13.76 -39.21 14.23
CA ARG C 276 -15.08 -38.86 13.65
C ARG C 276 -15.08 -38.94 12.12
N SER C 277 -14.08 -38.32 11.49
CA SER C 277 -14.04 -38.23 10.02
C SER C 277 -13.56 -39.49 9.31
N MET C 278 -12.73 -40.29 9.97
CA MET C 278 -12.06 -41.43 9.31
C MET C 278 -12.24 -42.83 9.96
N ASN C 279 -13.07 -42.93 10.99
CA ASN C 279 -13.28 -44.25 11.64
C ASN C 279 -13.91 -45.29 10.72
N TYR C 280 -14.65 -44.85 9.70
CA TYR C 280 -15.40 -45.76 8.82
C TYR C 280 -14.46 -46.59 7.95
N ILE C 281 -13.56 -45.91 7.25
CA ILE C 281 -12.58 -46.56 6.39
C ILE C 281 -11.58 -47.36 7.22
N SER C 282 -11.31 -46.91 8.45
CA SER C 282 -10.43 -47.62 9.38
C SER C 282 -11.00 -48.99 9.77
N ARG C 283 -12.30 -49.03 10.05
CA ARG C 283 -13.03 -50.29 10.29
C ARG C 283 -12.92 -51.24 9.10
N HIS C 284 -13.18 -50.70 7.91
CA HIS C 284 -13.18 -51.47 6.68
C HIS C 284 -11.84 -52.14 6.43
N MET C 285 -10.76 -51.38 6.59
CA MET C 285 -9.42 -51.88 6.34
C MET C 285 -9.01 -52.97 7.33
N GLU C 286 -9.54 -52.90 8.55
CA GLU C 286 -9.35 -53.98 9.52
C GLU C 286 -10.14 -55.21 9.10
N GLU C 287 -11.38 -55.02 8.67
CA GLU C 287 -12.24 -56.13 8.23
C GLU C 287 -11.69 -56.81 6.98
N LYS C 288 -11.45 -56.01 5.94
CA LYS C 288 -10.98 -56.51 4.66
C LYS C 288 -9.53 -56.98 4.68
N TYR C 289 -8.61 -56.10 5.10
CA TYR C 289 -7.17 -56.36 5.01
C TYR C 289 -6.50 -56.76 6.31
N GLY C 290 -7.29 -56.87 7.39
CA GLY C 290 -6.77 -57.24 8.70
C GLY C 290 -5.96 -56.16 9.44
N ILE C 291 -5.83 -54.98 8.85
CA ILE C 291 -4.97 -53.93 9.42
C ILE C 291 -5.58 -53.33 10.69
N PRO C 292 -4.87 -53.43 11.82
CA PRO C 292 -5.38 -52.84 13.05
C PRO C 292 -5.25 -51.32 13.04
N TRP C 293 -6.17 -50.64 13.72
CA TRP C 293 -6.10 -49.20 13.86
C TRP C 293 -6.13 -48.80 15.32
N MET C 294 -5.55 -47.65 15.61
CA MET C 294 -5.51 -47.11 16.97
C MET C 294 -5.62 -45.59 16.95
N GLU C 295 -6.39 -45.06 17.91
CA GLU C 295 -6.54 -43.64 18.04
C GLU C 295 -5.34 -43.07 18.75
N TYR C 296 -4.92 -41.88 18.33
CA TYR C 296 -3.87 -41.18 19.04
C TYR C 296 -4.15 -39.69 19.10
N ASN C 297 -3.36 -38.99 19.89
CA ASN C 297 -3.52 -37.56 20.12
C ASN C 297 -2.15 -36.90 20.17
N PHE C 298 -1.92 -35.93 19.28
CA PHE C 298 -0.64 -35.24 19.16
C PHE C 298 -0.77 -33.75 19.52
N PHE C 299 -1.72 -33.43 20.39
CA PHE C 299 -1.89 -32.06 20.87
C PHE C 299 -1.20 -31.88 22.23
N GLY C 300 -0.13 -31.11 22.25
CA GLY C 300 0.64 -30.88 23.48
C GLY C 300 1.64 -32.00 23.75
N PRO C 301 2.57 -31.78 24.69
CA PRO C 301 3.60 -32.78 24.99
C PRO C 301 3.09 -34.03 25.70
N THR C 302 2.20 -33.85 26.67
CA THR C 302 1.68 -34.96 27.46
C THR C 302 0.98 -36.01 26.59
N LYS C 303 0.14 -35.55 25.68
CA LYS C 303 -0.59 -36.47 24.80
C LYS C 303 0.33 -37.03 23.72
N THR C 304 1.22 -36.20 23.21
CA THR C 304 2.19 -36.62 22.18
C THR C 304 3.11 -37.72 22.72
N ILE C 305 3.61 -37.53 23.94
CA ILE C 305 4.47 -38.52 24.60
C ILE C 305 3.70 -39.82 24.88
N GLU C 306 2.50 -39.67 25.45
CA GLU C 306 1.60 -40.78 25.68
C GLU C 306 1.32 -41.55 24.39
N SER C 307 1.06 -40.80 23.32
CA SER C 307 0.76 -41.37 22.01
C SER C 307 1.95 -42.09 21.38
N LEU C 308 3.12 -41.45 21.43
CA LEU C 308 4.35 -42.02 20.86
C LEU C 308 4.69 -43.36 21.52
N ARG C 309 4.51 -43.43 22.84
CA ARG C 309 4.74 -44.66 23.60
C ARG C 309 3.71 -45.75 23.29
N ALA C 310 2.44 -45.36 23.15
CA ALA C 310 1.38 -46.31 22.83
C ALA C 310 1.61 -46.91 21.45
N ILE C 311 1.94 -46.05 20.48
CA ILE C 311 2.23 -46.48 19.11
C ILE C 311 3.45 -47.40 19.06
N ALA C 312 4.51 -47.00 19.76
CA ALA C 312 5.77 -47.78 19.76
C ALA C 312 5.59 -49.16 20.40
N ALA C 313 4.69 -49.26 21.37
CA ALA C 313 4.37 -50.52 22.05
C ALA C 313 3.76 -51.58 21.11
N LYS C 314 3.09 -51.12 20.05
CA LYS C 314 2.54 -52.02 19.02
C LYS C 314 3.62 -52.64 18.12
N PHE C 315 4.85 -52.18 18.25
CA PHE C 315 5.98 -52.70 17.47
C PHE C 315 6.97 -53.41 18.38
N ASP C 316 8.25 -53.32 18.05
CA ASP C 316 9.27 -54.09 18.76
C ASP C 316 10.21 -53.18 19.56
N GLU C 317 11.01 -53.88 20.35
CA GLU C 317 12.07 -53.34 21.18
C GLU C 317 12.85 -52.15 20.57
N SER C 318 13.22 -52.28 19.30
CA SER C 318 14.03 -51.26 18.60
C SER C 318 13.28 -49.94 18.39
N ILE C 319 12.00 -50.04 18.03
CA ILE C 319 11.15 -48.86 17.89
C ILE C 319 10.90 -48.18 19.24
N GLN C 320 10.70 -48.99 20.27
CA GLN C 320 10.46 -48.48 21.63
C GLN C 320 11.70 -47.77 22.21
N LYS C 321 12.88 -48.24 21.84
CA LYS C 321 14.11 -47.54 22.20
C LYS C 321 14.18 -46.19 21.49
N LYS C 322 13.91 -46.18 20.19
CA LYS C 322 13.87 -44.95 19.41
C LYS C 322 12.80 -43.98 19.93
N CYS C 323 11.69 -44.53 20.40
CA CYS C 323 10.62 -43.74 21.03
C CYS C 323 11.17 -42.89 22.18
N GLU C 324 11.93 -43.53 23.06
CA GLU C 324 12.52 -42.85 24.20
C GLU C 324 13.59 -41.84 23.79
N GLU C 325 14.31 -42.14 22.71
CA GLU C 325 15.30 -41.23 22.17
C GLU C 325 14.67 -39.97 21.58
N VAL C 326 13.51 -40.12 20.94
CA VAL C 326 12.77 -38.97 20.42
C VAL C 326 12.27 -38.11 21.60
N ILE C 327 11.60 -38.76 22.55
CA ILE C 327 11.07 -38.08 23.73
C ILE C 327 12.16 -37.29 24.47
N ALA C 328 13.34 -37.90 24.64
CA ALA C 328 14.48 -37.24 25.30
C ALA C 328 15.02 -36.07 24.49
N LYS C 329 15.01 -36.20 23.17
CA LYS C 329 15.42 -35.13 22.27
C LYS C 329 14.59 -33.86 22.47
N TYR C 330 13.27 -34.03 22.45
CA TYR C 330 12.33 -32.89 22.51
C TYR C 330 12.01 -32.38 23.92
N LYS C 331 12.38 -33.16 24.94
CA LYS C 331 12.14 -32.78 26.35
C LYS C 331 12.55 -31.34 26.68
N PRO C 332 13.82 -30.96 26.40
CA PRO C 332 14.24 -29.58 26.67
C PRO C 332 13.48 -28.51 25.89
N GLU C 333 12.99 -28.87 24.70
CA GLU C 333 12.30 -27.90 23.84
C GLU C 333 10.89 -27.55 24.36
N TRP C 334 10.08 -28.58 24.67
CA TRP C 334 8.72 -28.33 25.19
C TRP C 334 8.72 -27.81 26.63
N GLU C 335 9.68 -28.26 27.43
CA GLU C 335 9.81 -27.78 28.81
C GLU C 335 10.17 -26.29 28.84
N ALA C 336 10.99 -25.86 27.89
CA ALA C 336 11.32 -24.44 27.71
C ALA C 336 10.07 -23.65 27.29
N VAL C 337 9.22 -24.26 26.47
CA VAL C 337 7.96 -23.65 26.09
C VAL C 337 7.04 -23.46 27.31
N VAL C 338 6.91 -24.48 28.14
CA VAL C 338 6.01 -24.40 29.30
C VAL C 338 6.54 -23.40 30.34
N ALA C 339 7.85 -23.43 30.57
CA ALA C 339 8.49 -22.52 31.52
C ALA C 339 8.23 -21.07 31.11
N LYS C 340 8.27 -20.82 29.80
CA LYS C 340 8.00 -19.49 29.26
C LYS C 340 6.51 -19.11 29.28
N TYR C 341 5.65 -20.05 28.90
CA TYR C 341 4.24 -19.72 28.64
C TYR C 341 3.24 -20.14 29.71
N ARG C 342 3.49 -21.23 30.42
CA ARG C 342 2.56 -21.66 31.49
C ARG C 342 2.30 -20.55 32.52
N PRO C 343 3.36 -19.83 32.96
CA PRO C 343 3.14 -18.72 33.88
C PRO C 343 2.28 -17.58 33.33
N ARG C 344 2.19 -17.47 32.00
CA ARG C 344 1.42 -16.43 31.34
C ARG C 344 -0.07 -16.79 31.20
N LEU C 345 -0.37 -18.09 31.28
CA LEU C 345 -1.72 -18.61 30.99
C LEU C 345 -2.32 -19.46 32.13
N GLU C 346 -1.51 -19.71 33.16
CA GLU C 346 -1.93 -20.49 34.34
C GLU C 346 -3.24 -20.00 34.96
N GLY C 347 -4.19 -20.91 35.10
CA GLY C 347 -5.46 -20.63 35.75
C GLY C 347 -6.54 -20.04 34.86
N LYS C 348 -6.17 -19.64 33.65
CA LYS C 348 -7.11 -19.05 32.70
C LYS C 348 -8.08 -20.12 32.19
N ARG C 349 -9.32 -19.68 31.96
CA ARG C 349 -10.43 -20.60 31.65
C ARG C 349 -10.84 -20.49 30.20
N VAL C 350 -10.97 -21.64 29.55
CA VAL C 350 -11.26 -21.71 28.12
C VAL C 350 -12.64 -22.28 27.85
N MET C 351 -13.32 -21.72 26.85
CA MET C 351 -14.54 -22.31 26.29
C MET C 351 -14.27 -22.64 24.84
N LEU C 352 -14.65 -23.84 24.43
CA LEU C 352 -14.40 -24.30 23.08
C LEU C 352 -15.70 -24.64 22.37
N TYR C 353 -15.71 -24.44 21.06
CA TYR C 353 -16.75 -25.01 20.21
C TYR C 353 -16.16 -25.23 18.82
N ILE C 354 -16.06 -26.49 18.43
CA ILE C 354 -15.46 -26.84 17.16
C ILE C 354 -16.28 -27.99 16.54
N GLY C 355 -15.67 -28.82 15.69
CA GLY C 355 -16.43 -29.76 14.85
C GLY C 355 -16.74 -31.13 15.44
N GLY C 356 -15.76 -32.03 15.37
CA GLY C 356 -15.97 -33.43 15.72
C GLY C 356 -14.82 -34.13 16.44
N LEU C 357 -13.69 -33.46 16.60
CA LEU C 357 -12.51 -34.04 17.23
C LEU C 357 -11.87 -33.10 18.26
N ARG C 358 -11.57 -31.89 17.81
CA ARG C 358 -10.77 -30.96 18.61
C ARG C 358 -11.41 -30.42 19.90
N PRO C 359 -12.76 -30.40 20.01
CA PRO C 359 -13.34 -30.01 21.30
C PRO C 359 -12.84 -30.82 22.50
N ARG C 360 -12.48 -32.09 22.29
CA ARG C 360 -11.85 -32.89 23.35
C ARG C 360 -10.35 -33.04 23.17
N HIS C 361 -9.88 -33.09 21.93
CA HIS C 361 -8.48 -33.46 21.66
C HIS C 361 -7.46 -32.40 22.05
N VAL C 362 -7.88 -31.13 22.06
CA VAL C 362 -6.98 -30.04 22.38
C VAL C 362 -6.95 -29.68 23.87
N ILE C 363 -7.70 -30.42 24.69
CA ILE C 363 -7.83 -30.11 26.12
C ILE C 363 -6.53 -30.31 26.90
N GLY C 364 -5.80 -31.37 26.55
CA GLY C 364 -4.53 -31.68 27.21
C GLY C 364 -3.47 -30.62 26.98
N ALA C 365 -3.43 -30.10 25.75
CA ALA C 365 -2.52 -29.01 25.39
C ALA C 365 -2.78 -27.76 26.25
N TYR C 366 -4.06 -27.47 26.50
CA TYR C 366 -4.44 -26.37 27.39
C TYR C 366 -3.99 -26.63 28.82
N GLU C 367 -4.28 -27.83 29.31
CA GLU C 367 -3.89 -28.23 30.67
C GLU C 367 -2.36 -28.24 30.85
N ASP C 368 -1.62 -28.54 29.79
CA ASP C 368 -0.15 -28.45 29.78
C ASP C 368 0.37 -27.02 29.94
N LEU C 369 -0.48 -26.03 29.69
CA LEU C 369 -0.15 -24.62 29.94
C LEU C 369 -0.88 -24.10 31.17
N GLY C 370 -1.37 -25.03 31.99
CA GLY C 370 -2.08 -24.70 33.23
C GLY C 370 -3.46 -24.11 33.05
N MET C 371 -4.04 -24.25 31.86
CA MET C 371 -5.36 -23.70 31.56
C MET C 371 -6.48 -24.72 31.81
N GLU C 372 -7.68 -24.20 32.06
CA GLU C 372 -8.84 -25.02 32.39
C GLU C 372 -9.88 -24.84 31.30
N VAL C 373 -10.34 -25.95 30.72
CA VAL C 373 -11.45 -25.92 29.77
C VAL C 373 -12.77 -26.06 30.53
N VAL C 374 -13.47 -24.94 30.70
CA VAL C 374 -14.70 -24.90 31.51
C VAL C 374 -15.96 -25.17 30.68
N GLY C 375 -15.81 -25.17 29.36
CA GLY C 375 -16.91 -25.50 28.45
C GLY C 375 -16.36 -26.02 27.15
N THR C 376 -17.04 -27.00 26.58
CA THR C 376 -16.70 -27.49 25.24
C THR C 376 -17.91 -28.09 24.58
N GLY C 377 -17.83 -28.22 23.26
CA GLY C 377 -18.95 -28.73 22.48
C GLY C 377 -18.59 -28.97 21.04
N TYR C 378 -19.41 -29.78 20.38
CA TYR C 378 -19.20 -30.16 18.99
C TYR C 378 -20.33 -29.68 18.09
N GLU C 379 -20.00 -29.44 16.84
CA GLU C 379 -20.98 -29.14 15.81
C GLU C 379 -21.73 -30.40 15.38
N PHE C 380 -21.00 -31.47 15.12
CA PHE C 380 -21.55 -32.64 14.40
C PHE C 380 -21.10 -34.00 14.96
N ALA C 381 -20.64 -34.02 16.21
CA ALA C 381 -20.12 -35.25 16.84
C ALA C 381 -21.24 -36.24 17.17
N HIS C 382 -20.89 -37.52 17.22
CA HIS C 382 -21.82 -38.59 17.59
C HIS C 382 -21.68 -38.88 19.08
N ASN C 383 -22.54 -39.74 19.61
CA ASN C 383 -22.45 -40.12 21.04
C ASN C 383 -21.11 -40.77 21.39
N ASP C 384 -20.56 -41.57 20.49
CA ASP C 384 -19.24 -42.18 20.75
C ASP C 384 -18.14 -41.11 20.97
N ASP C 385 -18.28 -39.94 20.36
CA ASP C 385 -17.39 -38.80 20.64
C ASP C 385 -17.62 -38.22 22.03
N TYR C 386 -18.88 -38.07 22.42
CA TYR C 386 -19.21 -37.55 23.74
C TYR C 386 -18.77 -38.49 24.85
N ASP C 387 -18.91 -39.79 24.61
CA ASP C 387 -18.37 -40.80 25.53
C ASP C 387 -16.89 -40.48 25.77
N ARG C 388 -16.17 -40.30 24.68
CA ARG C 388 -14.72 -40.01 24.71
C ARG C 388 -14.39 -38.67 25.40
N THR C 389 -15.34 -37.74 25.35
CA THR C 389 -15.18 -36.41 25.94
C THR C 389 -15.42 -36.37 27.44
N MET C 390 -16.38 -37.19 27.91
CA MET C 390 -16.66 -37.32 29.35
C MET C 390 -15.38 -37.45 30.15
N LYS C 391 -14.52 -38.34 29.67
CA LYS C 391 -13.26 -38.70 30.33
C LYS C 391 -12.28 -37.52 30.37
N GLU C 392 -12.24 -36.74 29.29
CA GLU C 392 -11.25 -35.67 29.14
C GLU C 392 -11.63 -34.37 29.82
N MET C 393 -12.93 -34.15 30.00
CA MET C 393 -13.42 -32.91 30.60
C MET C 393 -13.54 -33.05 32.12
N GLY C 394 -13.53 -31.91 32.78
CA GLY C 394 -13.62 -31.86 34.23
C GLY C 394 -15.02 -32.16 34.71
N ASP C 395 -15.16 -32.28 36.03
CA ASP C 395 -16.45 -32.50 36.66
C ASP C 395 -17.22 -31.19 36.59
N SER C 396 -18.51 -31.28 36.31
CA SER C 396 -19.43 -30.14 36.38
C SER C 396 -19.20 -29.07 35.29
N THR C 397 -18.49 -29.42 34.22
CA THR C 397 -18.25 -28.48 33.11
C THR C 397 -19.39 -28.56 32.10
N LEU C 398 -19.55 -27.49 31.32
CA LEU C 398 -20.69 -27.35 30.41
C LEU C 398 -20.45 -28.08 29.07
N LEU C 399 -21.43 -28.90 28.67
CA LEU C 399 -21.43 -29.55 27.36
C LEU C 399 -22.57 -29.03 26.50
N TYR C 400 -22.27 -28.75 25.23
CA TYR C 400 -23.28 -28.30 24.26
C TYR C 400 -23.04 -28.93 22.88
N ASP C 401 -24.04 -29.66 22.40
CA ASP C 401 -24.03 -30.20 21.03
C ASP C 401 -24.83 -29.30 20.10
N ASP C 402 -24.29 -29.04 18.91
CA ASP C 402 -24.95 -28.20 17.92
C ASP C 402 -25.51 -26.93 18.58
N VAL C 403 -24.61 -26.17 19.21
CA VAL C 403 -25.01 -24.99 19.96
C VAL C 403 -25.57 -23.92 19.02
N THR C 404 -26.54 -23.16 19.52
CA THR C 404 -27.11 -22.06 18.75
C THR C 404 -26.32 -20.80 19.04
N GLY C 405 -26.32 -19.87 18.10
CA GLY C 405 -25.63 -18.59 18.29
C GLY C 405 -26.08 -17.91 19.57
N TYR C 406 -27.40 -17.90 19.79
CA TYR C 406 -28.00 -17.31 20.98
C TYR C 406 -27.49 -17.96 22.26
N GLU C 407 -27.54 -19.29 22.31
CA GLU C 407 -27.06 -20.05 23.47
C GLU C 407 -25.61 -19.74 23.79
N PHE C 408 -24.77 -19.86 22.76
CA PHE C 408 -23.32 -19.71 22.91
C PHE C 408 -22.96 -18.33 23.45
N GLU C 409 -23.63 -17.30 22.93
CA GLU C 409 -23.44 -15.94 23.43
C GLU C 409 -23.88 -15.84 24.90
N GLU C 410 -25.04 -16.42 25.20
CA GLU C 410 -25.59 -16.40 26.57
C GLU C 410 -24.71 -17.16 27.57
N PHE C 411 -24.19 -18.32 27.17
CA PHE C 411 -23.31 -19.09 28.04
C PHE C 411 -22.05 -18.31 28.39
N VAL C 412 -21.43 -17.71 27.37
CA VAL C 412 -20.23 -16.88 27.55
C VAL C 412 -20.48 -15.68 28.47
N LYS C 413 -21.63 -15.02 28.30
CA LYS C 413 -22.00 -13.88 29.15
C LYS C 413 -21.94 -14.24 30.63
N ARG C 414 -22.44 -15.43 30.97
CA ARG C 414 -22.51 -15.89 32.35
C ARG C 414 -21.20 -16.53 32.81
N ILE C 415 -20.70 -17.47 32.02
CA ILE C 415 -19.47 -18.19 32.36
C ILE C 415 -18.26 -17.24 32.45
N LYS C 416 -18.22 -16.28 31.52
CA LYS C 416 -17.16 -15.26 31.47
C LYS C 416 -15.76 -15.86 31.34
N PRO C 417 -15.51 -16.64 30.27
CA PRO C 417 -14.21 -17.25 30.10
C PRO C 417 -13.13 -16.24 29.78
N ASP C 418 -11.88 -16.61 30.01
CA ASP C 418 -10.76 -15.76 29.69
C ASP C 418 -10.40 -15.85 28.20
N LEU C 419 -10.73 -17.00 27.60
CA LEU C 419 -10.43 -17.28 26.19
C LEU C 419 -11.54 -18.13 25.60
N ILE C 420 -11.87 -17.88 24.32
CA ILE C 420 -12.80 -18.72 23.58
C ILE C 420 -12.15 -19.23 22.29
N GLY C 421 -12.31 -20.53 22.02
CA GLY C 421 -11.69 -21.17 20.87
C GLY C 421 -12.74 -21.81 19.96
N SER C 422 -13.01 -21.16 18.83
CA SER C 422 -14.07 -21.60 17.93
C SER C 422 -13.73 -21.30 16.47
N GLY C 423 -14.76 -21.05 15.65
CA GLY C 423 -14.57 -20.78 14.22
C GLY C 423 -14.72 -19.31 13.82
N ILE C 424 -14.67 -19.08 12.51
CA ILE C 424 -14.71 -17.72 11.95
C ILE C 424 -16.07 -17.02 12.16
N LYS C 425 -17.16 -17.78 12.18
CA LYS C 425 -18.50 -17.21 12.41
C LYS C 425 -18.74 -16.78 13.86
N GLU C 426 -17.88 -17.27 14.76
CA GLU C 426 -17.95 -16.94 16.18
C GLU C 426 -16.98 -15.82 16.55
N LYS C 427 -15.85 -15.78 15.84
CA LYS C 427 -14.70 -14.94 16.21
C LYS C 427 -15.01 -13.48 16.53
N PHE C 428 -15.63 -12.79 15.59
CA PHE C 428 -15.82 -11.34 15.68
C PHE C 428 -16.94 -10.91 16.62
N ILE C 429 -17.75 -11.87 17.07
CA ILE C 429 -18.79 -11.62 18.05
C ILE C 429 -18.17 -11.42 19.43
N PHE C 430 -17.33 -12.38 19.81
CA PHE C 430 -16.74 -12.42 21.15
C PHE C 430 -15.60 -11.43 21.30
N GLN C 431 -14.94 -11.11 20.20
CA GLN C 431 -13.95 -10.03 20.19
C GLN C 431 -14.59 -8.68 20.55
N LYS C 432 -15.81 -8.46 20.07
CA LYS C 432 -16.55 -7.25 20.40
C LYS C 432 -17.01 -7.22 21.86
N MET C 433 -17.24 -8.40 22.42
CA MET C 433 -17.61 -8.53 23.84
C MET C 433 -16.41 -8.35 24.77
N GLY C 434 -15.21 -8.34 24.19
CA GLY C 434 -13.98 -8.12 24.97
C GLY C 434 -13.33 -9.40 25.46
N ILE C 435 -13.73 -10.55 24.90
CA ILE C 435 -13.11 -11.83 25.24
C ILE C 435 -12.13 -12.25 24.14
N PRO C 436 -10.84 -12.42 24.49
CA PRO C 436 -9.88 -13.02 23.57
C PRO C 436 -10.42 -14.28 22.89
N PHE C 437 -10.17 -14.37 21.59
CA PHE C 437 -10.66 -15.45 20.76
C PHE C 437 -9.54 -16.00 19.90
N ARG C 438 -9.48 -17.32 19.80
CA ARG C 438 -8.55 -17.98 18.88
C ARG C 438 -9.34 -18.92 17.97
N GLU C 439 -9.09 -18.79 16.68
CA GLU C 439 -9.69 -19.68 15.70
C GLU C 439 -9.08 -21.07 15.85
N MET C 440 -9.90 -22.04 16.25
CA MET C 440 -9.43 -23.40 16.49
C MET C 440 -9.75 -24.34 15.33
N HIS C 441 -10.21 -23.78 14.21
CA HIS C 441 -10.29 -24.50 12.96
C HIS C 441 -9.06 -24.20 12.13
N SER C 442 -8.94 -22.93 11.73
CA SER C 442 -7.88 -22.45 10.88
C SER C 442 -6.59 -22.10 11.62
N TRP C 443 -6.60 -22.27 12.94
CA TRP C 443 -5.47 -21.86 13.80
C TRP C 443 -5.17 -20.37 13.69
N ASP C 444 -6.17 -19.58 13.31
CA ASP C 444 -6.02 -18.15 13.03
C ASP C 444 -4.81 -17.89 12.13
N TYR C 445 -4.71 -18.69 11.07
CA TYR C 445 -3.67 -18.52 10.04
C TYR C 445 -2.25 -18.72 10.59
N SER C 446 -2.17 -19.46 11.70
CA SER C 446 -0.90 -19.81 12.33
C SER C 446 -0.75 -21.34 12.34
N GLY C 447 -0.08 -21.89 13.35
CA GLY C 447 0.15 -23.33 13.39
C GLY C 447 1.41 -23.68 12.61
N PRO C 448 1.77 -24.98 12.57
CA PRO C 448 1.02 -26.12 13.10
C PRO C 448 0.88 -26.14 14.61
N TYR C 449 -0.12 -26.89 15.09
CA TYR C 449 -0.34 -27.12 16.52
C TYR C 449 -0.07 -28.56 16.94
N HIS C 450 0.13 -29.45 15.97
CA HIS C 450 0.43 -30.86 16.26
C HIS C 450 1.90 -31.06 16.59
N GLY C 451 2.18 -32.08 17.40
CA GLY C 451 3.55 -32.47 17.72
C GLY C 451 4.19 -31.57 18.77
N PHE C 452 5.48 -31.75 18.97
CA PHE C 452 6.25 -30.90 19.89
C PHE C 452 6.47 -29.52 19.29
N ASP C 453 6.76 -29.46 17.99
CA ASP C 453 6.95 -28.20 17.28
C ASP C 453 5.65 -27.38 17.20
N GLY C 454 4.52 -28.07 17.20
CA GLY C 454 3.22 -27.41 17.20
C GLY C 454 2.87 -26.78 18.54
N PHE C 455 3.21 -27.47 19.63
CA PHE C 455 2.92 -26.95 20.98
C PHE C 455 3.55 -25.58 21.20
N ALA C 456 4.77 -25.40 20.70
CA ALA C 456 5.48 -24.12 20.80
C ALA C 456 4.68 -22.99 20.16
N ILE C 457 4.10 -23.27 19.00
CA ILE C 457 3.32 -22.28 18.25
C ILE C 457 1.98 -22.02 18.93
N PHE C 458 1.31 -23.11 19.30
CA PHE C 458 0.08 -23.08 20.10
C PHE C 458 0.24 -22.18 21.32
N ALA C 459 1.24 -22.48 22.14
CA ALA C 459 1.50 -21.73 23.38
C ALA C 459 1.72 -20.24 23.12
N ARG C 460 2.52 -19.96 22.10
CA ARG C 460 2.81 -18.59 21.68
C ARG C 460 1.54 -17.87 21.20
N ASP C 461 0.69 -18.59 20.48
CA ASP C 461 -0.58 -18.05 19.99
C ASP C 461 -1.62 -17.76 21.09
N MET C 462 -1.78 -18.69 22.04
CA MET C 462 -2.74 -18.49 23.14
C MET C 462 -2.31 -17.33 24.02
N ASP C 463 -1.00 -17.20 24.22
CA ASP C 463 -0.45 -16.13 25.01
C ASP C 463 -0.57 -14.77 24.32
N MET C 464 -0.28 -14.72 23.03
CA MET C 464 -0.29 -13.45 22.31
C MET C 464 -1.68 -12.82 22.32
N THR C 465 -2.71 -13.68 22.22
CA THR C 465 -4.08 -13.22 22.14
C THR C 465 -4.66 -12.97 23.53
N LEU C 466 -4.56 -13.97 24.40
CA LEU C 466 -5.07 -13.85 25.77
C LEU C 466 -4.49 -12.65 26.52
N ASN C 467 -3.18 -12.43 26.38
CA ASN C 467 -2.51 -11.34 27.08
C ASN C 467 -2.27 -10.06 26.26
N ASN C 468 -2.89 -9.97 25.08
CA ASN C 468 -2.70 -8.80 24.21
C ASN C 468 -3.17 -7.50 24.86
N PRO C 469 -2.39 -6.40 24.71
CA PRO C 469 -2.77 -5.07 25.20
C PRO C 469 -4.14 -4.53 24.76
N CYS C 470 -4.63 -4.96 23.60
CA CYS C 470 -5.89 -4.45 23.06
C CYS C 470 -7.11 -4.73 23.95
N TRP C 471 -7.05 -5.79 24.76
CA TRP C 471 -8.20 -6.25 25.55
C TRP C 471 -8.51 -5.38 26.78
N LYS C 472 -7.54 -4.55 27.18
CA LYS C 472 -7.72 -3.65 28.33
C LYS C 472 -8.26 -2.29 27.90
N LYS C 473 -8.58 -2.16 26.61
CA LYS C 473 -8.93 -0.88 25.99
C LYS C 473 -10.34 -0.83 25.42
N LEU C 474 -11.20 -1.76 25.80
CA LEU C 474 -12.55 -1.84 25.24
C LEU C 474 -13.45 -0.71 25.74
N GLN C 475 -13.34 -0.38 27.03
CA GLN C 475 -14.14 0.69 27.63
C GLN C 475 -13.45 2.03 27.48
N ALA C 476 -14.18 3.02 26.94
CA ALA C 476 -13.68 4.39 26.83
C ALA C 476 -13.48 4.96 28.23
N PRO C 477 -12.37 5.70 28.44
CA PRO C 477 -12.09 6.25 29.78
C PRO C 477 -13.13 7.24 30.34
N TRP C 478 -14.00 7.76 29.48
CA TRP C 478 -15.12 8.61 29.89
C TRP C 478 -16.46 7.85 29.93
N GLU C 479 -16.38 6.55 29.63
CA GLU C 479 -17.53 5.64 29.65
C GLU C 479 -17.64 4.95 31.01
N ALA C 480 -16.70 5.26 31.91
CA ALA C 480 -16.65 4.68 33.24
C ALA C 480 -17.25 5.63 34.27
N SER D 1 12.33 -29.08 15.04
CA SER D 1 12.75 -28.46 16.33
C SER D 1 12.32 -26.99 16.38
N GLN D 2 12.39 -26.44 17.59
CA GLN D 2 12.07 -25.04 17.84
C GLN D 2 13.03 -24.42 18.85
N GLN D 3 13.48 -23.21 18.55
CA GLN D 3 14.18 -22.37 19.52
C GLN D 3 13.12 -21.54 20.23
N VAL D 4 13.01 -21.71 21.55
CA VAL D 4 11.90 -21.13 22.32
C VAL D 4 11.78 -19.60 22.16
N ASP D 5 12.91 -18.93 21.96
CA ASP D 5 12.93 -17.47 21.85
C ASP D 5 12.70 -16.94 20.42
N LYS D 6 12.67 -17.84 19.44
CA LYS D 6 12.25 -17.48 18.08
C LYS D 6 11.44 -18.62 17.46
N ILE D 7 10.16 -18.69 17.84
CA ILE D 7 9.26 -19.72 17.38
C ILE D 7 8.98 -19.50 15.89
N LYS D 8 9.13 -20.56 15.09
CA LYS D 8 8.79 -20.51 13.66
C LYS D 8 7.40 -21.10 13.41
N ALA D 9 6.53 -20.31 12.77
CA ALA D 9 5.27 -20.84 12.25
C ALA D 9 5.54 -21.66 10.98
N SER D 10 4.49 -22.26 10.42
CA SER D 10 4.63 -23.15 9.24
C SER D 10 5.72 -22.68 8.29
N TYR D 11 5.60 -21.44 7.83
CA TYR D 11 6.71 -20.75 7.19
C TYR D 11 7.42 -19.90 8.25
N PRO D 12 8.75 -20.02 8.37
CA PRO D 12 9.68 -20.83 7.60
C PRO D 12 10.03 -22.20 8.19
N LEU D 13 9.23 -22.69 9.14
CA LEU D 13 9.53 -23.95 9.84
C LEU D 13 9.91 -25.09 8.89
N PHE D 14 9.09 -25.31 7.87
CA PHE D 14 9.23 -26.47 7.00
C PHE D 14 10.32 -26.31 5.93
N LEU D 15 11.06 -25.20 6.00
CA LEU D 15 12.28 -25.04 5.22
C LEU D 15 13.49 -25.65 5.95
N ASP D 16 13.33 -25.96 7.24
CA ASP D 16 14.38 -26.66 8.00
C ASP D 16 14.77 -27.95 7.30
N GLN D 17 16.06 -28.29 7.38
CA GLN D 17 16.62 -29.45 6.66
C GLN D 17 15.90 -30.77 6.92
N ASP D 18 15.66 -31.06 8.20
CA ASP D 18 15.02 -32.33 8.58
C ASP D 18 13.59 -32.45 8.02
N TYR D 19 12.86 -31.34 7.97
CA TYR D 19 11.56 -31.31 7.30
C TYR D 19 11.73 -31.41 5.79
N LYS D 20 12.73 -30.74 5.24
CA LYS D 20 12.99 -30.76 3.81
C LYS D 20 13.31 -32.20 3.37
N ASP D 21 14.21 -32.85 4.11
CA ASP D 21 14.56 -34.24 3.86
C ASP D 21 13.38 -35.19 4.04
N MET D 22 12.54 -34.92 5.04
CA MET D 22 11.34 -35.74 5.29
C MET D 22 10.37 -35.66 4.12
N LEU D 23 10.18 -34.45 3.58
CA LEU D 23 9.22 -34.23 2.50
C LEU D 23 9.72 -34.74 1.15
N ALA D 24 11.04 -34.79 0.98
CA ALA D 24 11.65 -35.44 -0.18
C ALA D 24 11.45 -36.95 -0.13
N LYS D 25 11.54 -37.48 1.08
CA LYS D 25 11.39 -38.92 1.33
C LYS D 25 9.94 -39.37 1.11
N LYS D 26 8.99 -38.58 1.61
CA LYS D 26 7.56 -38.82 1.41
C LYS D 26 7.20 -38.88 -0.08
N ARG D 27 7.74 -37.92 -0.83
CA ARG D 27 7.48 -37.79 -2.26
C ARG D 27 8.03 -38.98 -3.04
N ASP D 28 9.32 -39.22 -2.87
CA ASP D 28 10.03 -40.28 -3.59
C ASP D 28 9.49 -41.66 -3.24
N GLY D 29 9.07 -41.84 -2.00
CA GLY D 29 8.61 -43.13 -1.52
C GLY D 29 7.20 -43.52 -1.93
N PHE D 30 6.28 -42.57 -1.94
CA PHE D 30 4.84 -42.90 -1.91
C PHE D 30 3.90 -42.07 -2.80
N GLU D 31 4.35 -40.93 -3.29
CA GLU D 31 3.48 -40.01 -4.06
C GLU D 31 3.38 -40.34 -5.53
N GLU D 32 4.36 -41.11 -6.05
CA GLU D 32 4.41 -41.49 -7.47
C GLU D 32 4.24 -40.27 -8.36
N LYS D 33 5.07 -39.28 -8.07
CA LYS D 33 4.92 -37.94 -8.60
C LYS D 33 5.58 -37.87 -9.96
N TYR D 34 5.02 -37.06 -10.86
CA TYR D 34 5.65 -36.87 -12.16
C TYR D 34 7.03 -36.24 -11.97
N PRO D 35 8.00 -36.61 -12.81
CA PRO D 35 9.31 -35.97 -12.70
C PRO D 35 9.23 -34.45 -12.87
N GLN D 36 10.09 -33.73 -12.17
CA GLN D 36 10.07 -32.26 -12.19
C GLN D 36 10.18 -31.72 -13.61
N ASP D 37 11.03 -32.35 -14.42
CA ASP D 37 11.19 -31.99 -15.84
C ASP D 37 9.86 -32.01 -16.61
N LYS D 38 9.05 -33.04 -16.36
CA LYS D 38 7.73 -33.14 -16.98
C LYS D 38 6.80 -32.05 -16.45
N ILE D 39 6.92 -31.75 -15.15
CA ILE D 39 6.12 -30.70 -14.52
C ILE D 39 6.45 -29.33 -15.11
N ASP D 40 7.73 -29.05 -15.30
CA ASP D 40 8.18 -27.80 -15.92
C ASP D 40 7.61 -27.67 -17.33
N GLU D 41 7.73 -28.75 -18.09
CA GLU D 41 7.23 -28.83 -19.47
C GLU D 41 5.74 -28.48 -19.58
N VAL D 42 4.90 -29.07 -18.73
CA VAL D 42 3.46 -28.82 -18.74
C VAL D 42 3.14 -27.39 -18.27
N PHE D 43 3.83 -26.93 -17.24
CA PHE D 43 3.65 -25.56 -16.76
C PHE D 43 3.92 -24.58 -17.90
N GLN D 44 5.06 -24.76 -18.55
CA GLN D 44 5.45 -23.88 -19.66
C GLN D 44 4.38 -23.90 -20.77
N TRP D 45 3.85 -25.09 -21.05
CA TRP D 45 2.75 -25.25 -22.00
C TRP D 45 1.49 -24.48 -21.56
N THR D 46 1.22 -24.46 -20.26
CA THR D 46 0.04 -23.74 -19.75
C THR D 46 0.13 -22.21 -19.96
N THR D 47 1.34 -21.72 -20.21
CA THR D 47 1.57 -20.28 -20.45
C THR D 47 1.45 -19.87 -21.92
N THR D 48 1.28 -20.84 -22.82
CA THR D 48 1.33 -20.59 -24.27
C THR D 48 -0.01 -20.15 -24.88
N LYS D 49 0.08 -19.58 -26.09
CA LYS D 49 -1.11 -19.22 -26.87
C LYS D 49 -1.85 -20.48 -27.38
N GLU D 50 -1.12 -21.59 -27.48
CA GLU D 50 -1.71 -22.86 -27.92
C GLU D 50 -2.71 -23.32 -26.85
N TYR D 51 -2.21 -23.40 -25.61
CA TYR D 51 -3.01 -23.74 -24.44
C TYR D 51 -4.23 -22.83 -24.28
N GLN D 52 -4.04 -21.55 -24.55
CA GLN D 52 -5.11 -20.56 -24.41
C GLN D 52 -6.27 -20.84 -25.36
N GLU D 53 -5.94 -21.26 -26.58
CA GLU D 53 -6.95 -21.59 -27.58
C GLU D 53 -7.82 -22.76 -27.09
N LEU D 54 -7.16 -23.77 -26.50
CA LEU D 54 -7.87 -24.88 -25.85
C LEU D 54 -8.65 -24.41 -24.61
N ASN D 55 -7.99 -23.57 -23.82
CA ASN D 55 -8.58 -22.96 -22.64
C ASN D 55 -9.89 -22.22 -22.96
N PHE D 56 -9.87 -21.45 -24.04
CA PHE D 56 -11.04 -20.66 -24.43
C PHE D 56 -12.12 -21.46 -25.18
N GLN D 57 -11.77 -22.66 -25.63
CA GLN D 57 -12.73 -23.57 -26.26
C GLN D 57 -13.66 -24.27 -25.26
N ARG D 58 -13.34 -24.18 -23.97
CA ARG D 58 -14.16 -24.77 -22.91
C ARG D 58 -15.62 -24.30 -22.96
N GLU D 59 -16.54 -25.26 -22.87
CA GLU D 59 -17.96 -24.93 -22.74
C GLU D 59 -18.68 -25.60 -21.56
N ALA D 60 -18.04 -26.57 -20.91
CA ALA D 60 -18.65 -27.32 -19.81
C ALA D 60 -17.96 -27.06 -18.46
N LEU D 61 -16.63 -27.04 -18.48
CA LEU D 61 -15.81 -26.87 -17.28
C LEU D 61 -15.59 -25.39 -16.95
N THR D 62 -15.83 -25.03 -15.69
CA THR D 62 -15.51 -23.70 -15.17
C THR D 62 -14.40 -23.81 -14.13
N VAL D 63 -13.37 -22.97 -14.27
CA VAL D 63 -12.19 -23.05 -13.41
C VAL D 63 -11.85 -21.70 -12.81
N ASN D 64 -11.87 -21.63 -11.48
CA ASN D 64 -11.62 -20.38 -10.76
C ASN D 64 -12.61 -19.28 -11.17
N PRO D 65 -13.91 -19.50 -10.89
CA PRO D 65 -14.92 -18.51 -11.26
C PRO D 65 -14.77 -17.16 -10.56
N ALA D 66 -15.20 -16.11 -11.25
CA ALA D 66 -15.21 -14.75 -10.71
C ALA D 66 -16.65 -14.32 -10.37
N LYS D 67 -17.34 -15.19 -9.62
CA LYS D 67 -18.72 -14.92 -9.20
C LYS D 67 -19.16 -15.84 -8.08
N ALA D 68 -20.20 -15.41 -7.36
CA ALA D 68 -20.84 -16.20 -6.32
C ALA D 68 -22.32 -16.38 -6.67
N CYS D 69 -23.10 -16.98 -5.75
CA CYS D 69 -24.48 -17.34 -6.06
C CYS D 69 -25.51 -16.41 -5.41
N GLN D 70 -26.71 -16.42 -5.98
CA GLN D 70 -27.79 -15.46 -5.67
C GLN D 70 -28.00 -15.15 -4.18
N PRO D 71 -28.31 -16.16 -3.35
CA PRO D 71 -28.59 -15.92 -1.93
C PRO D 71 -27.51 -15.15 -1.16
N LEU D 72 -26.28 -15.13 -1.65
CA LEU D 72 -25.23 -14.27 -1.09
C LEU D 72 -25.68 -12.80 -1.14
N GLY D 73 -26.11 -12.36 -2.32
CA GLY D 73 -26.58 -10.98 -2.51
C GLY D 73 -27.87 -10.65 -1.76
N ALA D 74 -28.77 -11.63 -1.66
CA ALA D 74 -30.02 -11.44 -0.93
C ALA D 74 -29.75 -11.18 0.55
N VAL D 75 -28.78 -11.90 1.12
CA VAL D 75 -28.39 -11.70 2.52
C VAL D 75 -27.82 -10.31 2.72
N LEU D 76 -26.85 -9.93 1.90
CA LEU D 76 -26.24 -8.60 1.99
C LEU D 76 -27.28 -7.48 1.84
N CYS D 77 -28.21 -7.65 0.90
CA CYS D 77 -29.32 -6.71 0.74
C CYS D 77 -30.18 -6.66 2.01
N ALA D 78 -30.47 -7.84 2.57
CA ALA D 78 -31.31 -7.97 3.76
C ALA D 78 -30.69 -7.33 5.00
N LEU D 79 -29.36 -7.44 5.14
CA LEU D 79 -28.62 -6.85 6.25
C LEU D 79 -28.73 -5.33 6.32
N GLY D 80 -29.05 -4.68 5.21
CA GLY D 80 -29.11 -3.22 5.13
C GLY D 80 -30.36 -2.59 5.70
N PHE D 81 -31.25 -3.41 6.25
CA PHE D 81 -32.51 -2.94 6.80
C PHE D 81 -32.52 -3.04 8.32
N GLU D 82 -33.29 -2.14 8.94
CA GLU D 82 -33.28 -2.00 10.39
C GLU D 82 -33.76 -3.25 11.11
N LYS D 83 -32.92 -3.74 12.02
CA LYS D 83 -33.19 -4.95 12.82
C LYS D 83 -33.80 -6.09 12.01
N THR D 84 -33.26 -6.30 10.81
CA THR D 84 -33.72 -7.34 9.92
C THR D 84 -32.81 -8.55 10.02
N MET D 85 -33.43 -9.74 10.05
CA MET D 85 -32.70 -10.99 10.02
C MET D 85 -32.82 -11.63 8.65
N PRO D 86 -31.70 -11.69 7.89
CA PRO D 86 -31.75 -12.52 6.69
C PRO D 86 -31.98 -13.99 7.02
N TYR D 87 -32.76 -14.63 6.17
CA TYR D 87 -33.31 -15.96 6.41
C TYR D 87 -33.31 -16.68 5.07
N VAL D 88 -32.47 -17.70 4.93
CA VAL D 88 -32.43 -18.46 3.68
C VAL D 88 -33.21 -19.76 3.85
N HIS D 89 -34.34 -19.85 3.15
CA HIS D 89 -35.18 -21.04 3.13
C HIS D 89 -34.54 -22.12 2.26
N GLY D 90 -34.15 -23.23 2.87
CA GLY D 90 -33.45 -24.30 2.17
C GLY D 90 -32.51 -25.04 3.11
N SER D 91 -31.40 -25.53 2.55
CA SER D 91 -30.40 -26.27 3.33
C SER D 91 -29.42 -25.34 4.05
N GLN D 92 -28.95 -25.79 5.21
CA GLN D 92 -28.15 -24.96 6.13
C GLN D 92 -26.68 -24.76 5.74
N GLY D 93 -26.10 -25.69 4.98
CA GLY D 93 -24.71 -25.58 4.55
C GLY D 93 -24.44 -24.27 3.82
N CYS D 94 -25.42 -23.85 3.02
CA CYS D 94 -25.37 -22.58 2.30
C CYS D 94 -25.09 -21.41 3.24
N VAL D 95 -25.81 -21.36 4.34
CA VAL D 95 -25.74 -20.23 5.28
C VAL D 95 -24.43 -20.19 6.05
N ALA D 96 -23.89 -21.35 6.41
CA ALA D 96 -22.55 -21.43 6.98
C ALA D 96 -21.55 -20.75 6.03
N TYR D 97 -21.65 -21.08 4.75
CA TYR D 97 -20.75 -20.51 3.73
C TYR D 97 -20.97 -19.02 3.48
N PHE D 98 -22.23 -18.58 3.43
CA PHE D 98 -22.55 -17.16 3.21
C PHE D 98 -21.98 -16.28 4.31
N ARG D 99 -22.24 -16.69 5.55
CA ARG D 99 -21.75 -15.95 6.71
C ARG D 99 -20.22 -15.92 6.74
N SER D 100 -19.61 -17.09 6.53
CA SER D 100 -18.15 -17.22 6.54
C SER D 100 -17.48 -16.35 5.47
N TYR D 101 -18.11 -16.29 4.30
CA TYR D 101 -17.57 -15.52 3.17
C TYR D 101 -17.49 -14.05 3.53
N PHE D 102 -18.59 -13.51 4.04
CA PHE D 102 -18.65 -12.12 4.48
C PHE D 102 -17.82 -11.85 5.75
N ASN D 103 -17.86 -12.77 6.71
CA ASN D 103 -16.97 -12.72 7.89
C ASN D 103 -15.56 -12.38 7.47
N ARG D 104 -15.03 -13.22 6.58
CA ARG D 104 -13.65 -13.10 6.11
C ARG D 104 -13.37 -11.78 5.36
N HIS D 105 -14.35 -11.29 4.61
CA HIS D 105 -14.18 -10.03 3.89
C HIS D 105 -14.27 -8.81 4.81
N PHE D 106 -15.33 -8.75 5.62
CA PHE D 106 -15.59 -7.59 6.47
C PHE D 106 -14.91 -7.66 7.84
N ARG D 107 -14.44 -8.85 8.21
CA ARG D 107 -13.95 -9.11 9.56
C ARG D 107 -14.93 -8.60 10.60
N GLU D 108 -16.20 -8.99 10.44
CA GLU D 108 -17.28 -8.63 11.35
C GLU D 108 -18.21 -9.82 11.50
N PRO D 109 -19.06 -9.81 12.55
CA PRO D 109 -20.10 -10.82 12.57
C PRO D 109 -21.04 -10.64 11.39
N VAL D 110 -21.63 -11.74 10.92
CA VAL D 110 -22.62 -11.70 9.85
C VAL D 110 -23.75 -12.61 10.29
N SER D 111 -24.86 -12.01 10.72
CA SER D 111 -25.98 -12.75 11.28
C SER D 111 -26.98 -13.15 10.19
N CYS D 112 -27.25 -14.45 10.10
CA CYS D 112 -28.12 -14.99 9.07
C CYS D 112 -28.53 -16.40 9.48
N VAL D 113 -29.80 -16.74 9.24
CA VAL D 113 -30.33 -18.05 9.63
C VAL D 113 -30.75 -18.92 8.45
N SER D 114 -31.02 -20.19 8.77
CA SER D 114 -31.54 -21.18 7.84
C SER D 114 -32.71 -21.88 8.54
N ASP D 115 -33.58 -22.53 7.76
CA ASP D 115 -34.61 -23.40 8.36
C ASP D 115 -34.27 -24.88 8.19
N SER D 116 -33.02 -25.14 7.83
CA SER D 116 -32.44 -26.48 7.87
C SER D 116 -33.32 -27.56 7.27
N MET D 117 -33.63 -27.41 5.98
CA MET D 117 -34.37 -28.42 5.24
C MET D 117 -33.45 -29.61 4.94
N THR D 118 -33.97 -30.82 5.15
CA THR D 118 -33.21 -32.06 5.00
C THR D 118 -33.79 -32.96 3.90
N GLU D 119 -33.26 -34.18 3.76
CA GLU D 119 -33.69 -35.12 2.70
C GLU D 119 -35.21 -35.32 2.64
N ASP D 120 -35.83 -35.44 3.81
CA ASP D 120 -37.23 -35.79 3.91
C ASP D 120 -38.13 -34.65 3.46
N ALA D 121 -37.63 -33.42 3.54
CA ALA D 121 -38.32 -32.23 3.06
C ALA D 121 -38.28 -32.12 1.52
N ALA D 122 -37.29 -32.76 0.91
CA ALA D 122 -37.17 -32.77 -0.55
C ALA D 122 -38.39 -33.43 -1.20
N VAL D 123 -38.78 -34.58 -0.67
CA VAL D 123 -39.93 -35.33 -1.18
C VAL D 123 -41.28 -34.66 -0.87
N PHE D 124 -41.33 -33.91 0.24
CA PHE D 124 -42.62 -33.42 0.77
C PHE D 124 -42.73 -31.91 1.01
N GLY D 125 -41.64 -31.17 0.76
CA GLY D 125 -41.63 -29.71 0.89
C GLY D 125 -41.08 -29.19 2.21
N GLY D 126 -40.84 -27.88 2.24
CA GLY D 126 -40.27 -27.20 3.41
C GLY D 126 -41.24 -26.31 4.17
N GLN D 127 -42.53 -26.61 4.07
CA GLN D 127 -43.58 -25.80 4.71
C GLN D 127 -43.42 -25.74 6.23
N GLN D 128 -43.16 -26.89 6.84
CA GLN D 128 -43.03 -26.98 8.31
C GLN D 128 -41.77 -26.27 8.80
N ASN D 129 -40.70 -26.41 8.02
CA ASN D 129 -39.45 -25.67 8.25
C ASN D 129 -39.68 -24.17 8.32
N MET D 130 -40.54 -23.68 7.42
CA MET D 130 -40.87 -22.27 7.36
C MET D 130 -41.63 -21.86 8.63
N LYS D 131 -42.69 -22.60 8.95
CA LYS D 131 -43.52 -22.29 10.12
C LYS D 131 -42.69 -22.21 11.41
N ASP D 132 -41.96 -23.29 11.70
CA ASP D 132 -41.12 -23.37 12.90
C ASP D 132 -39.90 -22.46 12.81
N GLY D 133 -39.27 -22.43 11.65
CA GLY D 133 -38.11 -21.55 11.41
C GLY D 133 -38.41 -20.09 11.71
N LEU D 134 -39.49 -19.58 11.12
CA LEU D 134 -39.91 -18.19 11.32
C LEU D 134 -40.25 -17.92 12.79
N GLN D 135 -40.95 -18.86 13.43
CA GLN D 135 -41.33 -18.70 14.84
C GLN D 135 -40.10 -18.69 15.74
N ASN D 136 -39.19 -19.63 15.50
CA ASN D 136 -37.99 -19.77 16.31
C ASN D 136 -37.08 -18.56 16.19
N CYS D 137 -36.91 -18.09 14.96
CA CYS D 137 -36.04 -16.97 14.67
C CYS D 137 -36.56 -15.69 15.33
N LYS D 138 -37.86 -15.44 15.18
CA LYS D 138 -38.47 -14.25 15.76
C LYS D 138 -38.34 -14.24 17.28
N ALA D 139 -38.57 -15.39 17.92
CA ALA D 139 -38.52 -15.50 19.38
C ALA D 139 -37.09 -15.41 19.93
N THR D 140 -36.14 -15.99 19.20
CA THR D 140 -34.78 -16.16 19.71
C THR D 140 -33.91 -14.92 19.49
N TYR D 141 -33.95 -14.39 18.27
CA TYR D 141 -33.09 -13.28 17.88
C TYR D 141 -33.82 -11.93 17.82
N LYS D 142 -35.13 -11.97 18.02
CA LYS D 142 -35.93 -10.75 18.16
C LYS D 142 -35.72 -9.73 17.04
N PRO D 143 -35.82 -10.16 15.77
CA PRO D 143 -35.71 -9.17 14.70
C PRO D 143 -37.04 -8.43 14.55
N ASP D 144 -37.00 -7.22 14.00
CA ASP D 144 -38.22 -6.48 13.67
C ASP D 144 -38.76 -6.90 12.30
N MET D 145 -37.89 -7.52 11.50
CA MET D 145 -38.26 -8.01 10.19
C MET D 145 -37.42 -9.24 9.84
N ILE D 146 -38.02 -10.17 9.10
CA ILE D 146 -37.30 -11.34 8.58
C ILE D 146 -37.40 -11.34 7.05
N ALA D 147 -36.24 -11.28 6.39
CA ALA D 147 -36.18 -11.23 4.92
C ALA D 147 -35.79 -12.58 4.35
N VAL D 148 -36.72 -13.23 3.64
CA VAL D 148 -36.55 -14.62 3.23
C VAL D 148 -36.03 -14.76 1.80
N SER D 149 -35.01 -15.60 1.63
CA SER D 149 -34.51 -15.99 0.31
C SER D 149 -34.48 -17.52 0.24
N THR D 150 -33.90 -18.09 -0.81
CA THR D 150 -33.89 -19.54 -1.01
C THR D 150 -32.54 -20.09 -1.48
N THR D 151 -32.29 -21.35 -1.14
CA THR D 151 -31.15 -22.10 -1.69
C THR D 151 -31.67 -22.90 -2.89
N CYS D 152 -30.75 -23.54 -3.62
CA CYS D 152 -31.11 -24.24 -4.86
C CYS D 152 -31.95 -25.49 -4.60
N MET D 153 -31.71 -26.16 -3.48
CA MET D 153 -32.55 -27.27 -3.01
C MET D 153 -34.02 -26.85 -2.98
N ALA D 154 -34.30 -25.75 -2.30
CA ALA D 154 -35.67 -25.25 -2.15
C ALA D 154 -36.28 -24.85 -3.49
N GLU D 155 -35.45 -24.29 -4.37
CA GLU D 155 -35.89 -23.87 -5.70
C GLU D 155 -36.21 -25.05 -6.62
N VAL D 156 -35.34 -26.06 -6.59
CA VAL D 156 -35.51 -27.24 -7.44
C VAL D 156 -36.79 -28.02 -7.10
N ILE D 157 -37.03 -28.22 -5.81
CA ILE D 157 -38.25 -28.91 -5.34
C ILE D 157 -39.49 -28.02 -5.47
N GLY D 158 -39.28 -26.71 -5.68
CA GLY D 158 -40.36 -25.80 -6.07
C GLY D 158 -41.29 -25.36 -4.96
N ASP D 159 -40.72 -24.99 -3.83
CA ASP D 159 -41.49 -24.48 -2.70
C ASP D 159 -42.05 -23.09 -2.99
N ASP D 160 -43.37 -22.93 -2.84
CA ASP D 160 -44.02 -21.62 -2.96
C ASP D 160 -43.79 -20.82 -1.68
N LEU D 161 -42.78 -19.95 -1.69
CA LEU D 161 -42.42 -19.13 -0.52
C LEU D 161 -43.59 -18.29 -0.01
N ASN D 162 -44.36 -17.72 -0.94
CA ASN D 162 -45.48 -16.85 -0.59
C ASN D 162 -46.53 -17.59 0.24
N ALA D 163 -46.99 -18.73 -0.28
CA ALA D 163 -47.98 -19.55 0.41
C ALA D 163 -47.47 -20.02 1.77
N PHE D 164 -46.23 -20.50 1.77
CA PHE D 164 -45.55 -20.99 2.97
C PHE D 164 -45.51 -19.94 4.08
N ILE D 165 -45.18 -18.70 3.71
CA ILE D 165 -45.15 -17.59 4.65
C ILE D 165 -46.57 -17.21 5.09
N ASN D 166 -47.51 -17.25 4.15
CA ASN D 166 -48.92 -16.98 4.45
C ASN D 166 -49.52 -18.03 5.41
N ASN D 167 -49.27 -19.30 5.11
CA ASN D 167 -49.70 -20.39 5.99
C ASN D 167 -49.09 -20.28 7.38
N SER D 168 -47.87 -19.76 7.47
CA SER D 168 -47.21 -19.53 8.76
C SER D 168 -47.93 -18.45 9.57
N LYS D 169 -48.39 -17.41 8.88
CA LYS D 169 -49.16 -16.34 9.51
C LYS D 169 -50.56 -16.79 9.87
N LYS D 170 -51.19 -17.53 8.95
CA LYS D 170 -52.53 -18.11 9.17
C LYS D 170 -52.58 -19.04 10.38
N GLU D 171 -51.53 -19.83 10.58
CA GLU D 171 -51.50 -20.83 11.66
C GLU D 171 -50.85 -20.32 12.96
N GLY D 172 -50.62 -19.01 13.04
CA GLY D 172 -50.20 -18.37 14.29
C GLY D 172 -48.73 -18.49 14.69
N PHE D 173 -47.89 -19.00 13.78
CA PHE D 173 -46.46 -19.14 14.06
C PHE D 173 -45.77 -17.77 14.21
N ILE D 174 -46.13 -16.84 13.33
CA ILE D 174 -45.72 -15.44 13.44
C ILE D 174 -46.95 -14.54 13.31
N PRO D 175 -46.93 -13.37 13.98
CA PRO D 175 -48.08 -12.46 13.87
C PRO D 175 -48.30 -11.97 12.45
N ASP D 176 -49.56 -11.78 12.10
CA ASP D 176 -49.98 -11.46 10.73
C ASP D 176 -49.32 -10.18 10.22
N GLU D 177 -49.12 -9.21 11.12
CA GLU D 177 -48.53 -7.92 10.76
C GLU D 177 -47.02 -7.81 10.97
N PHE D 178 -46.36 -8.94 11.26
CA PHE D 178 -44.91 -9.00 11.30
C PHE D 178 -44.35 -9.05 9.88
N PRO D 179 -43.47 -8.10 9.51
CA PRO D 179 -43.01 -8.02 8.13
C PRO D 179 -42.09 -9.17 7.73
N VAL D 180 -42.52 -9.92 6.72
CA VAL D 180 -41.75 -11.03 6.19
C VAL D 180 -41.72 -10.98 4.66
N PRO D 181 -40.92 -10.04 4.09
CA PRO D 181 -40.69 -10.02 2.66
C PRO D 181 -39.89 -11.22 2.19
N PHE D 182 -40.09 -11.61 0.94
CA PHE D 182 -39.43 -12.78 0.38
C PHE D 182 -38.99 -12.56 -1.06
N ALA D 183 -38.17 -13.47 -1.52
CA ALA D 183 -37.70 -13.49 -2.90
C ALA D 183 -37.16 -14.86 -3.22
N HIS D 184 -37.53 -15.38 -4.37
CA HIS D 184 -36.92 -16.59 -4.89
C HIS D 184 -35.57 -16.20 -5.47
N THR D 185 -34.53 -16.87 -5.01
CA THR D 185 -33.15 -16.54 -5.38
C THR D 185 -32.39 -17.80 -5.81
N PRO D 186 -32.72 -18.36 -6.98
CA PRO D 186 -32.08 -19.59 -7.45
C PRO D 186 -30.61 -19.39 -7.84
N SER D 187 -29.73 -20.17 -7.22
CA SER D 187 -28.28 -20.02 -7.43
C SER D 187 -27.80 -20.47 -8.82
N PHE D 188 -28.65 -21.20 -9.55
CA PHE D 188 -28.37 -21.61 -10.93
C PHE D 188 -28.86 -20.57 -11.96
N VAL D 189 -29.29 -19.40 -11.48
CA VAL D 189 -29.67 -18.28 -12.33
C VAL D 189 -28.84 -17.07 -11.94
N GLY D 190 -28.12 -16.51 -12.91
CA GLY D 190 -27.33 -15.30 -12.71
C GLY D 190 -26.19 -15.46 -11.72
N SER D 191 -26.13 -14.54 -10.75
CA SER D 191 -25.09 -14.56 -9.74
C SER D 191 -25.55 -13.84 -8.47
N HIS D 192 -24.64 -13.73 -7.51
CA HIS D 192 -24.88 -13.04 -6.25
C HIS D 192 -25.54 -11.67 -6.39
N VAL D 193 -25.14 -10.91 -7.40
CA VAL D 193 -25.74 -9.58 -7.64
C VAL D 193 -27.22 -9.68 -8.04
N THR D 194 -27.57 -10.75 -8.75
CA THR D 194 -28.96 -11.03 -9.12
C THR D 194 -29.85 -11.27 -7.90
N GLY D 195 -29.29 -11.89 -6.87
CA GLY D 195 -30.00 -12.14 -5.63
C GLY D 195 -30.25 -10.88 -4.83
N TRP D 196 -29.33 -9.92 -4.94
CA TRP D 196 -29.48 -8.62 -4.32
C TRP D 196 -30.68 -7.89 -4.93
N ASP D 197 -30.70 -7.85 -6.25
CA ASP D 197 -31.79 -7.23 -7.02
C ASP D 197 -33.14 -7.86 -6.67
N ASN D 198 -33.19 -9.19 -6.70
CA ASN D 198 -34.40 -9.94 -6.38
C ASN D 198 -34.87 -9.70 -4.94
N MET D 199 -33.93 -9.69 -4.00
CA MET D 199 -34.28 -9.46 -2.60
C MET D 199 -34.82 -8.06 -2.40
N PHE D 200 -34.14 -7.07 -2.98
CA PHE D 200 -34.52 -5.68 -2.82
C PHE D 200 -35.93 -5.44 -3.36
N GLU D 201 -36.16 -5.88 -4.60
CA GLU D 201 -37.46 -5.73 -5.23
C GLU D 201 -38.55 -6.39 -4.38
N GLY D 202 -38.26 -7.57 -3.85
CA GLY D 202 -39.17 -8.27 -2.95
C GLY D 202 -39.53 -7.48 -1.70
N ILE D 203 -38.54 -6.76 -1.15
CA ILE D 203 -38.78 -5.87 -0.01
C ILE D 203 -39.54 -4.60 -0.42
N ALA D 204 -39.22 -4.10 -1.62
CA ALA D 204 -39.90 -2.94 -2.19
C ALA D 204 -41.38 -3.24 -2.43
N ARG D 205 -41.66 -4.42 -3.00
CA ARG D 205 -43.03 -4.91 -3.20
C ARG D 205 -43.78 -5.00 -1.88
N TYR D 206 -43.17 -5.70 -0.93
CA TYR D 206 -43.79 -5.98 0.36
C TYR D 206 -44.38 -4.73 1.02
N PHE D 207 -43.64 -3.63 0.98
CA PHE D 207 -43.98 -2.44 1.75
C PHE D 207 -44.80 -1.38 1.02
N THR D 208 -44.99 -1.53 -0.28
CA THR D 208 -45.55 -0.43 -1.10
C THR D 208 -46.60 -0.80 -2.15
N LEU D 209 -46.57 -2.03 -2.67
CA LEU D 209 -47.46 -2.43 -3.78
C LEU D 209 -48.94 -2.19 -3.47
N LYS D 210 -49.36 -2.55 -2.26
CA LYS D 210 -50.77 -2.49 -1.87
C LYS D 210 -51.19 -1.13 -1.31
N SER D 211 -50.23 -0.20 -1.20
CA SER D 211 -50.47 1.11 -0.60
C SER D 211 -50.29 2.30 -1.57
N MET D 212 -50.26 2.02 -2.87
CA MET D 212 -49.96 3.06 -3.87
C MET D 212 -51.02 4.15 -4.06
N ASP D 213 -52.25 3.91 -3.59
CA ASP D 213 -53.36 4.85 -3.77
C ASP D 213 -53.05 6.25 -3.23
N ASP D 214 -52.53 6.31 -2.00
CA ASP D 214 -52.31 7.58 -1.32
C ASP D 214 -50.96 8.25 -1.60
N LYS D 215 -50.18 7.70 -2.53
CA LYS D 215 -48.83 8.20 -2.78
C LYS D 215 -48.73 9.19 -3.94
N VAL D 216 -48.12 10.33 -3.65
CA VAL D 216 -47.82 11.35 -4.64
C VAL D 216 -46.32 11.41 -4.87
N VAL D 217 -45.91 11.29 -6.13
CA VAL D 217 -44.49 11.37 -6.50
C VAL D 217 -43.96 12.77 -6.17
N GLY D 218 -42.92 12.81 -5.35
CA GLY D 218 -42.22 14.05 -5.00
C GLY D 218 -42.72 14.76 -3.75
N SER D 219 -43.74 14.19 -3.11
CA SER D 219 -44.39 14.83 -1.96
C SER D 219 -43.49 14.93 -0.71
N ASN D 220 -42.59 13.96 -0.53
CA ASN D 220 -41.65 14.01 0.60
C ASN D 220 -40.37 14.80 0.25
N LYS D 221 -40.20 15.10 -1.03
CA LYS D 221 -39.12 15.94 -1.56
C LYS D 221 -37.72 15.34 -1.38
N LYS D 222 -37.66 14.01 -1.30
CA LYS D 222 -36.40 13.29 -1.17
C LYS D 222 -36.03 12.55 -2.46
N ILE D 223 -34.79 12.07 -2.50
CA ILE D 223 -34.33 11.19 -3.58
C ILE D 223 -33.95 9.83 -2.99
N ASN D 224 -34.54 8.77 -3.52
CA ASN D 224 -34.17 7.41 -3.12
C ASN D 224 -32.88 6.99 -3.80
N ILE D 225 -32.02 6.31 -3.06
CA ILE D 225 -30.75 5.82 -3.56
C ILE D 225 -30.66 4.32 -3.27
N VAL D 226 -30.52 3.52 -4.32
CA VAL D 226 -30.36 2.07 -4.16
C VAL D 226 -28.92 1.72 -4.54
N PRO D 227 -28.12 1.28 -3.55
CA PRO D 227 -26.69 1.08 -3.77
C PRO D 227 -26.31 -0.18 -4.55
N GLY D 228 -27.17 -1.19 -4.52
CA GLY D 228 -26.82 -2.49 -5.07
C GLY D 228 -25.82 -3.25 -4.19
N PHE D 229 -25.41 -4.42 -4.66
CA PHE D 229 -24.41 -5.25 -3.98
C PHE D 229 -23.12 -4.45 -3.79
N GLU D 230 -22.81 -4.12 -2.54
CA GLU D 230 -21.73 -3.19 -2.22
C GLU D 230 -20.97 -3.64 -0.97
N THR D 231 -19.66 -3.85 -1.14
CA THR D 231 -18.82 -4.42 -0.08
C THR D 231 -17.75 -3.47 0.48
N TYR D 232 -17.74 -2.23 0.00
CA TYR D 232 -16.90 -1.19 0.57
C TYR D 232 -17.76 -0.28 1.44
N LEU D 233 -17.39 -0.15 2.72
CA LEU D 233 -18.11 0.72 3.65
C LEU D 233 -18.05 2.18 3.21
N GLY D 234 -16.90 2.56 2.66
CA GLY D 234 -16.66 3.94 2.22
C GLY D 234 -17.61 4.41 1.13
N ASN D 235 -18.10 3.47 0.32
CA ASN D 235 -19.02 3.79 -0.78
C ASN D 235 -20.40 4.20 -0.28
N PHE D 236 -20.95 3.47 0.68
CA PHE D 236 -22.18 3.89 1.35
C PHE D 236 -21.93 5.26 1.98
N ARG D 237 -20.78 5.38 2.63
CA ARG D 237 -20.43 6.56 3.40
C ARG D 237 -20.26 7.81 2.53
N VAL D 238 -19.63 7.66 1.37
CA VAL D 238 -19.35 8.80 0.50
C VAL D 238 -20.61 9.34 -0.17
N ILE D 239 -21.52 8.45 -0.55
CA ILE D 239 -22.78 8.85 -1.17
C ILE D 239 -23.61 9.71 -0.21
N LYS D 240 -23.77 9.21 1.02
CA LYS D 240 -24.47 9.96 2.07
C LYS D 240 -23.78 11.29 2.37
N ARG D 241 -22.45 11.27 2.35
CA ARG D 241 -21.64 12.45 2.61
C ARG D 241 -21.85 13.53 1.55
N MET D 242 -21.81 13.12 0.29
CA MET D 242 -21.98 14.05 -0.83
C MET D 242 -23.39 14.61 -0.92
N LEU D 243 -24.39 13.79 -0.64
CA LEU D 243 -25.80 14.23 -0.66
C LEU D 243 -26.11 15.21 0.46
N SER D 244 -25.57 14.95 1.65
CA SER D 244 -25.73 15.87 2.79
C SER D 244 -25.03 17.20 2.51
N GLU D 245 -23.84 17.15 1.93
CA GLU D 245 -23.11 18.35 1.50
C GLU D 245 -23.93 19.25 0.58
N MET D 246 -24.67 18.62 -0.34
CA MET D 246 -25.50 19.36 -1.30
C MET D 246 -26.80 19.89 -0.70
N GLY D 247 -27.10 19.49 0.53
CA GLY D 247 -28.38 19.81 1.16
C GLY D 247 -29.51 19.06 0.48
N VAL D 248 -29.20 17.87 -0.04
CA VAL D 248 -30.16 17.02 -0.73
C VAL D 248 -30.79 16.05 0.26
N GLY D 249 -32.10 16.16 0.42
CA GLY D 249 -32.87 15.19 1.20
C GLY D 249 -32.88 13.85 0.48
N TYR D 250 -32.58 12.78 1.21
CA TYR D 250 -32.38 11.49 0.57
C TYR D 250 -32.77 10.33 1.46
N SER D 251 -32.90 9.17 0.83
CA SER D 251 -33.24 7.92 1.50
C SER D 251 -32.40 6.82 0.86
N LEU D 252 -31.39 6.34 1.58
CA LEU D 252 -30.56 5.26 1.11
C LEU D 252 -31.27 3.97 1.48
N LEU D 253 -31.70 3.22 0.46
CA LEU D 253 -32.53 2.03 0.66
C LEU D 253 -31.66 0.76 0.55
N SER D 254 -31.50 0.11 1.71
CA SER D 254 -30.49 -0.93 1.99
C SER D 254 -29.14 -0.34 2.37
N ASP D 255 -28.97 -0.05 3.67
CA ASP D 255 -27.74 0.55 4.21
C ASP D 255 -27.16 -0.31 5.36
N PRO D 256 -26.24 -1.23 5.03
CA PRO D 256 -25.62 -2.12 6.01
C PRO D 256 -24.35 -1.59 6.68
N GLU D 257 -23.99 -0.33 6.44
CA GLU D 257 -22.69 0.20 6.90
C GLU D 257 -22.52 0.19 8.43
N GLU D 258 -23.63 0.33 9.15
CA GLU D 258 -23.61 0.24 10.62
C GLU D 258 -23.40 -1.19 11.13
N VAL D 259 -24.20 -2.14 10.64
CA VAL D 259 -24.06 -3.56 11.06
C VAL D 259 -22.70 -4.15 10.70
N LEU D 260 -22.13 -3.70 9.59
CA LEU D 260 -20.82 -4.18 9.14
C LEU D 260 -19.65 -3.37 9.70
N ASP D 261 -19.90 -2.57 10.73
CA ASP D 261 -18.83 -1.77 11.34
C ASP D 261 -19.14 -1.36 12.78
N THR D 262 -19.69 -2.28 13.56
CA THR D 262 -19.98 -2.01 14.97
C THR D 262 -18.68 -1.87 15.77
N PRO D 263 -18.69 -1.03 16.83
CA PRO D 263 -17.50 -0.90 17.66
C PRO D 263 -17.30 -2.08 18.61
N ALA D 264 -16.04 -2.44 18.83
CA ALA D 264 -15.67 -3.43 19.82
C ALA D 264 -15.53 -2.68 21.15
N ASP D 265 -16.62 -2.66 21.92
CA ASP D 265 -16.68 -1.89 23.17
C ASP D 265 -17.22 -2.66 24.36
N GLY D 266 -17.21 -3.99 24.28
CA GLY D 266 -17.66 -4.84 25.38
C GLY D 266 -19.02 -5.48 25.19
N GLN D 267 -19.69 -5.16 24.07
CA GLN D 267 -20.95 -5.86 23.74
C GLN D 267 -21.14 -6.09 22.24
N PHE D 268 -21.71 -7.26 21.93
CA PHE D 268 -22.04 -7.63 20.56
C PHE D 268 -23.40 -7.07 20.17
N ARG D 269 -23.43 -6.25 19.13
CA ARG D 269 -24.67 -5.72 18.57
C ARG D 269 -25.07 -6.51 17.32
N MET D 270 -26.04 -7.40 17.45
CA MET D 270 -26.50 -8.19 16.30
C MET D 270 -27.00 -7.27 15.18
N TYR D 271 -27.88 -6.34 15.54
CA TYR D 271 -28.42 -5.36 14.60
C TYR D 271 -27.88 -3.97 14.90
N ALA D 272 -27.75 -3.15 13.85
CA ALA D 272 -27.29 -1.78 13.97
C ALA D 272 -27.70 -0.95 12.75
N GLY D 273 -28.20 0.25 12.99
CA GLY D 273 -28.62 1.18 11.93
C GLY D 273 -29.58 0.55 10.92
N GLY D 274 -29.35 0.83 9.64
CA GLY D 274 -30.13 0.24 8.55
C GLY D 274 -31.34 1.07 8.12
N THR D 275 -31.84 0.76 6.92
CA THR D 275 -33.03 1.40 6.36
C THR D 275 -34.27 0.96 7.11
N THR D 276 -35.01 1.94 7.64
CA THR D 276 -36.20 1.67 8.44
C THR D 276 -37.35 1.24 7.54
N GLN D 277 -38.31 0.52 8.13
CA GLN D 277 -39.52 0.10 7.41
C GLN D 277 -40.33 1.31 6.95
N GLU D 278 -40.29 2.37 7.76
CA GLU D 278 -41.02 3.61 7.50
C GLU D 278 -40.48 4.31 6.25
N GLU D 279 -39.16 4.22 6.05
CA GLU D 279 -38.51 4.76 4.85
C GLU D 279 -38.94 4.02 3.59
N MET D 280 -39.04 2.70 3.68
CA MET D 280 -39.49 1.88 2.55
C MET D 280 -40.96 2.13 2.21
N LYS D 281 -41.80 2.29 3.23
CA LYS D 281 -43.22 2.61 3.03
C LYS D 281 -43.42 3.97 2.38
N ASP D 282 -42.54 4.92 2.71
CA ASP D 282 -42.64 6.31 2.25
C ASP D 282 -41.90 6.54 0.91
N ALA D 283 -41.08 5.57 0.52
CA ALA D 283 -40.21 5.68 -0.66
C ALA D 283 -40.87 6.16 -1.96
N PRO D 284 -42.10 5.67 -2.27
CA PRO D 284 -42.83 6.15 -3.46
C PRO D 284 -43.17 7.64 -3.47
N ASN D 285 -43.17 8.27 -2.29
CA ASN D 285 -43.35 9.73 -2.18
C ASN D 285 -42.11 10.56 -2.58
N ALA D 286 -40.99 9.88 -2.82
CA ALA D 286 -39.76 10.55 -3.27
C ALA D 286 -39.93 11.20 -4.65
N LEU D 287 -39.08 12.17 -4.94
CA LEU D 287 -39.03 12.81 -6.25
C LEU D 287 -38.69 11.81 -7.34
N ASN D 288 -37.75 10.92 -7.04
CA ASN D 288 -37.21 9.98 -8.01
C ASN D 288 -36.34 8.94 -7.29
N THR D 289 -35.95 7.89 -8.02
CA THR D 289 -35.08 6.86 -7.48
C THR D 289 -33.84 6.73 -8.36
N VAL D 290 -32.68 6.74 -7.72
CA VAL D 290 -31.39 6.60 -8.42
C VAL D 290 -30.77 5.24 -8.09
N LEU D 291 -30.45 4.49 -9.14
CA LEU D 291 -29.80 3.19 -9.02
C LEU D 291 -28.30 3.38 -9.21
N LEU D 292 -27.54 3.17 -8.14
CA LEU D 292 -26.09 3.37 -8.18
C LEU D 292 -25.39 2.29 -9.00
N GLN D 293 -26.02 1.13 -9.15
CA GLN D 293 -25.44 0.03 -9.91
C GLN D 293 -26.52 -0.59 -10.81
N PRO D 294 -26.89 0.13 -11.88
CA PRO D 294 -28.07 -0.19 -12.68
C PRO D 294 -28.02 -1.52 -13.44
N TRP D 295 -26.82 -2.02 -13.74
CA TRP D 295 -26.66 -3.23 -14.54
C TRP D 295 -27.00 -4.52 -13.79
N HIS D 296 -27.07 -4.49 -12.46
CA HIS D 296 -27.65 -5.61 -11.71
C HIS D 296 -28.91 -5.20 -10.92
N LEU D 297 -29.52 -4.08 -11.29
CA LEU D 297 -30.74 -3.61 -10.64
C LEU D 297 -31.89 -3.45 -11.65
N GLU D 298 -31.94 -4.38 -12.61
CA GLU D 298 -32.94 -4.34 -13.69
C GLU D 298 -34.36 -4.51 -13.15
N LYS D 299 -34.54 -5.55 -12.34
CA LYS D 299 -35.84 -5.88 -11.77
C LYS D 299 -36.36 -4.77 -10.87
N THR D 300 -35.48 -4.26 -10.01
CA THR D 300 -35.80 -3.13 -9.14
C THR D 300 -36.22 -1.89 -9.96
N LYS D 301 -35.53 -1.67 -11.08
CA LYS D 301 -35.84 -0.55 -11.98
C LYS D 301 -37.26 -0.67 -12.54
N LYS D 302 -37.59 -1.85 -13.03
CA LYS D 302 -38.92 -2.10 -13.62
C LYS D 302 -40.05 -1.89 -12.60
N PHE D 303 -39.83 -2.32 -11.36
CA PHE D 303 -40.81 -2.12 -10.28
C PHE D 303 -40.94 -0.65 -9.90
N VAL D 304 -39.80 0.01 -9.70
CA VAL D 304 -39.76 1.43 -9.34
C VAL D 304 -40.43 2.30 -10.41
N GLU D 305 -40.16 2.00 -11.67
CA GLU D 305 -40.78 2.69 -12.79
C GLU D 305 -42.26 2.30 -12.95
N GLY D 306 -42.53 1.00 -12.86
CA GLY D 306 -43.87 0.45 -13.10
C GLY D 306 -44.90 0.72 -12.02
N THR D 307 -44.47 0.75 -10.76
CA THR D 307 -45.38 0.92 -9.63
C THR D 307 -45.28 2.30 -9.01
N TRP D 308 -44.06 2.69 -8.63
CA TRP D 308 -43.83 3.99 -7.97
C TRP D 308 -43.96 5.17 -8.94
N LYS D 309 -43.79 4.91 -10.23
CA LYS D 309 -43.89 5.94 -11.28
C LYS D 309 -42.78 6.98 -11.18
N HIS D 310 -41.60 6.51 -10.78
CA HIS D 310 -40.41 7.33 -10.79
C HIS D 310 -39.72 7.14 -12.13
N GLU D 311 -39.33 8.24 -12.76
CA GLU D 311 -38.58 8.17 -14.02
C GLU D 311 -37.08 8.10 -13.70
N VAL D 312 -36.66 6.87 -13.37
CA VAL D 312 -35.29 6.57 -12.94
C VAL D 312 -34.28 7.09 -13.96
N PRO D 313 -33.37 7.99 -13.53
CA PRO D 313 -32.45 8.57 -14.50
C PRO D 313 -31.47 7.53 -15.03
N LYS D 314 -31.11 7.67 -16.30
CA LYS D 314 -30.10 6.82 -16.91
C LYS D 314 -28.74 7.37 -16.48
N LEU D 315 -28.20 6.79 -15.42
CA LEU D 315 -26.92 7.20 -14.87
C LEU D 315 -26.01 5.99 -14.70
N ASN D 316 -24.77 6.14 -15.13
CA ASN D 316 -23.74 5.14 -14.85
C ASN D 316 -23.40 5.15 -13.38
N ILE D 317 -22.75 4.08 -12.91
CA ILE D 317 -22.21 4.04 -11.55
C ILE D 317 -21.34 5.28 -11.32
N PRO D 318 -21.54 5.99 -10.19
CA PRO D 318 -20.72 7.18 -9.94
C PRO D 318 -19.26 6.84 -9.61
N MET D 319 -18.50 6.52 -10.65
CA MET D 319 -17.09 6.18 -10.53
C MET D 319 -16.26 6.98 -11.53
N GLY D 320 -15.13 7.50 -11.06
CA GLY D 320 -14.26 8.32 -11.89
C GLY D 320 -14.78 9.74 -11.99
N LEU D 321 -14.14 10.52 -12.85
CA LEU D 321 -14.42 11.95 -12.96
C LEU D 321 -15.76 12.25 -13.64
N ASP D 322 -15.91 11.81 -14.89
CA ASP D 322 -17.10 12.12 -15.69
C ASP D 322 -18.41 11.64 -15.03
N TRP D 323 -18.43 10.37 -14.63
CA TRP D 323 -19.65 9.77 -14.09
C TRP D 323 -20.03 10.27 -12.69
N THR D 324 -19.07 10.82 -11.95
CA THR D 324 -19.37 11.49 -10.68
C THR D 324 -19.99 12.87 -10.96
N ASP D 325 -19.45 13.59 -11.95
CA ASP D 325 -20.02 14.88 -12.39
C ASP D 325 -21.48 14.67 -12.79
N GLU D 326 -21.69 13.69 -13.66
CA GLU D 326 -23.02 13.33 -14.14
C GLU D 326 -23.99 13.00 -13.02
N PHE D 327 -23.53 12.18 -12.08
CA PHE D 327 -24.32 11.82 -10.89
C PHE D 327 -24.74 13.07 -10.13
N LEU D 328 -23.78 13.93 -9.83
CA LEU D 328 -24.04 15.13 -9.05
C LEU D 328 -24.94 16.15 -9.77
N MET D 329 -24.73 16.30 -11.07
CA MET D 329 -25.56 17.19 -11.90
C MET D 329 -27.00 16.71 -12.04
N LYS D 330 -27.18 15.39 -12.16
CA LYS D 330 -28.52 14.79 -12.19
C LYS D 330 -29.23 14.99 -10.85
N VAL D 331 -28.54 14.67 -9.76
CA VAL D 331 -29.06 14.88 -8.40
C VAL D 331 -29.48 16.35 -8.20
N SER D 332 -28.66 17.26 -8.69
CA SER D 332 -28.91 18.70 -8.61
C SER D 332 -30.21 19.09 -9.32
N GLU D 333 -30.39 18.55 -10.52
CA GLU D 333 -31.56 18.81 -11.35
C GLU D 333 -32.85 18.35 -10.66
N ILE D 334 -32.81 17.11 -10.17
CA ILE D 334 -33.96 16.48 -9.50
C ILE D 334 -34.32 17.20 -8.20
N SER D 335 -33.30 17.52 -7.41
CA SER D 335 -33.48 18.09 -6.08
C SER D 335 -33.63 19.61 -6.09
N GLY D 336 -33.15 20.25 -7.15
CA GLY D 336 -33.11 21.71 -7.22
C GLY D 336 -32.07 22.35 -6.32
N GLN D 337 -31.16 21.53 -5.79
CA GLN D 337 -30.07 22.01 -4.95
C GLN D 337 -28.84 22.27 -5.81
N PRO D 338 -28.12 23.38 -5.56
CA PRO D 338 -26.89 23.59 -6.30
C PRO D 338 -25.76 22.72 -5.77
N ILE D 339 -24.85 22.33 -6.66
CA ILE D 339 -23.64 21.60 -6.26
C ILE D 339 -22.75 22.58 -5.51
N PRO D 340 -22.48 22.30 -4.22
CA PRO D 340 -21.78 23.28 -3.39
C PRO D 340 -20.32 23.46 -3.77
N ALA D 341 -19.72 24.52 -3.26
CA ALA D 341 -18.33 24.84 -3.52
C ALA D 341 -17.38 23.75 -3.01
N SER D 342 -17.79 23.07 -1.95
CA SER D 342 -16.98 22.00 -1.34
C SER D 342 -16.76 20.83 -2.30
N LEU D 343 -17.81 20.40 -2.98
CA LEU D 343 -17.73 19.32 -3.97
C LEU D 343 -17.00 19.78 -5.24
N THR D 344 -17.15 21.06 -5.60
CA THR D 344 -16.43 21.62 -6.74
C THR D 344 -14.92 21.58 -6.49
N LYS D 345 -14.52 21.99 -5.30
CA LYS D 345 -13.12 21.93 -4.87
C LYS D 345 -12.57 20.50 -4.87
N GLU D 346 -13.33 19.57 -4.26
CA GLU D 346 -12.95 18.16 -4.19
C GLU D 346 -12.70 17.56 -5.59
N ARG D 347 -13.56 17.92 -6.54
CA ARG D 347 -13.39 17.53 -7.94
C ARG D 347 -12.06 18.03 -8.47
N GLY D 348 -11.76 19.29 -8.17
CA GLY D 348 -10.52 19.94 -8.60
C GLY D 348 -9.27 19.36 -7.97
N ARG D 349 -9.40 18.85 -6.74
CA ARG D 349 -8.26 18.22 -6.06
C ARG D 349 -8.00 16.84 -6.66
N LEU D 350 -9.07 16.20 -7.15
CA LEU D 350 -8.95 14.94 -7.87
C LEU D 350 -8.22 15.18 -9.20
N VAL D 351 -8.65 16.21 -9.92
CA VAL D 351 -8.00 16.59 -11.18
C VAL D 351 -6.54 16.98 -10.95
N ASP D 352 -6.29 17.71 -9.86
CA ASP D 352 -4.92 18.06 -9.48
C ASP D 352 -4.06 16.81 -9.31
N MET D 353 -4.59 15.82 -8.59
CA MET D 353 -3.90 14.54 -8.39
C MET D 353 -3.62 13.82 -9.72
N MET D 354 -4.60 13.84 -10.62
CA MET D 354 -4.47 13.25 -11.96
C MET D 354 -3.34 13.87 -12.79
N THR D 355 -3.15 15.18 -12.65
CA THR D 355 -2.09 15.90 -13.38
C THR D 355 -0.71 15.64 -12.75
N ASP D 356 -0.68 15.50 -11.43
CA ASP D 356 0.55 15.18 -10.72
C ASP D 356 1.12 13.81 -11.04
N SER D 357 0.22 12.85 -11.27
CA SER D 357 0.58 11.43 -11.39
C SER D 357 0.50 10.88 -12.81
N HIS D 358 0.08 11.71 -13.77
CA HIS D 358 -0.20 11.25 -15.13
C HIS D 358 0.98 10.61 -15.85
N THR D 359 2.19 11.04 -15.53
CA THR D 359 3.37 10.54 -16.25
C THR D 359 3.69 9.08 -15.90
N TRP D 360 3.45 8.69 -14.65
CA TRP D 360 3.67 7.30 -14.23
C TRP D 360 2.52 6.39 -14.65
N LEU D 361 1.31 6.95 -14.75
CA LEU D 361 0.13 6.19 -15.11
C LEU D 361 0.00 5.97 -16.61
N HIS D 362 0.56 6.88 -17.40
CA HIS D 362 0.28 6.92 -18.83
C HIS D 362 0.67 5.63 -19.54
N GLY D 363 -0.29 5.05 -20.26
CA GLY D 363 -0.08 3.86 -21.07
C GLY D 363 0.03 2.55 -20.32
N LYS D 364 -0.06 2.61 -18.99
CA LYS D 364 0.06 1.41 -18.15
C LYS D 364 -1.09 0.44 -18.43
N ARG D 365 -0.74 -0.84 -18.54
CA ARG D 365 -1.65 -1.86 -19.04
C ARG D 365 -2.18 -2.72 -17.91
N PHE D 366 -3.50 -2.91 -17.87
CA PHE D 366 -4.15 -3.63 -16.78
C PHE D 366 -5.06 -4.76 -17.25
N ALA D 367 -4.97 -5.90 -16.56
CA ALA D 367 -6.03 -6.91 -16.58
C ALA D 367 -6.91 -6.67 -15.35
N LEU D 368 -8.22 -6.65 -15.52
CA LEU D 368 -9.12 -6.45 -14.37
C LEU D 368 -10.41 -7.28 -14.44
N TRP D 369 -11.03 -7.49 -13.27
CA TRP D 369 -12.30 -8.20 -13.17
C TRP D 369 -13.15 -7.77 -11.98
N GLY D 370 -14.36 -8.32 -11.91
CA GLY D 370 -15.32 -8.00 -10.87
C GLY D 370 -16.74 -8.01 -11.43
N ASP D 371 -17.64 -7.31 -10.74
CA ASP D 371 -19.05 -7.22 -11.14
C ASP D 371 -19.23 -6.15 -12.23
N PRO D 372 -20.30 -6.28 -13.05
CA PRO D 372 -20.48 -5.42 -14.23
C PRO D 372 -20.28 -3.92 -14.00
N ASP D 373 -20.95 -3.39 -12.98
CA ASP D 373 -20.93 -1.94 -12.71
C ASP D 373 -19.58 -1.49 -12.19
N PHE D 374 -19.01 -2.26 -11.25
CA PHE D 374 -17.68 -1.97 -10.72
C PHE D 374 -16.65 -1.97 -11.85
N VAL D 375 -16.73 -2.96 -12.74
CA VAL D 375 -15.75 -3.13 -13.80
C VAL D 375 -15.80 -2.01 -14.84
N MET D 376 -17.01 -1.62 -15.27
CA MET D 376 -17.14 -0.54 -16.26
C MET D 376 -16.70 0.82 -15.69
N GLY D 377 -16.98 1.02 -14.41
CA GLY D 377 -16.52 2.22 -13.70
C GLY D 377 -15.01 2.31 -13.63
N LEU D 378 -14.38 1.19 -13.31
CA LEU D 378 -12.92 1.11 -13.25
C LEU D 378 -12.33 1.32 -14.63
N VAL D 379 -12.93 0.65 -15.61
CA VAL D 379 -12.50 0.80 -17.01
C VAL D 379 -12.59 2.26 -17.44
N LYS D 380 -13.72 2.91 -17.13
CA LYS D 380 -13.93 4.32 -17.45
C LYS D 380 -12.87 5.22 -16.80
N PHE D 381 -12.66 5.03 -15.50
CA PHE D 381 -11.67 5.81 -14.77
C PHE D 381 -10.25 5.57 -15.29
N LEU D 382 -9.93 4.31 -15.62
CA LEU D 382 -8.63 3.97 -16.20
C LEU D 382 -8.38 4.75 -17.49
N LEU D 383 -9.37 4.78 -18.37
CA LEU D 383 -9.30 5.58 -19.60
C LEU D 383 -9.06 7.07 -19.30
N GLU D 384 -9.75 7.60 -18.28
CA GLU D 384 -9.59 9.00 -17.85
C GLU D 384 -8.18 9.31 -17.34
N LEU D 385 -7.52 8.30 -16.77
CA LEU D 385 -6.14 8.43 -16.29
C LEU D 385 -5.10 8.22 -17.40
N GLY D 386 -5.56 7.82 -18.59
CA GLY D 386 -4.66 7.53 -19.71
C GLY D 386 -4.05 6.13 -19.62
N CYS D 387 -4.76 5.24 -18.95
CA CYS D 387 -4.34 3.85 -18.80
C CYS D 387 -5.08 2.99 -19.81
N GLU D 388 -4.52 1.81 -20.09
CA GLU D 388 -5.11 0.89 -21.06
C GLU D 388 -5.68 -0.36 -20.38
N PRO D 389 -7.03 -0.46 -20.29
CA PRO D 389 -7.66 -1.66 -19.73
C PRO D 389 -7.66 -2.82 -20.74
N VAL D 390 -6.50 -3.44 -20.90
CA VAL D 390 -6.25 -4.47 -21.91
C VAL D 390 -7.17 -5.70 -21.80
N HIS D 391 -7.26 -6.26 -20.61
CA HIS D 391 -8.14 -7.42 -20.35
C HIS D 391 -9.24 -7.05 -19.37
N ILE D 392 -10.47 -6.99 -19.86
CA ILE D 392 -11.63 -6.68 -19.05
C ILE D 392 -12.49 -7.94 -18.94
N LEU D 393 -12.49 -8.55 -17.76
CA LEU D 393 -13.19 -9.82 -17.53
C LEU D 393 -14.34 -9.63 -16.54
N CYS D 394 -15.55 -10.01 -16.96
CA CYS D 394 -16.72 -10.01 -16.09
C CYS D 394 -17.50 -11.32 -16.27
N HIS D 395 -17.23 -12.28 -15.38
CA HIS D 395 -17.84 -13.62 -15.47
C HIS D 395 -19.37 -13.54 -15.45
N ASN D 396 -19.91 -12.68 -14.59
CA ASN D 396 -21.37 -12.48 -14.48
C ASN D 396 -21.92 -11.31 -15.31
N GLY D 397 -21.20 -10.92 -16.36
CA GLY D 397 -21.66 -9.87 -17.28
C GLY D 397 -22.49 -10.44 -18.41
N ASN D 398 -23.23 -9.57 -19.10
CA ASN D 398 -24.09 -9.99 -20.22
C ASN D 398 -23.73 -9.34 -21.56
N LYS D 399 -24.41 -9.79 -22.61
CA LYS D 399 -24.20 -9.26 -23.96
C LYS D 399 -24.44 -7.74 -24.06
N ARG D 400 -25.52 -7.28 -23.43
CA ARG D 400 -25.87 -5.84 -23.47
C ARG D 400 -24.84 -4.99 -22.72
N TRP D 401 -24.36 -5.50 -21.60
CA TRP D 401 -23.33 -4.83 -20.81
C TRP D 401 -22.00 -4.73 -21.58
N LYS D 402 -21.62 -5.82 -22.20
CA LYS D 402 -20.40 -5.90 -23.02
C LYS D 402 -20.44 -4.86 -24.14
N LYS D 403 -21.59 -4.76 -24.80
CA LYS D 403 -21.87 -3.71 -25.79
C LYS D 403 -21.60 -2.32 -25.23
N ALA D 404 -22.10 -2.06 -24.03
CA ALA D 404 -21.94 -0.77 -23.36
C ALA D 404 -20.48 -0.44 -23.03
N VAL D 405 -19.70 -1.45 -22.66
CA VAL D 405 -18.30 -1.27 -22.33
C VAL D 405 -17.43 -1.14 -23.59
N ASP D 406 -17.74 -1.94 -24.62
CA ASP D 406 -17.06 -1.82 -25.92
C ASP D 406 -17.20 -0.41 -26.49
N ALA D 407 -18.38 0.19 -26.30
CA ALA D 407 -18.66 1.57 -26.72
C ALA D 407 -17.82 2.58 -25.96
N ILE D 408 -17.67 2.36 -24.66
CA ILE D 408 -16.84 3.20 -23.80
C ILE D 408 -15.37 3.13 -24.22
N LEU D 409 -14.90 1.92 -24.52
CA LEU D 409 -13.55 1.70 -25.04
C LEU D 409 -13.35 2.38 -26.39
N ALA D 410 -14.41 2.37 -27.21
CA ALA D 410 -14.38 2.97 -28.55
C ALA D 410 -14.21 4.49 -28.49
N ALA D 411 -14.76 5.11 -27.46
CA ALA D 411 -14.72 6.57 -27.30
C ALA D 411 -13.38 7.12 -26.79
N SER D 412 -12.34 6.27 -26.75
CA SER D 412 -11.03 6.65 -26.23
C SER D 412 -9.92 5.95 -27.02
N PRO D 413 -8.81 6.66 -27.32
CA PRO D 413 -7.66 6.00 -27.92
C PRO D 413 -7.02 4.96 -27.00
N TYR D 414 -7.25 5.10 -25.70
CA TYR D 414 -6.70 4.16 -24.70
C TYR D 414 -7.47 2.85 -24.61
N GLY D 415 -8.60 2.74 -25.32
CA GLY D 415 -9.35 1.49 -25.42
C GLY D 415 -9.04 0.63 -26.66
N LYS D 416 -8.07 1.08 -27.47
CA LYS D 416 -7.76 0.44 -28.76
C LYS D 416 -7.24 -0.99 -28.65
N ASN D 417 -6.56 -1.30 -27.55
CA ASN D 417 -5.96 -2.61 -27.35
C ASN D 417 -6.72 -3.45 -26.31
N ALA D 418 -7.93 -3.00 -25.97
CA ALA D 418 -8.74 -3.60 -24.93
C ALA D 418 -9.74 -4.60 -25.48
N THR D 419 -9.95 -5.69 -24.75
CA THR D 419 -10.97 -6.69 -25.07
C THR D 419 -11.80 -7.00 -23.82
N VAL D 420 -13.12 -7.00 -24.00
CA VAL D 420 -14.06 -7.28 -22.91
C VAL D 420 -14.53 -8.73 -22.99
N TYR D 421 -14.39 -9.46 -21.88
CA TYR D 421 -14.74 -10.88 -21.82
C TYR D 421 -15.90 -11.11 -20.84
N ILE D 422 -17.00 -11.66 -21.36
CA ILE D 422 -18.09 -12.12 -20.52
C ILE D 422 -18.16 -13.65 -20.55
N GLY D 423 -18.64 -14.23 -19.45
CA GLY D 423 -18.77 -15.68 -19.34
C GLY D 423 -17.48 -16.42 -19.03
N LYS D 424 -16.35 -15.69 -18.97
CA LYS D 424 -15.04 -16.28 -18.72
C LYS D 424 -14.66 -16.15 -17.25
N ASP D 425 -13.72 -16.98 -16.82
CA ASP D 425 -13.29 -17.06 -15.42
C ASP D 425 -11.79 -16.75 -15.29
N LEU D 426 -11.29 -16.83 -14.06
CA LEU D 426 -9.92 -16.43 -13.76
C LEU D 426 -8.85 -17.39 -14.29
N TRP D 427 -9.26 -18.58 -14.71
CA TRP D 427 -8.35 -19.50 -15.38
C TRP D 427 -8.14 -19.11 -16.85
N HIS D 428 -9.20 -18.54 -17.45
CA HIS D 428 -9.09 -17.89 -18.75
C HIS D 428 -8.16 -16.69 -18.63
N LEU D 429 -8.39 -15.87 -17.59
CA LEU D 429 -7.62 -14.66 -17.34
C LEU D 429 -6.14 -14.96 -17.10
N ARG D 430 -5.88 -16.06 -16.41
CA ARG D 430 -4.52 -16.60 -16.25
C ARG D 430 -3.80 -16.68 -17.60
N SER D 431 -4.46 -17.28 -18.59
CA SER D 431 -3.89 -17.39 -19.95
C SER D 431 -3.58 -16.03 -20.58
N LEU D 432 -4.55 -15.12 -20.51
CA LEU D 432 -4.42 -13.79 -21.12
C LEU D 432 -3.24 -13.00 -20.58
N VAL D 433 -3.01 -13.06 -19.27
CA VAL D 433 -1.90 -12.32 -18.65
C VAL D 433 -0.53 -12.94 -18.91
N PHE D 434 -0.51 -14.17 -19.42
CA PHE D 434 0.72 -14.79 -19.91
C PHE D 434 1.00 -14.40 -21.36
N THR D 435 -0.02 -14.54 -22.20
CA THR D 435 0.15 -14.41 -23.65
C THR D 435 0.14 -12.96 -24.11
N ASP D 436 -0.66 -12.13 -23.44
CA ASP D 436 -0.71 -10.70 -23.71
C ASP D 436 -0.50 -9.98 -22.37
N LYS D 437 0.73 -10.10 -21.87
CA LYS D 437 1.11 -9.68 -20.52
C LYS D 437 0.84 -8.20 -20.26
N PRO D 438 0.02 -7.89 -19.24
CA PRO D 438 -0.15 -6.51 -18.83
C PRO D 438 0.88 -6.14 -17.77
N ASP D 439 0.81 -4.91 -17.28
CA ASP D 439 1.68 -4.45 -16.23
C ASP D 439 1.17 -4.92 -14.87
N PHE D 440 -0.13 -4.79 -14.65
CA PHE D 440 -0.76 -5.16 -13.38
C PHE D 440 -2.12 -5.82 -13.57
N MET D 441 -2.57 -6.49 -12.51
CA MET D 441 -3.95 -6.93 -12.38
C MET D 441 -4.64 -6.06 -11.34
N ILE D 442 -5.88 -5.67 -11.63
CA ILE D 442 -6.74 -5.06 -10.62
C ILE D 442 -7.89 -6.02 -10.38
N GLY D 443 -7.92 -6.63 -9.21
CA GLY D 443 -8.97 -7.58 -8.89
C GLY D 443 -8.97 -8.03 -7.45
N ASN D 444 -9.73 -9.08 -7.18
CA ASN D 444 -9.86 -9.62 -5.82
C ASN D 444 -8.75 -10.62 -5.49
N SER D 445 -8.80 -11.15 -4.26
CA SER D 445 -7.74 -11.99 -3.69
C SER D 445 -7.42 -13.29 -4.44
N TYR D 446 -8.39 -13.81 -5.17
CA TYR D 446 -8.18 -15.01 -6.01
C TYR D 446 -7.12 -14.77 -7.08
N GLY D 447 -6.93 -13.49 -7.45
CA GLY D 447 -5.85 -13.07 -8.34
C GLY D 447 -4.44 -13.35 -7.84
N LYS D 448 -4.27 -13.54 -6.53
CA LYS D 448 -2.94 -13.80 -5.96
C LYS D 448 -2.30 -15.08 -6.52
N PHE D 449 -3.14 -16.04 -6.89
CA PHE D 449 -2.67 -17.30 -7.48
C PHE D 449 -2.22 -17.13 -8.93
N ILE D 450 -2.75 -16.10 -9.59
CA ILE D 450 -2.31 -15.75 -10.95
C ILE D 450 -0.94 -15.07 -10.91
N GLN D 451 -0.75 -14.14 -9.97
CA GLN D 451 0.56 -13.52 -9.80
C GLN D 451 1.64 -14.57 -9.47
N ARG D 452 1.30 -15.51 -8.59
CA ARG D 452 2.19 -16.61 -8.22
C ARG D 452 2.63 -17.43 -9.45
N ASP D 453 1.69 -17.71 -10.35
CA ASP D 453 1.97 -18.44 -11.58
C ASP D 453 2.89 -17.67 -12.51
N THR D 454 2.60 -16.39 -12.67
CA THR D 454 3.42 -15.51 -13.51
C THR D 454 4.86 -15.43 -13.01
N LEU D 455 5.03 -15.23 -11.71
CA LEU D 455 6.36 -15.23 -11.09
C LEU D 455 7.13 -16.51 -11.38
N HIS D 456 6.43 -17.64 -11.35
CA HIS D 456 7.07 -18.94 -11.60
C HIS D 456 7.65 -19.05 -13.01
N LYS D 457 6.97 -18.45 -14.00
CA LYS D 457 7.51 -18.34 -15.36
C LYS D 457 8.78 -17.50 -15.36
N GLY D 458 8.79 -16.46 -14.53
CA GLY D 458 9.96 -15.60 -14.34
C GLY D 458 9.58 -14.25 -13.78
N LYS D 459 10.53 -13.61 -13.09
CA LYS D 459 10.31 -12.31 -12.47
C LYS D 459 9.90 -11.25 -13.49
N GLU D 460 10.51 -11.29 -14.68
CA GLU D 460 10.15 -10.37 -15.77
C GLU D 460 8.74 -10.63 -16.30
N PHE D 461 8.18 -11.80 -16.01
CA PHE D 461 6.81 -12.15 -16.42
C PHE D 461 5.77 -11.97 -15.31
N GLU D 462 6.24 -11.68 -14.09
CA GLU D 462 5.34 -11.51 -12.95
C GLU D 462 4.41 -10.31 -13.15
N VAL D 463 3.12 -10.55 -12.97
CA VAL D 463 2.10 -9.51 -13.07
C VAL D 463 1.51 -9.30 -11.67
N PRO D 464 1.95 -8.23 -10.97
CA PRO D 464 1.45 -7.98 -9.61
C PRO D 464 -0.05 -7.65 -9.50
N LEU D 465 -0.67 -8.15 -8.43
CA LEU D 465 -2.08 -7.92 -8.15
C LEU D 465 -2.29 -6.62 -7.39
N ILE D 466 -3.29 -5.85 -7.82
CA ILE D 466 -3.76 -4.66 -7.10
C ILE D 466 -5.16 -4.99 -6.58
N ARG D 467 -5.28 -5.12 -5.28
CA ARG D 467 -6.50 -5.65 -4.66
C ARG D 467 -7.60 -4.59 -4.57
N ILE D 468 -8.49 -4.61 -5.55
CA ILE D 468 -9.72 -3.83 -5.50
C ILE D 468 -10.86 -4.74 -5.94
N GLY D 469 -11.86 -4.88 -5.07
CA GLY D 469 -13.04 -5.69 -5.37
C GLY D 469 -13.53 -6.50 -4.18
N PHE D 470 -14.13 -7.65 -4.51
CA PHE D 470 -14.70 -8.54 -3.52
C PHE D 470 -14.56 -9.98 -4.01
N PRO D 471 -14.14 -10.91 -3.12
CA PRO D 471 -13.66 -10.71 -1.75
C PRO D 471 -12.16 -10.39 -1.66
N ILE D 472 -11.80 -9.59 -0.67
CA ILE D 472 -10.40 -9.43 -0.29
C ILE D 472 -10.19 -10.06 1.08
N PHE D 473 -9.55 -11.22 1.08
CA PHE D 473 -9.37 -12.04 2.29
C PHE D 473 -7.94 -11.99 2.86
N ASP D 474 -6.97 -11.63 2.03
CA ASP D 474 -5.56 -11.72 2.43
C ASP D 474 -4.94 -10.36 2.77
N ARG D 475 -5.77 -9.34 2.87
CA ARG D 475 -5.37 -8.06 3.43
C ARG D 475 -6.42 -7.63 4.44
N HIS D 476 -6.02 -6.79 5.39
CA HIS D 476 -6.89 -6.31 6.46
C HIS D 476 -7.46 -4.91 6.23
N HIS D 477 -8.78 -4.80 6.41
CA HIS D 477 -9.50 -3.51 6.51
C HIS D 477 -9.59 -2.70 5.22
N LEU D 478 -9.37 -3.35 4.08
CA LEU D 478 -9.56 -2.71 2.78
C LEU D 478 -11.04 -2.51 2.46
N HIS D 479 -11.90 -3.22 3.18
CA HIS D 479 -13.35 -3.02 3.06
C HIS D 479 -13.83 -1.66 3.58
N ARG D 480 -12.97 -0.94 4.30
CA ARG D 480 -13.28 0.41 4.78
C ARG D 480 -13.09 1.45 3.68
N SER D 481 -12.52 1.02 2.55
CA SER D 481 -12.12 1.91 1.47
C SER D 481 -13.29 2.45 0.66
N THR D 482 -12.97 3.39 -0.24
CA THR D 482 -13.94 4.02 -1.11
C THR D 482 -13.51 3.90 -2.58
N THR D 483 -14.45 3.52 -3.44
CA THR D 483 -14.23 3.49 -4.90
C THR D 483 -15.17 4.41 -5.69
N LEU D 484 -16.22 4.92 -5.03
CA LEU D 484 -17.18 5.83 -5.68
C LEU D 484 -16.82 7.29 -5.44
N GLY D 485 -17.32 8.15 -6.31
CA GLY D 485 -17.15 9.60 -6.18
C GLY D 485 -15.72 10.07 -6.42
N TYR D 486 -15.49 11.35 -6.13
CA TYR D 486 -14.16 11.93 -6.25
C TYR D 486 -13.23 11.30 -5.22
N GLU D 487 -13.73 11.13 -4.01
CA GLU D 487 -13.00 10.46 -2.92
C GLU D 487 -12.49 9.09 -3.34
N GLY D 488 -13.37 8.29 -3.94
CA GLY D 488 -13.03 6.95 -4.40
C GLY D 488 -12.05 6.96 -5.56
N ALA D 489 -12.24 7.89 -6.49
CA ALA D 489 -11.31 8.09 -7.59
C ALA D 489 -9.91 8.42 -7.07
N MET D 490 -9.87 9.30 -6.07
CA MET D 490 -8.62 9.69 -5.41
C MET D 490 -7.91 8.49 -4.77
N GLN D 491 -8.68 7.62 -4.11
CA GLN D 491 -8.11 6.43 -3.48
C GLN D 491 -7.55 5.45 -4.51
N ILE D 492 -8.26 5.27 -5.62
CA ILE D 492 -7.82 4.39 -6.71
C ILE D 492 -6.60 4.96 -7.42
N LEU D 493 -6.65 6.25 -7.76
CA LEU D 493 -5.51 6.99 -8.30
C LEU D 493 -4.25 6.66 -7.50
N THR D 494 -4.35 6.87 -6.18
CA THR D 494 -3.22 6.69 -5.27
C THR D 494 -2.70 5.25 -5.20
N THR D 495 -3.61 4.29 -5.14
CA THR D 495 -3.24 2.87 -5.14
C THR D 495 -2.53 2.48 -6.43
N LEU D 496 -3.11 2.87 -7.57
CA LEU D 496 -2.55 2.55 -8.89
C LEU D 496 -1.13 3.08 -9.08
N VAL D 497 -0.93 4.37 -8.80
CA VAL D 497 0.36 5.02 -9.03
C VAL D 497 1.43 4.46 -8.10
N ASN D 498 1.09 4.28 -6.84
CA ASN D 498 2.03 3.76 -5.86
C ASN D 498 2.32 2.28 -6.06
N SER D 499 1.38 1.54 -6.63
CA SER D 499 1.65 0.15 -7.02
C SER D 499 2.73 0.12 -8.11
N ILE D 500 2.59 1.02 -9.08
CA ILE D 500 3.59 1.20 -10.14
C ILE D 500 4.96 1.61 -9.60
N LEU D 501 4.97 2.52 -8.62
CA LEU D 501 6.22 3.04 -8.06
C LEU D 501 6.94 2.05 -7.13
N GLU D 502 6.16 1.25 -6.41
CA GLU D 502 6.74 0.18 -5.56
C GLU D 502 7.39 -0.89 -6.44
N ARG D 503 6.70 -1.22 -7.53
CA ARG D 503 7.22 -2.17 -8.53
C ARG D 503 8.53 -1.66 -9.16
N LEU D 504 8.56 -0.38 -9.54
CA LEU D 504 9.79 0.22 -10.07
C LEU D 504 10.93 0.13 -9.06
N ASP D 505 10.63 0.48 -7.80
CA ASP D 505 11.62 0.41 -6.72
C ASP D 505 12.19 -0.99 -6.51
N GLU D 506 11.33 -2.00 -6.59
CA GLU D 506 11.80 -3.40 -6.50
C GLU D 506 12.75 -3.72 -7.65
N GLU D 507 12.33 -3.40 -8.86
CA GLU D 507 13.11 -3.67 -10.07
C GLU D 507 14.42 -2.89 -10.14
N THR D 508 14.50 -1.74 -9.44
CA THR D 508 15.71 -0.92 -9.42
C THR D 508 16.44 -0.93 -8.06
N ARG D 509 16.27 -1.98 -7.26
CA ARG D 509 16.89 -2.04 -5.93
C ARG D 509 18.23 -2.79 -5.92
N GLY D 510 18.62 -3.33 -7.08
CA GLY D 510 19.86 -4.10 -7.20
C GLY D 510 21.11 -3.24 -7.17
N MET D 511 21.93 -3.46 -6.14
CA MET D 511 23.18 -2.70 -5.94
C MET D 511 24.12 -2.86 -7.14
N GLN D 512 24.48 -1.72 -7.74
CA GLN D 512 25.41 -1.64 -8.88
C GLN D 512 24.87 -2.22 -10.19
N ALA D 513 23.65 -2.76 -10.16
CA ALA D 513 23.07 -3.45 -11.32
C ALA D 513 21.94 -2.62 -11.93
N THR D 514 20.93 -2.29 -11.12
CA THR D 514 19.79 -1.48 -11.56
C THR D 514 19.48 -0.26 -10.68
N ASP D 515 20.24 -0.08 -9.59
CA ASP D 515 19.94 1.02 -8.66
C ASP D 515 20.39 2.41 -9.15
N TYR D 516 21.01 2.49 -10.32
CA TYR D 516 21.25 3.77 -10.98
C TYR D 516 19.92 4.54 -11.17
N ASN D 517 18.84 3.80 -11.39
CA ASN D 517 17.49 4.37 -11.52
C ASN D 517 16.67 4.35 -10.21
N HIS D 518 17.32 4.16 -9.08
CA HIS D 518 16.61 4.07 -7.78
C HIS D 518 16.41 5.46 -7.16
N ASP D 519 15.64 6.28 -7.86
CA ASP D 519 15.51 7.71 -7.52
C ASP D 519 14.88 7.92 -6.16
N LEU D 520 15.44 8.84 -5.40
CA LEU D 520 14.80 9.34 -4.19
C LEU D 520 13.50 10.07 -4.52
N VAL D 521 13.54 10.91 -5.54
CA VAL D 521 12.39 11.72 -5.94
C VAL D 521 11.76 11.16 -7.22
N ARG D 522 10.48 10.84 -7.14
CA ARG D 522 9.71 10.37 -8.29
C ARG D 522 8.39 11.14 -8.37
#